data_8WO4
#
_entry.id   8WO4
#
loop_
_entity.id
_entity.type
_entity.pdbx_description
1 polymer VL
2 polymer VH
3 polymer 'Non-structural protein 1'
4 polymer 'Anti-fab nanobody'
5 non-polymer 2-acetamido-2-deoxy-beta-D-glucopyranose
#
loop_
_entity_poly.entity_id
_entity_poly.type
_entity_poly.pdbx_seq_one_letter_code
_entity_poly.pdbx_strand_id
1 'polypeptide(L)'
;SDIQMTQSPFSLSASVGDRVTITCRASQSISSHLNWYQQKPGKAPKFLIYAASSLQSGVPSRFSGSGSGTDFTLTISSLQ
PEDFATYYCQQSYSTPYTFGQGTKVEIKRTVAAPSVFIFPPSDEQLKSGTASVVCLLNNFYPREAKVQWKVDNALQSGNS
QESVTEQDSKDSTYSLSSTLTLSKADYEKHKVYACEVTHQGLSSPVTKSFNRGEC
;
A,C
2 'polypeptide(L)'
;SEVQLVESGGGLIQPGGSLRLSCAASGFTVSSNYMSWVRQAPGKGLEWVSVIYSGGSTYYADSVKGRFTISRDNSKNTLY
LQMNSLRAEDTAVYYCARWGGKRGGAFDIWGQGTMVTVSSASTKGPSVFPLAPSSKSTSGGTAALGCLVKDYFPEPVTVS
WNSGALTSGVHTFPAVLQSSGLYSLSSVVTVPSSSLGTQTYICNVNHKPSNTKVDKKVEPKSCDKTHT
;
B,D
3 'polypeptide(L)'
;DVGCSVDFSKKETRCGTGVFIYNDVEAWRDRYKYHPDSPRRLAAAVKQAWEEGICGISSVSRMENIMWKSVEGELNAILE
ENGVQLTVVVGSVKNPMWRGPQRLPVPVNELPHGWKAWGKSYFVRAAKTNNSFVVDGDTLKECPLEHRAWNSFLVEDHGF
GVFHTSVWLKVREDYSLECDPAVIGTAVKGREAAHSDLGYWIESEKNDTWRLKRAHLIEMKTCEWPKSHTLWTDGVEESD
LIIPKSLAGPLSHHNTREGYRTQVKGPWHSEELEIRFEECPGTKVYVEETCGTRGPSLRSTTASGRVIEEWCCRECTMPP
LSFRAKDGCWYGMEIRPRKEPESNLVRSMVTAGTKHHHHHH
;
E,F
4 'polypeptide(L)'
;HHHHHHGENLYFQGSQVQLQESGGGLVQPGGSLRLSCAASGRTISRYAMSWFRQAPGKEREFVAVARRSGDGAFYADSVQ
GRFTVSRDDAKNTVYLQMNSLKPEDTAVYYCAIDSDTFYSGSYDYWGQGTQVTVSS
;
G,H
#
loop_
_chem_comp.id
_chem_comp.type
_chem_comp.name
_chem_comp.formula
NAG D-saccharide, beta linking 2-acetamido-2-deoxy-beta-D-glucopyranose 'C8 H15 N O6'
#
# COMPACT_ATOMS: atom_id res chain seq x y z
N SER A 1 -11.44 0.94 -16.51
CA SER A 1 -12.32 1.08 -15.31
C SER A 1 -12.93 -0.27 -14.94
N ASP A 2 -13.32 -0.40 -13.68
CA ASP A 2 -13.95 -1.63 -13.22
C ASP A 2 -15.38 -1.74 -13.74
N ILE A 3 -15.91 -2.96 -13.71
CA ILE A 3 -17.27 -3.23 -14.14
C ILE A 3 -18.18 -3.19 -12.93
N GLN A 4 -19.25 -2.39 -13.02
CA GLN A 4 -20.18 -2.19 -11.93
C GLN A 4 -21.42 -3.04 -12.15
N MET A 5 -21.89 -3.70 -11.09
CA MET A 5 -23.06 -4.56 -11.14
C MET A 5 -24.10 -4.05 -10.15
N THR A 6 -25.25 -3.64 -10.68
CA THR A 6 -26.32 -3.04 -9.88
C THR A 6 -27.49 -4.03 -9.81
N GLN A 7 -27.75 -4.56 -8.62
CA GLN A 7 -28.89 -5.43 -8.39
C GLN A 7 -30.11 -4.61 -7.99
N SER A 8 -31.30 -5.15 -8.31
CA SER A 8 -32.54 -4.54 -7.91
C SER A 8 -33.63 -5.61 -7.86
N PRO A 9 -34.58 -5.52 -6.92
CA PRO A 9 -34.73 -4.51 -5.86
C PRO A 9 -33.78 -4.74 -4.70
N PHE A 10 -33.69 -3.80 -3.74
CA PHE A 10 -32.91 -4.07 -2.53
C PHE A 10 -33.47 -5.28 -1.78
N SER A 11 -34.79 -5.35 -1.67
CA SER A 11 -35.44 -6.51 -1.06
C SER A 11 -36.88 -6.57 -1.54
N LEU A 12 -37.42 -7.79 -1.60
CA LEU A 12 -38.80 -7.99 -1.99
C LEU A 12 -39.46 -8.98 -1.04
N SER A 13 -40.78 -8.89 -0.96
CA SER A 13 -41.60 -9.71 -0.07
C SER A 13 -42.52 -10.59 -0.89
N ALA A 14 -42.56 -11.89 -0.57
CA ALA A 14 -43.34 -12.85 -1.32
C ALA A 14 -43.71 -14.02 -0.42
N SER A 15 -44.69 -14.80 -0.87
CA SER A 15 -45.17 -15.97 -0.13
C SER A 15 -44.70 -17.25 -0.82
N VAL A 16 -45.12 -18.38 -0.27
CA VAL A 16 -44.81 -19.68 -0.87
C VAL A 16 -45.69 -19.88 -2.10
N GLY A 17 -45.05 -20.13 -3.25
CA GLY A 17 -45.77 -20.43 -4.47
C GLY A 17 -45.80 -19.32 -5.50
N ASP A 18 -45.29 -18.15 -5.18
CA ASP A 18 -45.33 -17.02 -6.10
C ASP A 18 -44.13 -17.06 -7.05
N ARG A 19 -44.12 -16.13 -7.99
CA ARG A 19 -43.01 -15.96 -8.92
C ARG A 19 -42.20 -14.72 -8.52
N VAL A 20 -40.88 -14.88 -8.40
CA VAL A 20 -39.99 -13.82 -7.97
C VAL A 20 -39.05 -13.50 -9.13
N THR A 21 -38.84 -12.21 -9.37
CA THR A 21 -37.99 -11.74 -10.46
C THR A 21 -36.88 -10.87 -9.90
N ILE A 22 -35.63 -11.25 -10.18
CA ILE A 22 -34.44 -10.52 -9.74
C ILE A 22 -33.66 -10.13 -10.99
N THR A 23 -33.27 -8.86 -11.07
CA THR A 23 -32.54 -8.34 -12.21
C THR A 23 -31.13 -7.93 -11.79
N CYS A 24 -30.18 -8.14 -12.69
CA CYS A 24 -28.80 -7.73 -12.50
C CYS A 24 -28.33 -7.01 -13.76
N ARG A 25 -27.73 -5.83 -13.60
CA ARG A 25 -27.31 -5.01 -14.71
C ARG A 25 -25.81 -4.74 -14.63
N ALA A 26 -25.15 -4.74 -15.79
CA ALA A 26 -23.72 -4.48 -15.88
C ALA A 26 -23.49 -3.18 -16.64
N SER A 27 -22.43 -2.46 -16.26
CA SER A 27 -22.14 -1.16 -16.85
C SER A 27 -21.54 -1.25 -18.25
N GLN A 28 -21.11 -2.44 -18.67
CA GLN A 28 -20.55 -2.61 -20.01
C GLN A 28 -20.82 -4.03 -20.47
N SER A 29 -20.78 -4.22 -21.79
CA SER A 29 -20.97 -5.55 -22.35
C SER A 29 -19.89 -6.48 -21.84
N ILE A 30 -20.30 -7.65 -21.35
CA ILE A 30 -19.37 -8.60 -20.74
C ILE A 30 -19.56 -9.97 -21.37
N SER A 31 -20.04 -9.99 -22.62
CA SER A 31 -20.38 -11.23 -23.31
C SER A 31 -21.47 -11.92 -22.49
N SER A 32 -21.26 -13.13 -21.97
CA SER A 32 -22.22 -13.79 -21.12
C SER A 32 -21.54 -14.40 -19.90
N HIS A 33 -20.45 -13.79 -19.43
CA HIS A 33 -19.74 -14.24 -18.24
C HIS A 33 -20.42 -13.64 -17.00
N LEU A 34 -21.52 -14.27 -16.61
CA LEU A 34 -22.30 -13.86 -15.45
C LEU A 34 -22.62 -15.07 -14.59
N ASN A 35 -22.66 -14.85 -13.27
CA ASN A 35 -22.89 -15.91 -12.31
C ASN A 35 -23.84 -15.42 -11.24
N TRP A 36 -24.52 -16.36 -10.58
CA TRP A 36 -25.45 -16.08 -9.50
C TRP A 36 -25.07 -16.89 -8.28
N TYR A 37 -25.07 -16.25 -7.12
CA TYR A 37 -24.75 -16.92 -5.86
C TYR A 37 -25.83 -16.64 -4.83
N GLN A 38 -26.06 -17.63 -3.96
CA GLN A 38 -27.05 -17.53 -2.89
C GLN A 38 -26.33 -17.70 -1.56
N GLN A 39 -26.55 -16.76 -0.64
CA GLN A 39 -25.88 -16.75 0.65
C GLN A 39 -26.91 -16.66 1.77
N LYS A 40 -26.83 -17.60 2.71
CA LYS A 40 -27.63 -17.56 3.92
C LYS A 40 -26.85 -16.89 5.05
N PRO A 41 -27.54 -16.40 6.08
CA PRO A 41 -26.82 -15.77 7.20
C PRO A 41 -25.81 -16.71 7.82
N GLY A 42 -24.62 -16.17 8.08
CA GLY A 42 -23.56 -16.95 8.71
C GLY A 42 -23.05 -18.11 7.90
N LYS A 43 -22.96 -17.96 6.57
CA LYS A 43 -22.51 -19.03 5.71
C LYS A 43 -21.84 -18.44 4.47
N ALA A 44 -21.02 -19.27 3.82
CA ALA A 44 -20.36 -18.87 2.58
C ALA A 44 -21.34 -18.94 1.41
N PRO A 45 -21.12 -18.14 0.37
CA PRO A 45 -22.03 -18.17 -0.78
C PRO A 45 -22.11 -19.56 -1.41
N LYS A 46 -23.13 -19.74 -2.25
CA LYS A 46 -23.35 -20.97 -2.98
C LYS A 46 -23.52 -20.67 -4.46
N PHE A 47 -23.17 -21.65 -5.30
CA PHE A 47 -23.07 -21.45 -6.74
C PHE A 47 -24.30 -22.05 -7.43
N LEU A 48 -25.00 -21.22 -8.21
CA LEU A 48 -26.25 -21.62 -8.84
C LEU A 48 -26.18 -21.62 -10.37
N ILE A 49 -25.84 -20.51 -11.00
CA ILE A 49 -25.97 -20.33 -12.44
C ILE A 49 -24.68 -19.79 -13.01
N TYR A 50 -24.30 -20.28 -14.19
CA TYR A 50 -23.17 -19.77 -14.95
C TYR A 50 -23.58 -19.56 -16.40
N ALA A 51 -22.85 -18.69 -17.08
CA ALA A 51 -23.05 -18.38 -18.50
C ALA A 51 -24.38 -17.70 -18.78
N ALA A 52 -25.12 -17.31 -17.74
CA ALA A 52 -26.35 -16.55 -17.79
C ALA A 52 -27.54 -17.39 -18.25
N SER A 53 -27.34 -18.66 -18.60
CA SER A 53 -28.46 -19.54 -18.93
C SER A 53 -28.24 -20.99 -18.53
N SER A 54 -27.10 -21.35 -17.96
CA SER A 54 -26.76 -22.73 -17.65
C SER A 54 -26.91 -22.99 -16.16
N LEU A 55 -27.33 -24.21 -15.81
CA LEU A 55 -27.55 -24.61 -14.43
C LEU A 55 -26.45 -25.57 -13.99
N GLN A 56 -25.92 -25.33 -12.80
CA GLN A 56 -24.91 -26.23 -12.24
C GLN A 56 -25.55 -27.55 -11.82
N SER A 57 -24.72 -28.58 -11.74
CA SER A 57 -25.19 -29.88 -11.28
C SER A 57 -25.74 -29.78 -9.87
N GLY A 58 -26.93 -30.34 -9.66
CA GLY A 58 -27.56 -30.36 -8.37
C GLY A 58 -28.49 -29.20 -8.07
N VAL A 59 -28.48 -28.16 -8.89
CA VAL A 59 -29.38 -27.03 -8.66
C VAL A 59 -30.81 -27.45 -9.01
N PRO A 60 -31.80 -27.18 -8.15
CA PRO A 60 -33.18 -27.56 -8.48
C PRO A 60 -33.65 -26.89 -9.76
N SER A 61 -34.57 -27.56 -10.45
CA SER A 61 -35.06 -27.10 -11.75
C SER A 61 -35.88 -25.83 -11.66
N ARG A 62 -36.22 -25.37 -10.46
CA ARG A 62 -37.02 -24.15 -10.32
C ARG A 62 -36.27 -22.94 -10.89
N PHE A 63 -34.97 -22.83 -10.62
CA PHE A 63 -34.20 -21.66 -11.00
C PHE A 63 -33.94 -21.65 -12.50
N SER A 64 -34.01 -20.46 -13.09
CA SER A 64 -33.69 -20.29 -14.50
C SER A 64 -33.28 -18.85 -14.75
N GLY A 65 -32.19 -18.67 -15.50
CA GLY A 65 -31.71 -17.36 -15.82
C GLY A 65 -31.77 -17.07 -17.30
N SER A 66 -31.80 -15.79 -17.68
CA SER A 66 -31.91 -15.42 -19.08
C SER A 66 -31.30 -14.02 -19.24
N GLY A 67 -31.27 -13.57 -20.48
CA GLY A 67 -30.73 -12.28 -20.84
C GLY A 67 -29.39 -12.40 -21.55
N SER A 68 -29.02 -11.30 -22.22
CA SER A 68 -27.75 -11.24 -22.91
C SER A 68 -27.29 -9.79 -22.95
N GLY A 69 -25.97 -9.61 -22.94
CA GLY A 69 -25.38 -8.29 -22.93
C GLY A 69 -25.23 -7.73 -21.52
N THR A 70 -26.06 -6.75 -21.18
CA THR A 70 -26.01 -6.11 -19.87
C THR A 70 -27.15 -6.51 -18.96
N ASP A 71 -28.36 -6.68 -19.47
CA ASP A 71 -29.54 -6.94 -18.66
C ASP A 71 -29.71 -8.44 -18.48
N PHE A 72 -29.69 -8.89 -17.23
CA PHE A 72 -29.85 -10.30 -16.90
C PHE A 72 -30.90 -10.43 -15.80
N THR A 73 -31.56 -11.60 -15.79
CA THR A 73 -32.66 -11.85 -14.88
C THR A 73 -32.52 -13.22 -14.25
N LEU A 74 -33.03 -13.34 -13.02
CA LEU A 74 -33.15 -14.60 -12.32
C LEU A 74 -34.60 -14.78 -11.89
N THR A 75 -35.12 -16.00 -12.06
CA THR A 75 -36.53 -16.28 -11.77
C THR A 75 -36.65 -17.61 -11.04
N ILE A 76 -37.64 -17.67 -10.15
CA ILE A 76 -37.97 -18.88 -9.41
C ILE A 76 -39.43 -19.21 -9.70
N SER A 77 -39.69 -20.44 -10.15
CA SER A 77 -41.04 -20.82 -10.54
C SER A 77 -41.96 -20.92 -9.33
N SER A 78 -41.52 -21.61 -8.28
CA SER A 78 -42.37 -21.87 -7.11
C SER A 78 -41.53 -21.67 -5.85
N LEU A 79 -41.71 -20.52 -5.21
CA LEU A 79 -40.97 -20.20 -4.00
C LEU A 79 -41.24 -21.26 -2.93
N GLN A 80 -40.17 -21.75 -2.30
CA GLN A 80 -40.25 -22.73 -1.25
C GLN A 80 -39.82 -22.12 0.08
N PRO A 81 -40.21 -22.72 1.22
CA PRO A 81 -39.84 -22.13 2.51
C PRO A 81 -38.33 -22.02 2.72
N GLU A 82 -37.55 -22.85 2.03
CA GLU A 82 -36.09 -22.89 2.20
C GLU A 82 -35.35 -21.99 1.23
N ASP A 83 -36.03 -21.07 0.56
CA ASP A 83 -35.38 -20.16 -0.39
C ASP A 83 -35.17 -18.76 0.19
N PHE A 84 -35.23 -18.62 1.51
CA PHE A 84 -35.03 -17.33 2.17
C PHE A 84 -33.52 -17.09 2.32
N ALA A 85 -32.99 -16.15 1.54
CA ALA A 85 -31.56 -15.84 1.55
C ALA A 85 -31.28 -14.62 0.68
N THR A 86 -30.01 -14.27 0.53
CA THR A 86 -29.59 -13.15 -0.31
C THR A 86 -28.94 -13.66 -1.58
N TYR A 87 -29.09 -12.89 -2.66
CA TYR A 87 -28.64 -13.29 -3.99
C TYR A 87 -27.67 -12.26 -4.55
N TYR A 88 -26.49 -12.71 -4.98
CA TYR A 88 -25.46 -11.87 -5.56
C TYR A 88 -25.23 -12.28 -7.02
N CYS A 89 -24.98 -11.30 -7.87
CA CYS A 89 -24.60 -11.55 -9.27
C CYS A 89 -23.18 -11.05 -9.51
N GLN A 90 -22.36 -11.89 -10.13
CA GLN A 90 -20.94 -11.64 -10.33
C GLN A 90 -20.59 -11.75 -11.80
N GLN A 91 -19.59 -10.97 -12.23
CA GLN A 91 -19.08 -10.99 -13.59
C GLN A 91 -17.62 -11.45 -13.58
N SER A 92 -17.27 -12.31 -14.54
CA SER A 92 -15.95 -12.92 -14.60
C SER A 92 -15.23 -12.64 -15.92
N TYR A 93 -15.58 -11.53 -16.57
CA TYR A 93 -14.96 -11.20 -17.86
C TYR A 93 -13.48 -10.85 -17.69
N SER A 94 -13.17 -9.96 -16.75
CA SER A 94 -11.79 -9.50 -16.58
C SER A 94 -11.59 -8.99 -15.17
N THR A 95 -10.32 -8.85 -14.79
CA THR A 95 -9.99 -8.36 -13.46
C THR A 95 -10.17 -6.85 -13.39
N PRO A 96 -10.58 -6.32 -12.23
CA PRO A 96 -10.93 -7.02 -10.99
C PRO A 96 -12.31 -7.66 -11.06
N TYR A 97 -12.50 -8.79 -10.39
CA TYR A 97 -13.78 -9.52 -10.43
C TYR A 97 -14.72 -8.90 -9.41
N THR A 98 -15.72 -8.19 -9.90
CA THR A 98 -16.65 -7.48 -9.03
C THR A 98 -17.90 -8.31 -8.74
N PHE A 99 -18.50 -8.04 -7.58
CA PHE A 99 -19.75 -8.65 -7.16
C PHE A 99 -20.88 -7.63 -7.24
N GLY A 100 -22.11 -8.12 -7.01
CA GLY A 100 -23.26 -7.25 -6.87
C GLY A 100 -23.53 -6.90 -5.41
N GLN A 101 -24.40 -5.91 -5.23
CA GLN A 101 -24.71 -5.43 -3.88
C GLN A 101 -25.54 -6.43 -3.10
N GLY A 102 -26.39 -7.20 -3.76
CA GLY A 102 -27.17 -8.22 -3.10
C GLY A 102 -28.61 -7.79 -2.84
N THR A 103 -29.51 -8.77 -2.82
CA THR A 103 -30.92 -8.52 -2.58
C THR A 103 -31.43 -9.50 -1.54
N LYS A 104 -32.20 -8.99 -0.58
CA LYS A 104 -32.75 -9.80 0.50
C LYS A 104 -34.18 -10.20 0.16
N VAL A 105 -34.47 -11.49 0.25
CA VAL A 105 -35.79 -12.03 -0.04
C VAL A 105 -36.47 -12.37 1.30
N GLU A 106 -37.68 -11.87 1.50
CA GLU A 106 -38.35 -11.99 2.78
C GLU A 106 -39.80 -12.40 2.58
N ILE A 107 -40.40 -12.91 3.64
CA ILE A 107 -41.80 -13.34 3.61
C ILE A 107 -42.71 -12.13 3.80
N LYS A 108 -43.88 -12.19 3.15
CA LYS A 108 -44.88 -11.16 3.36
C LYS A 108 -45.48 -11.28 4.75
N ARG A 109 -45.78 -10.14 5.37
CA ARG A 109 -46.30 -10.11 6.72
C ARG A 109 -47.12 -8.85 6.94
N THR A 110 -49.22 -9.13 9.04
CA THR A 110 -49.86 -7.88 8.56
C THR A 110 -49.26 -6.69 9.32
N VAL A 111 -49.53 -5.47 8.83
CA VAL A 111 -48.94 -4.29 9.43
C VAL A 111 -49.29 -4.24 10.91
N ALA A 112 -48.29 -3.94 11.74
CA ALA A 112 -48.44 -3.86 13.19
C ALA A 112 -47.82 -2.56 13.69
N ALA A 113 -48.46 -1.95 14.67
CA ALA A 113 -48.00 -0.67 15.16
C ALA A 113 -46.81 -0.87 16.11
N PRO A 114 -45.88 0.10 16.17
CA PRO A 114 -44.78 0.00 17.14
C PRO A 114 -45.14 0.57 18.50
N SER A 115 -44.87 -0.17 19.57
CA SER A 115 -45.01 0.34 20.92
C SER A 115 -43.78 1.16 21.29
N VAL A 116 -44.01 2.38 21.77
CA VAL A 116 -42.95 3.34 22.03
C VAL A 116 -42.71 3.42 23.53
N PHE A 117 -41.45 3.29 23.93
CA PHE A 117 -41.05 3.41 25.32
C PHE A 117 -39.77 4.24 25.40
N ILE A 118 -39.64 5.01 26.48
CA ILE A 118 -38.49 5.87 26.70
C ILE A 118 -38.01 5.67 28.14
N PHE A 119 -36.70 5.71 28.33
CA PHE A 119 -36.08 5.43 29.63
C PHE A 119 -35.09 6.53 29.96
N PRO A 120 -35.30 7.31 31.03
CA PRO A 120 -34.31 8.32 31.40
C PRO A 120 -33.01 7.66 31.84
N PRO A 121 -31.87 8.36 31.70
CA PRO A 121 -30.60 7.75 32.10
C PRO A 121 -30.57 7.42 33.58
N SER A 122 -29.94 6.31 33.90
CA SER A 122 -29.86 5.86 35.29
C SER A 122 -28.97 6.79 36.10
N ASP A 123 -29.25 6.85 37.40
CA ASP A 123 -28.46 7.72 38.29
C ASP A 123 -27.01 7.25 38.37
N GLU A 124 -26.79 5.93 38.39
CA GLU A 124 -25.43 5.41 38.48
C GLU A 124 -24.60 5.86 37.28
N GLN A 125 -25.18 5.80 36.08
CA GLN A 125 -24.44 6.23 34.90
C GLN A 125 -24.11 7.72 34.97
N LEU A 126 -25.05 8.52 35.48
CA LEU A 126 -24.78 9.95 35.63
C LEU A 126 -23.56 10.21 36.50
N LYS A 127 -23.30 9.32 37.46
CA LYS A 127 -22.12 9.49 38.31
C LYS A 127 -20.83 9.41 37.51
N SER A 128 -20.84 8.68 36.38
CA SER A 128 -19.63 8.50 35.58
C SER A 128 -19.33 9.68 34.69
N GLY A 129 -20.26 10.61 34.51
CA GLY A 129 -20.05 11.77 33.67
C GLY A 129 -20.67 11.69 32.29
N THR A 130 -21.44 10.63 31.99
CA THR A 130 -22.10 10.48 30.71
C THR A 130 -23.55 10.08 30.95
N ALA A 131 -24.43 10.53 30.06
CA ALA A 131 -25.85 10.24 30.12
C ALA A 131 -26.31 9.63 28.81
N SER A 132 -27.05 8.52 28.89
CA SER A 132 -27.60 7.85 27.73
C SER A 132 -29.10 7.61 27.96
N VAL A 133 -29.92 8.07 27.01
CA VAL A 133 -31.37 7.87 27.05
C VAL A 133 -31.75 6.90 25.96
N VAL A 134 -32.66 5.98 26.26
CA VAL A 134 -33.00 4.86 25.38
C VAL A 134 -34.44 5.03 24.91
N CYS A 135 -34.64 4.90 23.60
CA CYS A 135 -35.97 4.88 22.99
C CYS A 135 -36.17 3.53 22.33
N LEU A 136 -37.33 2.91 22.58
CA LEU A 136 -37.58 1.53 22.18
C LEU A 136 -38.82 1.44 21.31
N LEU A 137 -38.72 0.64 20.25
CA LEU A 137 -39.86 0.27 19.41
C LEU A 137 -39.93 -1.25 19.37
N ASN A 138 -41.12 -1.80 19.62
CA ASN A 138 -41.29 -3.23 19.83
C ASN A 138 -42.36 -3.78 18.89
N ASN A 139 -42.05 -4.92 18.25
CA ASN A 139 -43.01 -5.73 17.52
C ASN A 139 -43.81 -4.89 16.51
N PHE A 140 -43.07 -4.39 15.51
CA PHE A 140 -43.64 -3.56 14.47
C PHE A 140 -43.27 -4.10 13.10
N TYR A 141 -44.10 -3.78 12.11
CA TYR A 141 -43.89 -4.20 10.73
C TYR A 141 -44.57 -3.19 9.82
N PRO A 142 -43.99 -2.83 8.67
CA PRO A 142 -42.70 -3.29 8.10
C PRO A 142 -41.50 -2.67 8.80
N ARG A 143 -40.30 -3.17 8.50
CA ARG A 143 -39.11 -2.73 9.23
C ARG A 143 -38.83 -1.25 9.08
N GLU A 144 -39.34 -0.61 8.03
CA GLU A 144 -39.07 0.81 7.81
C GLU A 144 -39.65 1.64 8.95
N ALA A 145 -38.80 2.45 9.59
CA ALA A 145 -39.22 3.31 10.68
C ALA A 145 -38.25 4.46 10.80
N LYS A 146 -38.73 5.57 11.35
CA LYS A 146 -37.92 6.76 11.57
C LYS A 146 -38.06 7.19 13.03
N VAL A 147 -36.93 7.47 13.67
CA VAL A 147 -36.89 7.93 15.06
C VAL A 147 -36.12 9.23 15.10
N GLN A 148 -36.68 10.22 15.78
CA GLN A 148 -36.07 11.54 15.88
C GLN A 148 -36.00 11.96 17.33
N TRP A 149 -34.86 12.54 17.73
CA TRP A 149 -34.64 12.99 19.10
C TRP A 149 -34.81 14.51 19.17
N LYS A 150 -35.57 14.96 20.17
CA LYS A 150 -35.73 16.38 20.45
C LYS A 150 -35.44 16.63 21.92
N VAL A 151 -34.62 17.64 22.19
CA VAL A 151 -34.33 18.07 23.56
C VAL A 151 -34.74 19.53 23.65
N ASP A 152 -35.59 19.85 24.63
CA ASP A 152 -36.15 21.20 24.76
C ASP A 152 -36.72 21.67 23.43
N ASN A 153 -37.40 20.76 22.74
CA ASN A 153 -37.97 21.01 21.41
C ASN A 153 -36.90 21.32 20.37
N ALA A 154 -35.66 20.89 20.60
CA ALA A 154 -34.56 21.10 19.67
C ALA A 154 -34.16 19.77 19.06
N LEU A 155 -34.21 19.70 17.73
CA LEU A 155 -33.87 18.48 17.03
C LEU A 155 -32.40 18.11 17.22
N GLN A 156 -32.14 16.81 17.37
CA GLN A 156 -30.80 16.29 17.59
C GLN A 156 -30.34 15.53 16.35
N SER A 157 -29.06 15.66 16.03
CA SER A 157 -28.49 15.00 14.86
C SER A 157 -27.03 14.66 15.13
N GLY A 158 -26.58 13.53 14.58
CA GLY A 158 -25.20 13.12 14.72
C GLY A 158 -24.83 12.61 16.09
N ASN A 159 -25.81 12.31 16.94
CA ASN A 159 -25.57 12.00 18.34
C ASN A 159 -26.30 10.73 18.78
N SER A 160 -26.90 10.00 17.84
CA SER A 160 -27.70 8.84 18.16
C SER A 160 -27.29 7.67 17.27
N GLN A 161 -27.34 6.47 17.85
CA GLN A 161 -27.07 5.23 17.13
C GLN A 161 -28.23 4.27 17.34
N GLU A 162 -28.58 3.53 16.29
CA GLU A 162 -29.74 2.66 16.30
C GLU A 162 -29.35 1.24 15.91
N SER A 163 -30.03 0.27 16.54
CA SER A 163 -29.81 -1.15 16.28
C SER A 163 -31.14 -1.80 15.95
N VAL A 164 -31.15 -2.68 14.95
CA VAL A 164 -32.35 -3.35 14.48
C VAL A 164 -32.14 -4.86 14.61
N THR A 165 -33.08 -5.52 15.27
CA THR A 165 -33.01 -6.97 15.44
C THR A 165 -33.55 -7.68 14.21
N GLU A 166 -33.36 -8.99 14.17
CA GLU A 166 -33.81 -9.80 13.05
C GLU A 166 -35.33 -10.03 13.11
N GLN A 167 -35.89 -10.41 11.98
CA GLN A 167 -37.32 -10.67 11.89
C GLN A 167 -37.70 -11.78 12.87
N ASP A 168 -38.74 -11.53 13.67
CA ASP A 168 -39.13 -12.48 14.70
C ASP A 168 -39.59 -13.79 14.08
N SER A 169 -39.25 -14.90 14.74
CA SER A 169 -39.59 -16.21 14.22
C SER A 169 -41.05 -16.60 14.42
N LYS A 170 -41.77 -15.92 15.32
CA LYS A 170 -43.16 -16.27 15.62
C LYS A 170 -44.14 -15.34 14.91
N ASP A 171 -44.06 -14.04 15.19
CA ASP A 171 -44.98 -13.07 14.60
C ASP A 171 -44.35 -12.25 13.48
N SER A 172 -43.08 -12.51 13.15
CA SER A 172 -42.44 -11.89 11.99
C SER A 172 -42.48 -10.37 12.06
N THR A 173 -42.20 -9.82 13.24
CA THR A 173 -42.08 -8.38 13.42
C THR A 173 -40.64 -8.03 13.78
N TYR A 174 -40.39 -6.74 13.95
CA TYR A 174 -39.06 -6.22 14.24
C TYR A 174 -39.09 -5.34 15.49
N SER A 175 -37.90 -5.06 16.02
CA SER A 175 -37.72 -4.14 17.12
C SER A 175 -36.56 -3.20 16.80
N LEU A 176 -36.68 -1.95 17.24
CA LEU A 176 -35.65 -0.94 17.00
C LEU A 176 -35.35 -0.22 18.30
N SER A 177 -34.06 -0.08 18.60
CA SER A 177 -33.59 0.64 19.79
C SER A 177 -32.61 1.72 19.35
N SER A 178 -32.90 2.97 19.71
CA SER A 178 -32.06 4.10 19.40
C SER A 178 -31.54 4.69 20.71
N THR A 179 -30.23 4.92 20.78
CA THR A 179 -29.57 5.39 21.98
C THR A 179 -28.95 6.76 21.71
N LEU A 180 -29.24 7.72 22.59
CA LEU A 180 -28.70 9.07 22.53
C LEU A 180 -27.76 9.28 23.70
N THR A 181 -26.51 9.64 23.41
CA THR A 181 -25.47 9.75 24.41
C THR A 181 -25.03 11.21 24.54
N LEU A 182 -25.15 11.74 25.76
CA LEU A 182 -24.76 13.11 26.05
C LEU A 182 -23.94 13.15 27.33
N SER A 183 -23.09 14.16 27.43
CA SER A 183 -22.27 14.34 28.62
C SER A 183 -23.13 14.74 29.81
N LYS A 184 -22.59 14.56 31.01
CA LYS A 184 -23.33 14.87 32.22
C LYS A 184 -23.68 16.35 32.28
N ALA A 185 -22.72 17.22 31.94
CA ALA A 185 -23.00 18.65 31.96
C ALA A 185 -24.06 19.02 30.94
N ASP A 186 -23.95 18.48 29.72
CA ASP A 186 -24.94 18.79 28.69
C ASP A 186 -26.33 18.28 29.08
N TYR A 187 -26.39 17.09 29.67
CA TYR A 187 -27.68 16.52 30.03
C TYR A 187 -28.42 17.38 31.05
N GLU A 188 -27.68 17.92 32.04
CA GLU A 188 -28.32 18.70 33.09
C GLU A 188 -28.80 20.06 32.61
N LYS A 189 -28.28 20.56 31.48
CA LYS A 189 -28.67 21.87 30.98
C LYS A 189 -30.05 21.88 30.34
N HIS A 190 -30.63 20.71 30.07
CA HIS A 190 -31.92 20.61 29.41
C HIS A 190 -32.93 19.96 30.35
N LYS A 191 -34.20 20.14 30.01
CA LYS A 191 -35.31 19.71 30.87
C LYS A 191 -36.18 18.65 30.22
N VAL A 192 -36.59 18.83 28.98
CA VAL A 192 -37.54 17.95 28.31
C VAL A 192 -36.80 17.17 27.22
N TYR A 193 -36.93 15.85 27.25
CA TYR A 193 -36.39 14.96 26.23
C TYR A 193 -37.53 14.18 25.61
N ALA A 194 -37.55 14.10 24.28
CA ALA A 194 -38.65 13.47 23.56
C ALA A 194 -38.11 12.57 22.46
N CYS A 195 -38.84 11.48 22.20
CA CYS A 195 -38.55 10.56 21.11
C CYS A 195 -39.78 10.50 20.21
N GLU A 196 -39.62 10.90 18.94
CA GLU A 196 -40.71 10.93 17.99
C GLU A 196 -40.56 9.76 17.02
N VAL A 197 -41.64 9.02 16.81
CA VAL A 197 -41.64 7.82 15.98
C VAL A 197 -42.63 7.99 14.85
N THR A 198 -42.16 7.77 13.62
CA THR A 198 -42.99 7.82 12.42
C THR A 198 -43.01 6.44 11.78
N HIS A 199 -44.20 5.95 11.43
CA HIS A 199 -44.33 4.63 10.87
C HIS A 199 -45.56 4.60 9.95
N GLN A 200 -45.57 3.59 9.08
CA GLN A 200 -46.67 3.47 8.10
C GLN A 200 -48.00 3.22 8.81
N GLY A 201 -48.00 2.38 9.83
CA GLY A 201 -49.22 1.98 10.50
C GLY A 201 -49.77 2.98 11.49
N LEU A 202 -49.06 4.08 11.75
CA LEU A 202 -49.52 5.11 12.66
C LEU A 202 -50.03 6.30 11.84
N SER A 203 -51.27 6.73 12.12
CA SER A 203 -51.84 7.85 11.39
C SER A 203 -51.06 9.13 11.65
N SER A 204 -50.67 9.36 12.89
CA SER A 204 -49.89 10.53 13.28
C SER A 204 -48.71 10.08 14.12
N PRO A 205 -47.62 10.85 14.13
CA PRO A 205 -46.44 10.44 14.89
C PRO A 205 -46.75 10.33 16.38
N VAL A 206 -46.11 9.37 17.03
CA VAL A 206 -46.26 9.12 18.46
C VAL A 206 -45.00 9.62 19.16
N THR A 207 -45.19 10.44 20.19
CA THR A 207 -44.09 11.06 20.91
C THR A 207 -44.15 10.66 22.39
N LYS A 208 -43.03 10.19 22.91
CA LYS A 208 -42.86 9.89 24.33
C LYS A 208 -41.74 10.76 24.87
N SER A 209 -42.03 11.49 25.96
CA SER A 209 -41.09 12.44 26.51
C SER A 209 -41.13 12.39 28.02
N PHE A 210 -40.04 12.86 28.65
CA PHE A 210 -39.95 12.94 30.09
C PHE A 210 -39.26 14.24 30.47
N ASN A 211 -39.47 14.65 31.71
CA ASN A 211 -38.89 15.87 32.27
C ASN A 211 -37.83 15.51 33.28
N ARG A 212 -36.68 16.20 33.22
CA ARG A 212 -35.59 15.93 34.14
C ARG A 212 -35.94 16.48 35.53
N GLY A 213 -36.31 15.59 36.45
CA GLY A 213 -36.79 15.96 37.76
C GLY A 213 -38.14 15.38 38.11
N GLU A 214 -38.87 14.83 37.15
CA GLU A 214 -40.18 14.24 37.38
C GLU A 214 -40.09 12.71 37.25
N CYS A 215 -40.68 12.01 38.21
CA CYS A 215 -40.71 10.55 38.16
C CYS A 215 -42.05 10.05 37.60
N SER B 1 -12.54 -38.04 -6.34
CA SER B 1 -11.88 -37.52 -5.11
C SER B 1 -12.69 -36.38 -4.51
N GLU B 2 -12.70 -36.29 -3.18
CA GLU B 2 -13.40 -35.21 -2.50
C GLU B 2 -12.55 -33.95 -2.50
N VAL B 3 -13.21 -32.80 -2.62
CA VAL B 3 -12.54 -31.51 -2.82
C VAL B 3 -12.89 -30.61 -1.64
N GLN B 4 -11.86 -29.98 -1.06
CA GLN B 4 -12.05 -29.07 0.07
C GLN B 4 -11.06 -27.93 -0.02
N LEU B 5 -11.42 -26.83 0.64
CA LEU B 5 -10.51 -25.72 0.89
C LEU B 5 -10.67 -25.30 2.35
N VAL B 6 -9.55 -25.20 3.05
CA VAL B 6 -9.55 -24.98 4.50
C VAL B 6 -8.58 -23.86 4.82
N GLU B 7 -9.08 -22.77 5.40
CA GLU B 7 -8.23 -21.66 5.80
C GLU B 7 -7.69 -21.86 7.21
N SER B 8 -6.63 -21.11 7.52
CA SER B 8 -6.06 -21.10 8.86
C SER B 8 -5.17 -19.87 9.00
N GLY B 9 -4.93 -19.47 10.24
CA GLY B 9 -4.04 -18.37 10.54
C GLY B 9 -4.69 -17.08 10.99
N GLY B 10 -5.98 -17.10 11.32
CA GLY B 10 -6.63 -15.90 11.81
C GLY B 10 -6.40 -15.69 13.29
N GLY B 11 -6.64 -14.46 13.74
CA GLY B 11 -6.46 -14.13 15.14
C GLY B 11 -6.54 -12.64 15.37
N LEU B 12 -6.10 -12.23 16.55
CA LEU B 12 -6.15 -10.84 16.99
C LEU B 12 -4.78 -10.19 16.80
N ILE B 13 -4.77 -8.99 16.24
CA ILE B 13 -3.51 -8.31 15.91
C ILE B 13 -3.72 -6.81 16.10
N GLN B 14 -2.58 -6.09 16.38
CA GLN B 14 -2.58 -4.65 16.63
C GLN B 14 -2.34 -3.90 15.32
N PRO B 15 -2.71 -2.62 15.26
CA PRO B 15 -2.45 -1.84 14.04
C PRO B 15 -0.96 -1.80 13.72
N GLY B 16 -0.65 -1.85 12.43
CA GLY B 16 0.73 -1.86 11.99
C GLY B 16 1.43 -3.19 12.07
N GLY B 17 0.73 -4.25 12.44
CA GLY B 17 1.32 -5.57 12.56
C GLY B 17 1.38 -6.29 11.22
N SER B 18 1.65 -7.60 11.31
CA SER B 18 1.73 -8.45 10.14
C SER B 18 1.25 -9.85 10.50
N LEU B 19 0.78 -10.58 9.49
CA LEU B 19 0.23 -11.92 9.70
C LEU B 19 0.20 -12.65 8.37
N ARG B 20 0.22 -13.99 8.46
CA ARG B 20 0.21 -14.86 7.29
C ARG B 20 -0.99 -15.80 7.37
N LEU B 21 -1.76 -15.87 6.28
CA LEU B 21 -2.91 -16.75 6.18
C LEU B 21 -2.55 -17.95 5.31
N SER B 22 -2.99 -19.13 5.73
CA SER B 22 -2.73 -20.38 5.02
C SER B 22 -4.05 -20.98 4.56
N CYS B 23 -4.15 -21.29 3.27
CA CYS B 23 -5.31 -21.95 2.69
C CYS B 23 -4.86 -23.28 2.10
N ALA B 24 -5.14 -24.37 2.82
CA ALA B 24 -4.79 -25.69 2.34
C ALA B 24 -5.77 -26.16 1.28
N ALA B 25 -5.40 -27.22 0.57
CA ALA B 25 -6.24 -27.81 -0.46
C ALA B 25 -6.03 -29.31 -0.50
N SER B 26 -7.05 -30.03 -0.94
CA SER B 26 -6.99 -31.47 -1.06
C SER B 26 -7.91 -31.92 -2.18
N GLY B 27 -7.62 -33.10 -2.73
CA GLY B 27 -8.39 -33.65 -3.83
C GLY B 27 -7.99 -33.15 -5.19
N PHE B 28 -7.16 -32.11 -5.28
CA PHE B 28 -6.70 -31.58 -6.56
C PHE B 28 -5.42 -30.80 -6.32
N THR B 29 -4.81 -30.36 -7.42
CA THR B 29 -3.55 -29.63 -7.37
C THR B 29 -3.79 -28.16 -7.68
N VAL B 30 -3.26 -27.28 -6.80
CA VAL B 30 -3.44 -25.84 -6.97
C VAL B 30 -2.65 -25.28 -8.14
N SER B 31 -1.75 -26.06 -8.73
CA SER B 31 -0.90 -25.54 -9.80
C SER B 31 -1.64 -25.38 -11.12
N SER B 32 -2.69 -26.18 -11.35
CA SER B 32 -3.38 -26.21 -12.62
C SER B 32 -4.69 -25.43 -12.64
N ASN B 33 -5.05 -24.77 -11.54
CA ASN B 33 -6.27 -23.98 -11.47
C ASN B 33 -5.96 -22.60 -10.91
N TYR B 34 -6.71 -21.61 -11.39
CA TYR B 34 -6.59 -20.26 -10.85
C TYR B 34 -7.13 -20.22 -9.43
N MET B 35 -6.52 -19.40 -8.58
CA MET B 35 -6.90 -19.31 -7.17
C MET B 35 -7.01 -17.85 -6.77
N SER B 36 -7.94 -17.55 -5.86
CA SER B 36 -8.24 -16.19 -5.46
C SER B 36 -8.53 -16.13 -3.96
N TRP B 37 -8.51 -14.90 -3.44
CA TRP B 37 -8.89 -14.62 -2.06
C TRP B 37 -10.06 -13.65 -2.05
N VAL B 38 -11.10 -13.96 -1.26
CA VAL B 38 -12.29 -13.13 -1.15
C VAL B 38 -12.60 -12.93 0.33
N ARG B 39 -13.13 -11.76 0.67
CA ARG B 39 -13.39 -11.42 2.06
C ARG B 39 -14.75 -10.73 2.18
N GLN B 40 -15.29 -10.78 3.40
CA GLN B 40 -16.61 -10.22 3.69
C GLN B 40 -16.53 -9.51 5.04
N ALA B 41 -16.59 -8.18 5.03
CA ALA B 41 -16.57 -7.42 6.26
C ALA B 41 -17.88 -7.63 7.03
N PRO B 42 -17.86 -7.53 8.37
CA PRO B 42 -19.09 -7.70 9.13
C PRO B 42 -20.20 -6.75 8.69
N GLY B 43 -21.36 -7.30 8.32
CA GLY B 43 -22.46 -6.48 7.88
C GLY B 43 -22.28 -5.85 6.52
N LYS B 44 -21.61 -6.53 5.59
CA LYS B 44 -21.37 -5.99 4.26
C LYS B 44 -21.29 -7.15 3.27
N GLY B 45 -21.21 -6.81 1.99
CA GLY B 45 -21.18 -7.79 0.94
C GLY B 45 -19.80 -8.40 0.75
N LEU B 46 -19.62 -9.05 -0.40
CA LEU B 46 -18.40 -9.77 -0.72
C LEU B 46 -17.41 -8.86 -1.44
N GLU B 47 -16.12 -9.21 -1.33
CA GLU B 47 -15.04 -8.41 -1.91
C GLU B 47 -13.91 -9.32 -2.36
N TRP B 48 -13.55 -9.21 -3.64
CA TRP B 48 -12.40 -9.93 -4.18
C TRP B 48 -11.13 -9.11 -3.98
N VAL B 49 -10.01 -9.81 -3.76
CA VAL B 49 -8.76 -9.17 -3.38
C VAL B 49 -7.64 -9.45 -4.40
N SER B 50 -7.32 -10.71 -4.64
CA SER B 50 -6.18 -11.04 -5.48
C SER B 50 -6.36 -12.42 -6.10
N VAL B 51 -5.63 -12.66 -7.18
CA VAL B 51 -5.69 -13.90 -7.94
C VAL B 51 -4.29 -14.27 -8.42
N ILE B 52 -4.01 -15.56 -8.53
CA ILE B 52 -2.77 -16.07 -9.12
C ILE B 52 -3.14 -17.07 -10.20
N TYR B 53 -2.61 -16.86 -11.41
CA TYR B 53 -2.90 -17.76 -12.51
C TYR B 53 -2.18 -19.09 -12.33
N SER B 54 -2.60 -20.08 -13.14
CA SER B 54 -1.91 -21.36 -13.15
C SER B 54 -0.51 -21.22 -13.77
N GLY B 55 -0.34 -20.27 -14.69
CA GLY B 55 0.97 -20.03 -15.27
C GLY B 55 1.94 -19.34 -14.34
N GLY B 56 1.44 -18.57 -13.38
CA GLY B 56 2.29 -17.90 -12.40
C GLY B 56 2.00 -16.42 -12.22
N SER B 57 1.22 -15.79 -13.09
CA SER B 57 0.96 -14.36 -12.96
C SER B 57 0.06 -14.09 -11.76
N THR B 58 0.13 -12.86 -11.24
CA THR B 58 -0.63 -12.45 -10.07
C THR B 58 -1.23 -11.07 -10.29
N TYR B 59 -2.39 -10.84 -9.70
CA TYR B 59 -3.06 -9.54 -9.75
C TYR B 59 -3.67 -9.25 -8.37
N TYR B 60 -3.81 -7.97 -8.07
CA TYR B 60 -4.22 -7.53 -6.74
C TYR B 60 -5.28 -6.44 -6.84
N ALA B 61 -6.08 -6.34 -5.77
CA ALA B 61 -7.01 -5.22 -5.64
C ALA B 61 -6.32 -4.03 -5.00
N ASP B 62 -6.80 -2.82 -5.34
CA ASP B 62 -6.14 -1.61 -4.87
C ASP B 62 -6.13 -1.51 -3.35
N SER B 63 -7.17 -2.01 -2.69
CA SER B 63 -7.25 -1.89 -1.23
C SER B 63 -6.07 -2.55 -0.54
N VAL B 64 -5.44 -3.54 -1.17
CA VAL B 64 -4.27 -4.21 -0.61
C VAL B 64 -3.06 -4.12 -1.53
N LYS B 65 -3.11 -3.28 -2.56
CA LYS B 65 -2.01 -3.17 -3.52
C LYS B 65 -0.72 -2.75 -2.83
N GLY B 66 0.25 -3.66 -2.78
CA GLY B 66 1.54 -3.40 -2.17
C GLY B 66 1.67 -3.92 -0.74
N ARG B 67 0.57 -3.93 0.02
CA ARG B 67 0.65 -4.38 1.40
C ARG B 67 0.58 -5.90 1.52
N PHE B 68 -0.15 -6.54 0.62
CA PHE B 68 -0.31 -7.99 0.63
C PHE B 68 0.44 -8.64 -0.52
N THR B 69 0.63 -9.95 -0.42
CA THR B 69 1.35 -10.72 -1.43
C THR B 69 0.81 -12.14 -1.44
N ILE B 70 0.45 -12.64 -2.62
CA ILE B 70 -0.10 -13.98 -2.78
C ILE B 70 0.97 -14.88 -3.39
N SER B 71 1.05 -16.11 -2.90
CA SER B 71 2.00 -17.08 -3.42
C SER B 71 1.48 -18.48 -3.12
N ARG B 72 1.98 -19.45 -3.88
CA ARG B 72 1.64 -20.85 -3.69
C ARG B 72 2.90 -21.68 -3.59
N ASP B 73 2.83 -22.75 -2.82
CA ASP B 73 3.93 -23.70 -2.66
C ASP B 73 3.58 -24.95 -3.46
N ASN B 74 4.18 -25.08 -4.64
CA ASN B 74 3.82 -26.18 -5.54
C ASN B 74 4.10 -27.55 -4.92
N SER B 75 5.01 -27.63 -3.96
CA SER B 75 5.34 -28.91 -3.34
C SER B 75 4.42 -29.24 -2.18
N LYS B 76 4.07 -28.24 -1.37
CA LYS B 76 3.22 -28.45 -0.20
C LYS B 76 1.73 -28.34 -0.53
N ASN B 77 1.38 -27.99 -1.76
CA ASN B 77 -0.02 -27.94 -2.20
C ASN B 77 -0.82 -26.98 -1.32
N THR B 78 -0.28 -25.77 -1.15
CA THR B 78 -0.84 -24.78 -0.25
C THR B 78 -0.88 -23.41 -0.92
N LEU B 79 -1.82 -22.57 -0.50
CA LEU B 79 -1.92 -21.20 -0.96
C LEU B 79 -1.73 -20.26 0.22
N TYR B 80 -0.91 -19.22 0.02
CA TYR B 80 -0.52 -18.31 1.08
C TYR B 80 -0.90 -16.88 0.74
N LEU B 81 -1.20 -16.10 1.78
CA LEU B 81 -1.39 -14.67 1.69
C LEU B 81 -0.61 -14.02 2.83
N GLN B 82 0.29 -13.10 2.49
CA GLN B 82 1.12 -12.41 3.47
C GLN B 82 0.58 -11.00 3.68
N MET B 83 0.30 -10.64 4.93
CA MET B 83 -0.35 -9.39 5.27
C MET B 83 0.59 -8.52 6.10
N ASN B 84 0.72 -7.26 5.72
CA ASN B 84 1.59 -6.30 6.39
C ASN B 84 0.89 -4.94 6.45
N SER B 85 1.31 -4.12 7.41
CA SER B 85 0.75 -2.78 7.60
C SER B 85 -0.76 -2.85 7.84
N LEU B 86 -1.17 -3.76 8.73
CA LEU B 86 -2.59 -3.98 8.95
C LEU B 86 -3.23 -2.79 9.64
N ARG B 87 -4.53 -2.62 9.40
CA ARG B 87 -5.32 -1.59 10.04
C ARG B 87 -6.63 -2.21 10.53
N ALA B 88 -7.32 -1.48 11.41
CA ALA B 88 -8.62 -1.93 11.88
C ALA B 88 -9.62 -2.00 10.74
N GLU B 89 -9.36 -1.30 9.64
CA GLU B 89 -10.27 -1.33 8.49
C GLU B 89 -10.18 -2.64 7.73
N ASP B 90 -9.20 -3.49 8.00
CA ASP B 90 -9.08 -4.76 7.32
C ASP B 90 -9.84 -5.88 8.03
N THR B 91 -10.55 -5.59 9.12
CA THR B 91 -11.33 -6.60 9.82
C THR B 91 -12.38 -7.17 8.88
N ALA B 92 -12.42 -8.49 8.76
CA ALA B 92 -13.37 -9.16 7.87
C ALA B 92 -13.18 -10.67 8.00
N VAL B 93 -14.07 -11.40 7.33
CA VAL B 93 -13.88 -12.84 7.13
C VAL B 93 -13.25 -13.05 5.76
N TYR B 94 -12.25 -13.92 5.68
CA TYR B 94 -11.48 -14.14 4.48
C TYR B 94 -11.71 -15.56 3.96
N TYR B 95 -11.97 -15.68 2.65
CA TYR B 95 -12.18 -16.96 1.99
C TYR B 95 -11.14 -17.16 0.89
N CYS B 96 -10.88 -18.42 0.56
CA CYS B 96 -10.15 -18.79 -0.65
C CYS B 96 -11.03 -19.68 -1.50
N ALA B 97 -11.16 -19.33 -2.79
CA ALA B 97 -12.11 -19.97 -3.68
C ALA B 97 -11.41 -20.50 -4.92
N ARG B 98 -11.90 -21.60 -5.47
CA ARG B 98 -11.30 -22.25 -6.61
C ARG B 98 -11.99 -21.83 -7.90
N TRP B 99 -11.21 -21.49 -8.91
CA TRP B 99 -11.71 -21.17 -10.24
C TRP B 99 -12.31 -22.41 -10.87
N GLY B 100 -13.54 -22.29 -11.40
CA GLY B 100 -14.24 -23.46 -11.89
C GLY B 100 -13.48 -24.16 -12.99
N GLY B 101 -13.56 -25.51 -12.97
CA GLY B 101 -12.83 -26.29 -13.95
C GLY B 101 -13.33 -26.08 -15.36
N LYS B 102 -14.64 -26.24 -15.57
CA LYS B 102 -15.22 -26.12 -16.91
C LYS B 102 -16.38 -25.16 -17.00
N ARG B 103 -17.00 -24.76 -15.89
CA ARG B 103 -18.23 -23.97 -15.92
C ARG B 103 -17.92 -22.47 -15.93
N GLY B 104 -17.41 -22.02 -17.08
CA GLY B 104 -17.12 -20.61 -17.23
C GLY B 104 -16.12 -20.15 -16.18
N GLY B 105 -16.13 -18.85 -15.94
CA GLY B 105 -15.33 -18.29 -14.87
C GLY B 105 -16.16 -18.13 -13.61
N ALA B 106 -16.09 -19.12 -12.73
CA ALA B 106 -16.97 -19.16 -11.57
C ALA B 106 -16.25 -19.85 -10.41
N PHE B 107 -16.50 -19.33 -9.21
CA PHE B 107 -15.91 -19.90 -7.99
C PHE B 107 -16.69 -21.15 -7.64
N ASP B 108 -16.23 -22.29 -8.17
CA ASP B 108 -16.95 -23.54 -7.99
C ASP B 108 -16.95 -23.97 -6.53
N ILE B 109 -15.79 -23.96 -5.88
CA ILE B 109 -15.63 -24.46 -4.52
C ILE B 109 -15.15 -23.32 -3.64
N TRP B 110 -15.82 -23.14 -2.50
CA TRP B 110 -15.46 -22.14 -1.51
C TRP B 110 -14.89 -22.83 -0.27
N GLY B 111 -14.36 -22.00 0.64
CA GLY B 111 -13.90 -22.46 1.92
C GLY B 111 -14.79 -21.97 3.06
N GLN B 112 -14.48 -22.45 4.26
CA GLN B 112 -15.26 -22.08 5.44
C GLN B 112 -14.99 -20.65 5.89
N GLY B 113 -13.75 -20.20 5.82
CA GLY B 113 -13.41 -18.84 6.18
C GLY B 113 -12.78 -18.75 7.55
N THR B 114 -12.02 -17.68 7.77
CA THR B 114 -11.36 -17.41 9.04
C THR B 114 -11.56 -15.95 9.41
N MET B 115 -11.64 -15.68 10.71
CA MET B 115 -11.90 -14.33 11.21
C MET B 115 -10.59 -13.66 11.59
N VAL B 116 -10.39 -12.43 11.11
CA VAL B 116 -9.21 -11.64 11.39
C VAL B 116 -9.66 -10.34 12.04
N THR B 117 -9.21 -10.10 13.27
CA THR B 117 -9.57 -8.92 14.04
C THR B 117 -8.33 -8.06 14.23
N VAL B 118 -8.41 -6.80 13.81
CA VAL B 118 -7.33 -5.83 13.99
C VAL B 118 -7.82 -4.77 14.96
N SER B 119 -7.32 -4.82 16.20
CA SER B 119 -7.76 -3.90 17.23
C SER B 119 -6.65 -3.74 18.25
N SER B 120 -6.49 -2.50 18.75
CA SER B 120 -5.46 -2.21 19.73
C SER B 120 -5.97 -2.27 21.17
N ALA B 121 -7.28 -2.28 21.37
CA ALA B 121 -7.84 -2.27 22.71
C ALA B 121 -7.51 -3.54 23.47
N SER B 122 -7.45 -3.43 24.79
CA SER B 122 -7.17 -4.56 25.66
C SER B 122 -8.43 -5.05 26.35
N THR B 123 -8.36 -6.27 26.88
CA THR B 123 -9.53 -6.88 27.50
C THR B 123 -10.05 -6.01 28.64
N LYS B 124 -11.38 -5.89 28.72
CA LYS B 124 -12.01 -5.10 29.76
C LYS B 124 -13.39 -5.69 30.04
N GLY B 125 -13.86 -5.52 31.27
CA GLY B 125 -15.14 -6.05 31.68
C GLY B 125 -16.30 -5.10 31.41
N PRO B 126 -17.51 -5.63 31.37
CA PRO B 126 -18.69 -4.80 31.12
C PRO B 126 -19.17 -4.03 32.35
N SER B 127 -19.93 -2.97 32.09
CA SER B 127 -20.64 -2.22 33.11
C SER B 127 -22.13 -2.36 32.84
N VAL B 128 -22.90 -2.75 33.87
CA VAL B 128 -24.31 -3.05 33.74
C VAL B 128 -25.11 -1.98 34.46
N PHE B 129 -26.11 -1.41 33.77
CA PHE B 129 -27.01 -0.44 34.34
C PHE B 129 -28.45 -0.92 34.15
N PRO B 130 -29.25 -1.01 35.20
CA PRO B 130 -30.62 -1.52 35.04
C PRO B 130 -31.53 -0.52 34.36
N LEU B 131 -32.35 -1.02 33.43
CA LEU B 131 -33.37 -0.21 32.77
C LEU B 131 -34.66 -0.33 33.58
N ALA B 132 -34.73 0.45 34.66
CA ALA B 132 -35.82 0.33 35.60
C ALA B 132 -37.15 0.68 34.93
N PRO B 133 -38.20 -0.11 35.10
CA PRO B 133 -39.49 0.25 34.50
C PRO B 133 -40.10 1.47 35.15
N SER B 134 -40.92 2.17 34.39
CA SER B 134 -41.57 3.38 34.87
C SER B 134 -42.84 3.62 34.05
N SER B 135 -43.53 4.71 34.37
CA SER B 135 -44.74 5.06 33.62
C SER B 135 -44.45 5.36 32.16
N LYS B 136 -43.20 5.68 31.82
CA LYS B 136 -42.81 5.93 30.43
C LYS B 136 -42.53 4.65 29.67
N SER B 137 -42.55 3.49 30.33
CA SER B 137 -42.28 2.20 29.70
C SER B 137 -43.44 1.23 29.87
N THR B 138 -44.65 1.76 29.99
CA THR B 138 -45.85 0.95 30.19
C THR B 138 -46.80 1.18 29.01
N SER B 139 -47.38 0.09 28.51
CA SER B 139 -48.29 0.16 27.37
C SER B 139 -49.29 -0.99 27.47
N GLY B 140 -50.55 -0.66 27.74
CA GLY B 140 -51.60 -1.67 27.74
C GLY B 140 -51.38 -2.78 28.74
N GLY B 141 -50.97 -2.46 29.96
CA GLY B 141 -50.73 -3.45 30.98
C GLY B 141 -49.42 -4.20 30.85
N THR B 142 -48.56 -3.81 29.92
CA THR B 142 -47.25 -4.44 29.72
C THR B 142 -46.16 -3.42 30.02
N ALA B 143 -45.17 -3.83 30.80
CA ALA B 143 -44.06 -2.97 31.18
C ALA B 143 -42.78 -3.45 30.52
N ALA B 144 -41.96 -2.51 30.07
CA ALA B 144 -40.70 -2.80 29.40
C ALA B 144 -39.55 -2.49 30.35
N LEU B 145 -38.64 -3.46 30.49
CA LEU B 145 -37.48 -3.31 31.35
C LEU B 145 -36.33 -4.14 30.76
N GLY B 146 -35.12 -3.82 31.20
CA GLY B 146 -33.96 -4.49 30.65
C GLY B 146 -32.70 -4.08 31.37
N CYS B 147 -31.57 -4.53 30.83
CA CYS B 147 -30.25 -4.22 31.36
C CYS B 147 -29.36 -3.70 30.24
N LEU B 148 -28.57 -2.67 30.54
CA LEU B 148 -27.68 -2.03 29.58
C LEU B 148 -26.25 -2.45 29.88
N VAL B 149 -25.67 -3.25 28.99
CA VAL B 149 -24.29 -3.70 29.10
C VAL B 149 -23.43 -2.79 28.23
N LYS B 150 -22.37 -2.23 28.81
CA LYS B 150 -21.58 -1.21 28.14
C LYS B 150 -20.10 -1.43 28.40
N ASP B 151 -19.27 -1.04 27.42
CA ASP B 151 -17.82 -0.96 27.58
C ASP B 151 -17.22 -2.31 27.97
N TYR B 152 -17.31 -3.26 27.04
CA TYR B 152 -16.69 -4.56 27.21
C TYR B 152 -15.95 -4.94 25.92
N PHE B 153 -14.93 -5.79 26.09
CA PHE B 153 -14.11 -6.23 24.97
C PHE B 153 -13.25 -7.42 25.38
N PRO B 154 -13.14 -8.47 24.56
CA PRO B 154 -13.79 -8.71 23.26
C PRO B 154 -15.10 -9.48 23.38
N GLU B 155 -15.67 -9.91 22.25
CA GLU B 155 -16.91 -10.66 22.27
C GLU B 155 -16.65 -12.11 22.69
N PRO B 156 -17.71 -12.86 23.06
CA PRO B 156 -19.11 -12.46 23.22
C PRO B 156 -19.58 -12.41 24.68
N VAL B 157 -20.82 -11.97 24.91
CA VAL B 157 -21.42 -11.95 26.24
C VAL B 157 -22.80 -12.59 26.15
N THR B 158 -23.10 -13.46 27.10
CA THR B 158 -24.38 -14.15 27.17
C THR B 158 -25.25 -13.50 28.24
N VAL B 159 -26.45 -13.06 27.86
CA VAL B 159 -27.38 -12.38 28.75
C VAL B 159 -28.61 -13.25 28.90
N SER B 160 -28.96 -13.58 30.15
CA SER B 160 -30.13 -14.39 30.45
C SER B 160 -30.90 -13.74 31.60
N TRP B 161 -32.18 -14.06 31.68
CA TRP B 161 -33.08 -13.49 32.67
C TRP B 161 -33.56 -14.57 33.63
N ASN B 162 -33.45 -14.30 34.93
CA ASN B 162 -33.86 -15.24 35.97
C ASN B 162 -33.23 -16.61 35.76
N SER B 163 -31.93 -16.60 35.43
CA SER B 163 -31.18 -17.83 35.22
C SER B 163 -31.83 -18.70 34.14
N GLY B 164 -32.37 -18.06 33.10
CA GLY B 164 -33.02 -18.76 32.02
C GLY B 164 -34.48 -19.09 32.26
N ALA B 165 -35.02 -18.81 33.45
CA ALA B 165 -36.42 -19.08 33.71
C ALA B 165 -37.32 -18.26 32.78
N LEU B 166 -36.97 -16.99 32.56
CA LEU B 166 -37.73 -16.11 31.69
C LEU B 166 -37.12 -16.15 30.29
N THR B 167 -37.90 -16.58 29.32
CA THR B 167 -37.45 -16.64 27.93
C THR B 167 -38.39 -15.90 26.98
N SER B 168 -39.70 -15.95 27.23
CA SER B 168 -40.65 -15.26 26.35
C SER B 168 -40.48 -13.75 26.48
N GLY B 169 -40.57 -13.07 25.34
CA GLY B 169 -40.45 -11.63 25.31
C GLY B 169 -39.04 -11.10 25.45
N VAL B 170 -38.03 -11.96 25.41
CA VAL B 170 -36.65 -11.55 25.55
C VAL B 170 -36.10 -11.17 24.18
N HIS B 171 -35.49 -9.99 24.09
CA HIS B 171 -34.91 -9.48 22.85
C HIS B 171 -33.50 -9.00 23.17
N THR B 172 -32.50 -9.78 22.76
CA THR B 172 -31.10 -9.44 22.96
C THR B 172 -30.57 -8.83 21.66
N PHE B 173 -30.41 -7.50 21.67
CA PHE B 173 -29.98 -6.81 20.46
C PHE B 173 -28.52 -7.13 20.15
N PRO B 174 -28.12 -7.04 18.88
CA PRO B 174 -26.71 -7.27 18.53
C PRO B 174 -25.81 -6.18 19.10
N ALA B 175 -24.54 -6.53 19.29
CA ALA B 175 -23.56 -5.58 19.80
C ALA B 175 -23.22 -4.53 18.74
N VAL B 176 -22.73 -3.38 19.21
CA VAL B 176 -22.34 -2.28 18.34
C VAL B 176 -20.98 -1.77 18.79
N LEU B 177 -20.11 -1.43 17.84
CA LEU B 177 -18.77 -0.95 18.14
C LEU B 177 -18.81 0.54 18.39
N GLN B 178 -18.47 0.95 19.62
CA GLN B 178 -18.42 2.36 19.96
C GLN B 178 -17.11 2.98 19.50
N SER B 179 -17.11 4.31 19.39
CA SER B 179 -15.92 5.02 18.95
C SER B 179 -14.73 4.80 19.89
N SER B 180 -15.00 4.49 21.16
CA SER B 180 -13.93 4.22 22.11
C SER B 180 -13.23 2.90 21.86
N GLY B 181 -13.74 2.07 20.95
CA GLY B 181 -13.20 0.76 20.71
C GLY B 181 -13.78 -0.34 21.56
N LEU B 182 -14.86 -0.08 22.29
CA LEU B 182 -15.53 -1.07 23.12
C LEU B 182 -16.94 -1.32 22.61
N TYR B 183 -17.41 -2.54 22.81
CA TYR B 183 -18.73 -2.95 22.34
C TYR B 183 -19.79 -2.66 23.40
N SER B 184 -21.04 -2.67 22.96
CA SER B 184 -22.18 -2.46 23.85
C SER B 184 -23.40 -3.12 23.25
N LEU B 185 -24.31 -3.57 24.11
CA LEU B 185 -25.56 -4.16 23.67
C LEU B 185 -26.62 -3.93 24.74
N SER B 186 -27.88 -4.03 24.33
CA SER B 186 -29.02 -3.84 25.22
C SER B 186 -29.92 -5.06 25.16
N SER B 187 -30.42 -5.47 26.32
CA SER B 187 -31.36 -6.57 26.43
C SER B 187 -32.62 -6.08 27.14
N VAL B 188 -33.78 -6.42 26.59
CA VAL B 188 -35.05 -5.95 27.10
C VAL B 188 -36.01 -7.14 27.23
N VAL B 189 -37.00 -6.98 28.09
CA VAL B 189 -38.04 -7.98 28.30
C VAL B 189 -39.35 -7.27 28.60
N THR B 190 -40.44 -7.80 28.05
CA THR B 190 -41.77 -7.25 28.25
C THR B 190 -42.56 -8.15 29.18
N VAL B 191 -43.11 -7.57 30.24
CA VAL B 191 -43.85 -8.33 31.26
C VAL B 191 -45.12 -7.57 31.61
N PRO B 192 -46.11 -8.27 32.18
CA PRO B 192 -47.32 -7.60 32.63
C PRO B 192 -47.02 -6.54 33.68
N SER B 193 -47.77 -5.44 33.63
CA SER B 193 -47.55 -4.35 34.59
C SER B 193 -47.82 -4.80 36.02
N SER B 194 -48.83 -5.66 36.22
CA SER B 194 -49.22 -6.08 37.56
C SER B 194 -48.15 -6.94 38.23
N SER B 195 -47.17 -7.45 37.49
CA SER B 195 -46.15 -8.32 38.04
C SER B 195 -44.91 -7.57 38.52
N LEU B 196 -44.84 -6.26 38.28
CA LEU B 196 -43.66 -5.51 38.69
C LEU B 196 -43.52 -5.48 40.20
N GLY B 197 -44.63 -5.30 40.92
CA GLY B 197 -44.60 -5.22 42.36
C GLY B 197 -44.59 -6.54 43.10
N THR B 198 -44.63 -7.66 42.38
CA THR B 198 -44.67 -8.97 43.02
C THR B 198 -43.56 -9.87 42.49
N GLN B 199 -43.24 -9.76 41.21
CA GLN B 199 -42.24 -10.61 40.58
C GLN B 199 -40.93 -9.86 40.43
N THR B 200 -39.83 -10.59 40.59
CA THR B 200 -38.49 -10.02 40.57
C THR B 200 -37.77 -10.44 39.30
N TYR B 201 -37.13 -9.49 38.63
CA TYR B 201 -36.43 -9.73 37.38
C TYR B 201 -34.93 -9.43 37.58
N ILE B 202 -34.10 -10.43 37.29
CA ILE B 202 -32.63 -10.29 37.34
C ILE B 202 -32.08 -10.69 35.99
N CYS B 203 -31.08 -9.94 35.53
CA CYS B 203 -30.39 -10.24 34.27
C CYS B 203 -28.99 -10.76 34.59
N ASN B 204 -28.63 -11.89 33.98
CA ASN B 204 -27.35 -12.54 34.21
C ASN B 204 -26.43 -12.22 33.03
N VAL B 205 -25.40 -11.42 33.30
CA VAL B 205 -24.45 -10.99 32.28
C VAL B 205 -23.12 -11.71 32.54
N ASN B 206 -22.62 -12.40 31.53
CA ASN B 206 -21.38 -13.17 31.62
C ASN B 206 -20.43 -12.72 30.53
N HIS B 207 -19.15 -12.63 30.87
CA HIS B 207 -18.08 -12.27 29.93
C HIS B 207 -16.89 -13.18 30.20
N LYS B 208 -16.85 -14.31 29.50
CA LYS B 208 -15.77 -15.27 29.73
C LYS B 208 -14.38 -14.69 29.54
N PRO B 209 -14.11 -13.89 28.50
CA PRO B 209 -12.75 -13.36 28.33
C PRO B 209 -12.24 -12.61 29.56
N SER B 210 -13.10 -11.83 30.21
CA SER B 210 -12.71 -11.07 31.39
C SER B 210 -13.15 -11.75 32.69
N ASN B 211 -13.81 -12.91 32.60
CA ASN B 211 -14.26 -13.63 33.79
C ASN B 211 -15.11 -12.75 34.69
N THR B 212 -16.01 -11.98 34.08
CA THR B 212 -16.91 -11.08 34.79
C THR B 212 -18.31 -11.68 34.77
N LYS B 213 -18.89 -11.87 35.96
CA LYS B 213 -20.23 -12.41 36.10
C LYS B 213 -21.00 -11.52 37.07
N VAL B 214 -22.05 -10.86 36.57
CA VAL B 214 -22.81 -9.88 37.33
C VAL B 214 -24.29 -10.25 37.28
N ASP B 215 -24.94 -10.21 38.43
CA ASP B 215 -26.39 -10.36 38.54
C ASP B 215 -26.97 -9.02 38.96
N LYS B 216 -27.71 -8.39 38.06
CA LYS B 216 -28.29 -7.07 38.28
C LYS B 216 -29.80 -7.21 38.40
N LYS B 217 -30.36 -6.65 39.48
CA LYS B 217 -31.80 -6.70 39.72
C LYS B 217 -32.45 -5.43 39.19
N VAL B 218 -33.41 -5.59 38.29
CA VAL B 218 -34.14 -4.48 37.69
C VAL B 218 -35.51 -4.39 38.37
N GLU B 219 -35.75 -3.28 39.06
CA GLU B 219 -36.99 -3.06 39.78
C GLU B 219 -37.43 -1.62 39.56
N PRO B 220 -38.71 -1.32 39.77
CA PRO B 220 -39.18 0.06 39.59
C PRO B 220 -38.44 1.01 40.51
N LYS B 221 -38.24 2.24 40.02
CA LYS B 221 -37.56 3.25 40.81
C LYS B 221 -38.37 3.59 42.06
N SER B 222 -37.66 3.99 43.11
CA SER B 222 -38.31 4.23 44.40
C SER B 222 -39.36 5.33 44.29
N CYS B 223 -39.02 6.42 43.59
CA CYS B 223 -39.94 7.56 43.49
C CYS B 223 -41.21 7.23 42.72
N ASP B 224 -41.23 6.14 41.96
CA ASP B 224 -42.39 5.79 41.14
C ASP B 224 -43.36 4.99 41.99
N LYS B 225 -44.27 5.71 42.65
CA LYS B 225 -45.27 5.06 43.51
C LYS B 225 -46.36 4.35 42.72
N THR B 226 -46.40 4.53 41.40
CA THR B 226 -47.51 3.98 40.61
C THR B 226 -47.57 2.46 40.71
N HIS B 227 -46.42 1.80 40.84
CA HIS B 227 -46.38 0.35 40.91
C HIS B 227 -46.38 -0.17 42.35
N THR B 228 -46.47 0.72 43.34
CA THR B 228 -46.51 0.31 44.73
C THR B 228 -47.94 0.11 45.21
N SER C 1 17.75 -7.78 4.80
CA SER C 1 17.81 -6.55 5.64
C SER C 1 18.62 -5.46 4.97
N ASP C 2 18.41 -4.22 5.40
CA ASP C 2 19.14 -3.07 4.88
C ASP C 2 20.38 -2.80 5.71
N ILE C 3 21.31 -2.04 5.13
CA ILE C 3 22.52 -1.64 5.83
C ILE C 3 22.18 -0.41 6.69
N GLN C 4 22.54 -0.48 7.98
CA GLN C 4 22.10 0.47 8.98
C GLN C 4 23.24 1.43 9.32
N MET C 5 22.92 2.71 9.46
CA MET C 5 23.90 3.71 9.83
C MET C 5 23.72 4.14 11.28
N THR C 6 24.79 4.67 11.86
CA THR C 6 24.81 5.07 13.26
C THR C 6 25.70 6.28 13.43
N GLN C 7 25.42 7.06 14.48
CA GLN C 7 26.22 8.22 14.82
C GLN C 7 26.42 8.27 16.33
N SER C 8 27.51 8.92 16.74
CA SER C 8 27.78 9.16 18.15
C SER C 8 28.80 10.29 18.25
N PRO C 9 28.70 11.14 19.28
CA PRO C 9 27.70 11.17 20.35
C PRO C 9 26.38 11.79 19.90
N PHE C 10 25.34 11.68 20.72
CA PHE C 10 24.05 12.29 20.38
C PHE C 10 24.15 13.81 20.38
N SER C 11 25.02 14.38 21.21
CA SER C 11 25.24 15.82 21.24
C SER C 11 26.48 16.09 22.08
N LEU C 12 27.11 17.24 21.83
CA LEU C 12 28.31 17.62 22.56
C LEU C 12 28.38 19.14 22.63
N SER C 13 29.18 19.62 23.58
CA SER C 13 29.34 21.05 23.82
C SER C 13 30.82 21.41 23.81
N ALA C 14 31.13 22.55 23.20
CA ALA C 14 32.51 23.01 23.10
C ALA C 14 32.49 24.52 22.86
N SER C 15 33.64 25.15 23.11
CA SER C 15 33.80 26.57 22.89
C SER C 15 34.53 26.82 21.57
N VAL C 16 34.69 28.09 21.22
CA VAL C 16 35.44 28.45 20.02
C VAL C 16 36.89 28.02 20.20
N GLY C 17 37.46 27.43 19.15
CA GLY C 17 38.85 26.99 19.18
C GLY C 17 39.05 25.55 19.61
N ASP C 18 38.01 24.85 20.02
CA ASP C 18 38.15 23.45 20.40
C ASP C 18 38.21 22.56 19.15
N ARG C 19 38.70 21.35 19.34
CA ARG C 19 38.69 20.32 18.30
C ARG C 19 37.61 19.30 18.61
N VAL C 20 36.75 19.04 17.63
CA VAL C 20 35.59 18.17 17.78
C VAL C 20 35.67 17.07 16.73
N THR C 21 35.37 15.84 17.14
CA THR C 21 35.38 14.70 16.22
C THR C 21 34.11 13.90 16.41
N ILE C 22 33.53 13.44 15.31
CA ILE C 22 32.28 12.69 15.30
C ILE C 22 32.49 11.43 14.48
N THR C 23 31.94 10.31 14.95
CA THR C 23 32.12 9.01 14.32
C THR C 23 30.80 8.53 13.73
N CYS C 24 30.79 8.24 12.44
CA CYS C 24 29.70 7.54 11.77
C CYS C 24 30.10 6.08 11.55
N ARG C 25 29.11 5.27 11.17
CA ARG C 25 29.36 3.84 11.01
C ARG C 25 28.37 3.28 9.98
N ALA C 26 28.73 2.13 9.41
CA ALA C 26 27.86 1.38 8.53
C ALA C 26 27.88 -0.09 8.94
N SER C 27 26.73 -0.75 8.78
CA SER C 27 26.59 -2.12 9.25
C SER C 27 27.30 -3.14 8.36
N GLN C 28 27.62 -2.78 7.12
CA GLN C 28 28.38 -3.69 6.27
C GLN C 28 29.16 -2.88 5.23
N SER C 29 30.06 -3.58 4.55
CA SER C 29 30.96 -2.95 3.59
C SER C 29 30.17 -2.16 2.54
N ILE C 30 30.45 -0.85 2.48
CA ILE C 30 29.84 0.03 1.49
C ILE C 30 30.91 0.67 0.61
N SER C 31 32.09 0.05 0.54
CA SER C 31 33.27 0.68 -0.07
C SER C 31 33.55 2.02 0.60
N SER C 32 33.35 3.12 -0.13
CA SER C 32 33.63 4.44 0.45
C SER C 32 32.61 5.49 0.01
N HIS C 33 31.37 5.08 -0.27
CA HIS C 33 30.31 6.01 -0.64
C HIS C 33 29.61 6.54 0.62
N LEU C 34 30.29 7.45 1.30
CA LEU C 34 29.79 8.06 2.53
C LEU C 34 29.80 9.57 2.37
N ASN C 35 28.73 10.23 2.83
CA ASN C 35 28.56 11.67 2.68
C ASN C 35 28.24 12.29 4.04
N TRP C 36 28.40 13.62 4.12
CA TRP C 36 28.12 14.38 5.33
C TRP C 36 27.31 15.62 4.99
N TYR C 37 26.33 15.93 5.83
CA TYR C 37 25.49 17.11 5.68
C TYR C 37 25.38 17.86 7.00
N GLN C 38 25.19 19.18 6.89
CA GLN C 38 24.96 20.04 8.04
C GLN C 38 23.57 20.66 7.92
N GLN C 39 22.80 20.60 9.00
CA GLN C 39 21.44 21.12 9.03
C GLN C 39 21.28 22.05 10.22
N LYS C 40 21.18 23.36 9.95
CA LYS C 40 20.78 24.30 10.98
C LYS C 40 19.26 24.28 11.14
N PRO C 41 18.74 24.61 12.32
CA PRO C 41 17.30 24.50 12.54
C PRO C 41 16.51 25.31 11.52
N GLY C 42 15.42 24.72 11.04
CA GLY C 42 14.54 25.40 10.11
C GLY C 42 15.07 25.55 8.71
N LYS C 43 16.00 24.70 8.28
CA LYS C 43 16.60 24.81 6.96
C LYS C 43 16.84 23.42 6.39
N ALA C 44 17.07 23.38 5.08
CA ALA C 44 17.40 22.12 4.43
C ALA C 44 18.86 21.76 4.69
N PRO C 45 19.20 20.47 4.67
CA PRO C 45 20.60 20.07 4.90
C PRO C 45 21.53 20.65 3.83
N LYS C 46 22.77 20.88 4.23
CA LYS C 46 23.80 21.40 3.34
C LYS C 46 24.87 20.33 3.15
N PHE C 47 25.48 20.31 1.96
CA PHE C 47 26.39 19.24 1.58
C PHE C 47 27.85 19.65 1.79
N LEU C 48 28.58 18.82 2.54
CA LEU C 48 29.95 19.15 2.95
C LEU C 48 30.99 18.22 2.35
N ILE C 49 30.87 16.91 2.55
CA ILE C 49 31.94 15.97 2.23
C ILE C 49 31.34 14.74 1.55
N TYR C 50 32.10 14.19 0.60
CA TYR C 50 31.73 12.95 -0.08
C TYR C 50 32.99 12.10 -0.24
N ALA C 51 32.77 10.82 -0.53
CA ALA C 51 33.86 9.86 -0.73
C ALA C 51 34.68 9.67 0.55
N ALA C 52 34.18 10.20 1.67
CA ALA C 52 34.76 9.96 2.98
C ALA C 52 36.08 10.70 3.16
N SER C 53 36.58 11.36 2.10
CA SER C 53 37.79 12.16 2.23
C SER C 53 37.84 13.36 1.30
N SER C 54 36.81 13.63 0.51
CA SER C 54 36.82 14.70 -0.47
C SER C 54 35.95 15.85 0.01
N LEU C 55 36.45 17.08 -0.16
CA LEU C 55 35.79 18.27 0.36
C LEU C 55 35.07 18.98 -0.79
N GLN C 56 33.77 19.21 -0.61
CA GLN C 56 32.97 19.89 -1.62
C GLN C 56 33.47 21.32 -1.81
N SER C 57 33.30 21.82 -3.03
CA SER C 57 33.68 23.19 -3.35
C SER C 57 32.98 24.17 -2.40
N GLY C 58 33.77 25.07 -1.82
CA GLY C 58 33.25 26.12 -0.97
C GLY C 58 33.25 25.79 0.51
N VAL C 59 33.42 24.54 0.88
CA VAL C 59 33.43 24.17 2.30
C VAL C 59 34.68 24.73 2.96
N PRO C 60 34.61 25.23 4.20
CA PRO C 60 35.83 25.69 4.88
C PRO C 60 36.86 24.58 5.01
N SER C 61 38.13 24.97 4.91
CA SER C 61 39.23 24.01 4.95
C SER C 61 39.36 23.31 6.30
N ARG C 62 38.69 23.81 7.33
CA ARG C 62 38.80 23.20 8.66
C ARG C 62 38.02 21.90 8.78
N PHE C 63 37.21 21.54 7.80
CA PHE C 63 36.49 20.28 7.80
C PHE C 63 37.31 19.21 7.09
N SER C 64 37.33 18.00 7.65
CA SER C 64 38.04 16.88 7.02
C SER C 64 37.44 15.58 7.51
N GLY C 65 37.55 14.55 6.68
CA GLY C 65 36.98 13.24 6.98
C GLY C 65 37.99 12.12 6.74
N SER C 66 37.74 11.00 7.40
CA SER C 66 38.61 9.83 7.30
C SER C 66 37.82 8.61 7.73
N GLY C 67 38.34 7.45 7.38
CA GLY C 67 37.70 6.20 7.78
C GLY C 67 38.17 5.04 6.94
N SER C 68 37.84 3.84 7.41
CA SER C 68 38.18 2.61 6.70
C SER C 68 37.34 1.48 7.28
N GLY C 69 36.95 0.56 6.41
CA GLY C 69 36.12 -0.56 6.85
C GLY C 69 34.74 -0.07 7.25
N THR C 70 34.32 -0.44 8.46
CA THR C 70 32.98 -0.12 8.95
C THR C 70 32.93 1.17 9.76
N ASP C 71 34.05 1.88 9.93
CA ASP C 71 34.10 3.05 10.78
C ASP C 71 34.59 4.26 9.98
N PHE C 72 33.96 5.41 10.22
CA PHE C 72 34.27 6.65 9.54
C PHE C 72 34.22 7.78 10.56
N THR C 73 34.86 8.91 10.22
CA THR C 73 35.01 10.01 11.17
C THR C 73 34.98 11.35 10.45
N LEU C 74 34.49 12.37 11.14
CA LEU C 74 34.55 13.75 10.70
C LEU C 74 35.22 14.58 11.80
N THR C 75 35.95 15.61 11.41
CA THR C 75 36.72 16.40 12.35
C THR C 75 36.66 17.89 12.00
N ILE C 76 36.64 18.72 13.04
CA ILE C 76 36.71 20.17 12.91
C ILE C 76 37.88 20.64 13.78
N SER C 77 38.77 21.44 13.18
CA SER C 77 39.99 21.82 13.88
C SER C 77 39.74 22.97 14.86
N SER C 78 39.14 24.06 14.39
CA SER C 78 38.90 25.24 15.21
C SER C 78 37.42 25.62 15.09
N LEU C 79 36.67 25.34 16.15
CA LEU C 79 35.24 25.64 16.15
C LEU C 79 35.02 27.14 15.99
N GLN C 80 34.05 27.49 15.16
CA GLN C 80 33.69 28.88 14.88
C GLN C 80 32.26 29.15 15.29
N PRO C 81 31.91 30.40 15.62
CA PRO C 81 30.56 30.66 16.13
C PRO C 81 29.45 30.20 15.21
N GLU C 82 29.63 30.33 13.90
CA GLU C 82 28.59 29.98 12.94
C GLU C 82 28.60 28.51 12.55
N ASP C 83 29.13 27.63 13.40
CA ASP C 83 29.16 26.20 13.14
C ASP C 83 28.25 25.41 14.08
N PHE C 84 27.20 26.04 14.60
CA PHE C 84 26.22 25.36 15.44
C PHE C 84 25.12 24.77 14.57
N ALA C 85 24.97 23.45 14.61
CA ALA C 85 23.98 22.77 13.78
C ALA C 85 23.96 21.29 14.16
N THR C 86 23.22 20.51 13.37
CA THR C 86 23.21 19.06 13.47
C THR C 86 23.87 18.46 12.23
N TYR C 87 24.42 17.26 12.38
CA TYR C 87 25.23 16.64 11.33
C TYR C 87 24.72 15.23 11.04
N TYR C 88 24.61 14.90 9.76
CA TYR C 88 24.12 13.60 9.31
C TYR C 88 25.13 12.97 8.34
N CYS C 89 25.27 11.66 8.41
CA CYS C 89 25.98 10.90 7.38
C CYS C 89 24.98 10.08 6.57
N GLN C 90 25.35 9.82 5.32
CA GLN C 90 24.41 9.22 4.36
C GLN C 90 25.17 8.34 3.37
N GLN C 91 24.52 7.26 2.96
CA GLN C 91 25.05 6.34 1.97
C GLN C 91 24.60 6.71 0.56
N SER C 92 25.28 6.14 -0.43
CA SER C 92 24.84 6.19 -1.82
C SER C 92 25.19 4.90 -2.55
N TYR C 93 25.42 3.81 -1.83
CA TYR C 93 25.87 2.57 -2.46
C TYR C 93 24.72 1.87 -3.17
N SER C 94 23.70 1.44 -2.42
CA SER C 94 22.58 0.71 -2.98
C SER C 94 21.30 1.14 -2.28
N THR C 95 20.17 0.92 -2.95
CA THR C 95 18.88 1.24 -2.38
C THR C 95 18.45 0.16 -1.38
N PRO C 96 17.68 0.53 -0.35
CA PRO C 96 17.22 1.89 0.00
C PRO C 96 18.33 2.74 0.61
N TYR C 97 18.39 4.01 0.24
CA TYR C 97 19.40 4.89 0.82
C TYR C 97 19.00 5.28 2.24
N THR C 98 20.01 5.43 3.11
CA THR C 98 19.78 5.62 4.53
C THR C 98 20.55 6.83 5.04
N PHE C 99 20.07 7.37 6.16
CA PHE C 99 20.71 8.46 6.88
C PHE C 99 21.07 7.99 8.28
N GLY C 100 21.73 8.88 9.03
CA GLY C 100 22.01 8.63 10.44
C GLY C 100 21.05 9.37 11.34
N GLN C 101 21.11 9.02 12.64
CA GLN C 101 20.22 9.66 13.61
C GLN C 101 20.56 11.13 13.78
N GLY C 102 21.83 11.45 14.00
CA GLY C 102 22.28 12.83 14.08
C GLY C 102 23.05 13.11 15.35
N THR C 103 23.66 14.30 15.37
CA THR C 103 24.43 14.78 16.50
C THR C 103 24.34 16.30 16.54
N LYS C 104 24.04 16.84 17.72
CA LYS C 104 23.80 18.27 17.89
C LYS C 104 25.01 18.93 18.52
N VAL C 105 25.44 20.06 17.95
CA VAL C 105 26.51 20.87 18.51
C VAL C 105 25.89 21.87 19.47
N GLU C 106 26.57 22.12 20.59
CA GLU C 106 26.03 22.93 21.67
C GLU C 106 26.97 24.08 22.01
N ILE C 107 26.38 25.15 22.52
CA ILE C 107 27.18 26.28 23.03
C ILE C 107 27.70 25.94 24.42
N LYS C 108 28.67 26.73 24.88
CA LYS C 108 29.34 26.47 26.14
C LYS C 108 29.06 27.52 27.20
N ARG C 109 27.92 28.20 27.14
CA ARG C 109 27.52 29.09 28.22
C ARG C 109 26.01 29.03 28.43
N THR C 110 24.57 27.86 32.25
CA THR C 110 23.47 26.93 31.88
C THR C 110 22.36 26.91 32.93
N VAL C 111 22.66 26.37 34.11
CA VAL C 111 21.68 26.28 35.19
C VAL C 111 21.77 27.58 35.98
N ALA C 112 21.05 28.60 35.53
CA ALA C 112 21.06 29.88 36.23
C ALA C 112 20.45 29.74 37.63
N ALA C 113 19.25 29.18 37.71
CA ALA C 113 18.58 29.03 39.00
C ALA C 113 17.52 27.93 38.94
N PRO C 114 17.82 26.72 39.43
CA PRO C 114 16.78 25.68 39.46
C PRO C 114 15.59 26.13 40.29
N SER C 115 14.40 25.72 39.85
CA SER C 115 13.16 26.04 40.55
C SER C 115 12.16 24.94 40.32
N VAL C 116 11.33 24.67 41.34
CA VAL C 116 10.33 23.61 41.29
C VAL C 116 9.00 24.20 41.75
N PHE C 117 7.94 23.93 41.00
CA PHE C 117 6.61 24.44 41.32
C PHE C 117 5.58 23.37 40.97
N ILE C 118 4.42 23.46 41.62
CA ILE C 118 3.30 22.57 41.37
C ILE C 118 2.02 23.38 41.44
N PHE C 119 1.09 23.09 40.52
CA PHE C 119 -0.16 23.85 40.40
C PHE C 119 -1.34 22.90 40.48
N PRO C 120 -2.21 23.03 41.48
CA PRO C 120 -3.42 22.19 41.50
C PRO C 120 -4.34 22.54 40.36
N PRO C 121 -5.17 21.60 39.90
CA PRO C 121 -6.10 21.91 38.81
C PRO C 121 -7.07 23.01 39.20
N SER C 122 -7.38 23.87 38.23
CA SER C 122 -8.33 24.95 38.46
C SER C 122 -9.75 24.42 38.51
N ASP C 123 -10.62 25.17 39.19
CA ASP C 123 -12.02 24.75 39.33
C ASP C 123 -12.74 24.76 37.99
N GLU C 124 -12.42 25.74 37.13
CA GLU C 124 -13.07 25.79 35.82
C GLU C 124 -12.84 24.50 35.04
N GLN C 125 -11.60 24.02 35.03
CA GLN C 125 -11.30 22.78 34.33
C GLN C 125 -12.04 21.60 34.98
N LEU C 126 -12.20 21.65 36.30
CA LEU C 126 -12.94 20.59 36.97
C LEU C 126 -14.39 20.54 36.51
N LYS C 127 -15.01 21.71 36.29
CA LYS C 127 -16.39 21.73 35.84
C LYS C 127 -16.57 20.96 34.54
N SER C 128 -15.51 20.85 33.73
CA SER C 128 -15.58 20.10 32.49
C SER C 128 -15.42 18.59 32.71
N GLY C 129 -15.01 18.17 33.89
CA GLY C 129 -14.86 16.76 34.19
C GLY C 129 -13.45 16.21 34.10
N THR C 130 -12.44 17.05 33.91
CA THR C 130 -11.07 16.61 33.80
C THR C 130 -10.18 17.50 34.68
N ALA C 131 -9.12 16.91 35.20
CA ALA C 131 -8.17 17.60 36.07
C ALA C 131 -6.76 17.39 35.57
N SER C 132 -5.99 18.47 35.48
CA SER C 132 -4.60 18.43 35.06
C SER C 132 -3.71 19.00 36.16
N VAL C 133 -2.69 18.26 36.55
CA VAL C 133 -1.72 18.67 37.56
C VAL C 133 -0.42 19.01 36.85
N VAL C 134 0.13 20.19 37.13
CA VAL C 134 1.28 20.72 36.42
C VAL C 134 2.45 20.82 37.39
N CYS C 135 3.60 20.29 36.97
CA CYS C 135 4.86 20.41 37.70
C CYS C 135 5.85 21.13 36.80
N LEU C 136 6.48 22.18 37.33
CA LEU C 136 7.33 23.07 36.55
C LEU C 136 8.76 23.02 37.06
N LEU C 137 9.70 22.76 36.15
CA LEU C 137 11.13 22.84 36.43
C LEU C 137 11.70 23.97 35.58
N ASN C 138 12.10 25.05 36.23
CA ASN C 138 12.52 26.27 35.54
C ASN C 138 14.01 26.51 35.74
N ASN C 139 14.70 26.83 34.66
CA ASN C 139 16.10 27.24 34.70
C ASN C 139 16.97 26.17 35.37
N PHE C 140 17.05 25.02 34.70
CA PHE C 140 17.84 23.89 35.19
C PHE C 140 18.68 23.33 34.05
N TYR C 141 19.75 22.63 34.42
CA TYR C 141 20.64 21.99 33.47
C TYR C 141 21.40 20.89 34.19
N PRO C 142 21.76 19.79 33.50
CA PRO C 142 21.48 19.45 32.10
C PRO C 142 20.07 18.93 31.89
N ARG C 143 19.66 18.75 30.63
CA ARG C 143 18.30 18.34 30.31
C ARG C 143 17.93 17.00 30.94
N GLU C 144 18.92 16.20 31.33
CA GLU C 144 18.63 14.91 31.93
C GLU C 144 18.00 15.12 33.30
N ALA C 145 16.68 14.97 33.39
CA ALA C 145 15.96 15.20 34.63
C ALA C 145 14.76 14.26 34.67
N LYS C 146 14.50 13.71 35.86
CA LYS C 146 13.47 12.70 36.05
C LYS C 146 12.39 13.28 36.95
N VAL C 147 11.15 13.24 36.47
CA VAL C 147 10.00 13.73 37.23
C VAL C 147 9.05 12.55 37.43
N GLN C 148 8.74 12.25 38.68
CA GLN C 148 7.87 11.14 39.04
C GLN C 148 6.63 11.68 39.75
N TRP C 149 5.46 11.29 39.25
CA TRP C 149 4.20 11.72 39.83
C TRP C 149 3.76 10.72 40.88
N LYS C 150 3.51 11.21 42.10
CA LYS C 150 3.11 10.39 43.24
C LYS C 150 1.77 10.89 43.73
N VAL C 151 0.79 9.99 43.83
CA VAL C 151 -0.52 10.30 44.39
C VAL C 151 -0.75 9.38 45.58
N ASP C 152 -1.05 9.97 46.73
CA ASP C 152 -1.32 9.22 47.95
C ASP C 152 -0.24 8.16 48.19
N ASN C 153 1.02 8.56 47.96
CA ASN C 153 2.19 7.69 48.12
C ASN C 153 2.25 6.62 47.02
N ALA C 154 1.28 6.57 46.10
CA ALA C 154 1.29 5.60 45.03
C ALA C 154 1.96 6.22 43.81
N LEU C 155 2.93 5.52 43.24
CA LEU C 155 3.62 5.99 42.04
C LEU C 155 2.69 5.92 40.83
N GLN C 156 2.85 6.88 39.92
CA GLN C 156 2.03 6.98 38.73
C GLN C 156 2.87 6.66 37.49
N SER C 157 2.26 5.95 36.55
CA SER C 157 2.94 5.56 35.32
C SER C 157 1.92 5.53 34.18
N GLY C 158 2.31 6.10 33.03
CA GLY C 158 1.46 6.04 31.85
C GLY C 158 0.33 7.04 31.81
N ASN C 159 0.33 8.05 32.69
CA ASN C 159 -0.74 9.04 32.71
C ASN C 159 -0.20 10.47 32.72
N SER C 160 1.06 10.67 32.32
CA SER C 160 1.66 12.00 32.33
C SER C 160 2.43 12.22 31.04
N GLN C 161 2.53 13.49 30.64
CA GLN C 161 3.24 13.91 29.45
C GLN C 161 4.14 15.08 29.77
N GLU C 162 5.31 15.12 29.12
CA GLU C 162 6.33 16.12 29.41
C GLU C 162 6.73 16.85 28.14
N SER C 163 7.09 18.12 28.31
CA SER C 163 7.56 18.97 27.22
C SER C 163 8.78 19.75 27.67
N VAL C 164 9.74 19.91 26.76
CA VAL C 164 11.01 20.58 27.06
C VAL C 164 11.21 21.69 26.04
N THR C 165 11.57 22.88 26.54
CA THR C 165 11.82 24.02 25.67
C THR C 165 13.24 23.95 25.08
N GLU C 166 13.51 24.85 24.14
CA GLU C 166 14.84 24.94 23.56
C GLU C 166 15.80 25.65 24.52
N GLN C 167 17.10 25.56 24.20
CA GLN C 167 18.11 26.24 24.99
C GLN C 167 17.84 27.74 25.05
N ASP C 168 17.89 28.30 26.25
CA ASP C 168 17.71 29.73 26.41
C ASP C 168 18.89 30.48 25.79
N SER C 169 18.59 31.52 25.03
CA SER C 169 19.62 32.27 24.32
C SER C 169 20.45 33.17 25.23
N LYS C 170 20.03 33.38 26.48
CA LYS C 170 20.73 34.28 27.39
C LYS C 170 21.59 33.55 28.40
N ASP C 171 21.01 32.60 29.15
CA ASP C 171 21.74 31.85 30.18
C ASP C 171 21.84 30.36 29.87
N SER C 172 21.34 29.92 28.72
CA SER C 172 21.41 28.51 28.32
C SER C 172 20.68 27.61 29.32
N THR C 173 19.54 28.08 29.80
CA THR C 173 18.69 27.29 30.68
C THR C 173 17.78 26.37 29.87
N TYR C 174 17.08 25.49 30.58
CA TYR C 174 16.08 24.60 29.99
C TYR C 174 14.89 24.49 30.94
N SER C 175 13.69 24.49 30.36
CA SER C 175 12.45 24.41 31.12
C SER C 175 11.71 23.13 30.74
N LEU C 176 11.26 22.40 31.76
CA LEU C 176 10.51 21.16 31.57
C LEU C 176 9.18 21.28 32.29
N SER C 177 8.10 20.92 31.59
CA SER C 177 6.75 20.96 32.14
C SER C 177 6.11 19.59 31.96
N SER C 178 5.68 18.98 33.06
CA SER C 178 5.02 17.68 33.04
C SER C 178 3.59 17.84 33.51
N THR C 179 2.65 17.34 32.72
CA THR C 179 1.23 17.45 33.01
C THR C 179 0.65 16.07 33.31
N LEU C 180 -0.02 15.95 34.45
CA LEU C 180 -0.70 14.72 34.86
C LEU C 180 -2.19 14.90 34.64
N THR C 181 -2.78 14.02 33.83
CA THR C 181 -4.19 14.11 33.46
C THR C 181 -4.97 13.00 34.14
N LEU C 182 -6.02 13.37 34.87
CA LEU C 182 -6.88 12.42 35.55
C LEU C 182 -8.33 12.86 35.39
N SER C 183 -9.23 11.89 35.39
CA SER C 183 -10.65 12.20 35.34
C SER C 183 -11.10 12.86 36.64
N LYS C 184 -12.18 13.62 36.56
CA LYS C 184 -12.67 14.32 37.75
C LYS C 184 -13.04 13.34 38.84
N ALA C 185 -13.71 12.24 38.48
CA ALA C 185 -14.02 11.22 39.48
C ALA C 185 -12.76 10.69 40.13
N ASP C 186 -11.72 10.42 39.34
CA ASP C 186 -10.46 9.97 39.89
C ASP C 186 -9.82 11.03 40.78
N TYR C 187 -9.90 12.31 40.37
CA TYR C 187 -9.25 13.37 41.12
C TYR C 187 -9.82 13.51 42.52
N GLU C 188 -11.10 13.16 42.71
CA GLU C 188 -11.72 13.28 44.02
C GLU C 188 -11.41 12.10 44.94
N LYS C 189 -10.87 11.01 44.41
CA LYS C 189 -10.58 9.83 45.20
C LYS C 189 -9.27 9.92 45.98
N HIS C 190 -8.43 10.89 45.66
CA HIS C 190 -7.12 11.05 46.29
C HIS C 190 -7.04 12.41 46.96
N LYS C 191 -6.18 12.49 47.98
CA LYS C 191 -6.08 13.68 48.83
C LYS C 191 -4.76 14.41 48.68
N VAL C 192 -3.66 13.71 48.47
CA VAL C 192 -2.33 14.32 48.36
C VAL C 192 -1.79 14.05 46.97
N TYR C 193 -1.44 15.12 46.26
CA TYR C 193 -0.81 15.05 44.94
C TYR C 193 0.56 15.68 45.01
N ALA C 194 1.57 14.96 44.55
CA ALA C 194 2.95 15.41 44.61
C ALA C 194 3.68 15.06 43.33
N CYS C 195 4.60 15.93 42.91
CA CYS C 195 5.51 15.65 41.82
C CYS C 195 6.94 15.71 42.36
N GLU C 196 7.69 14.63 42.14
CA GLU C 196 9.05 14.51 42.63
C GLU C 196 10.02 14.72 41.48
N VAL C 197 10.98 15.61 41.67
CA VAL C 197 11.97 15.95 40.65
C VAL C 197 13.32 15.37 41.08
N THR C 198 13.87 14.49 40.25
CA THR C 198 15.18 13.90 40.49
C THR C 198 16.12 14.41 39.41
N HIS C 199 17.01 15.32 39.79
CA HIS C 199 17.93 15.95 38.85
C HIS C 199 19.27 16.10 39.54
N GLN C 200 20.34 16.07 38.75
CA GLN C 200 21.68 16.13 39.32
C GLN C 200 21.88 17.41 40.13
N GLY C 201 21.33 18.53 39.67
CA GLY C 201 21.44 19.76 40.44
C GLY C 201 20.84 19.66 41.82
N LEU C 202 19.98 18.69 42.05
CA LEU C 202 19.40 18.41 43.36
C LEU C 202 20.06 17.14 43.90
N SER C 203 20.67 17.25 45.08
CA SER C 203 21.34 16.10 45.67
C SER C 203 20.34 15.00 45.99
N SER C 204 19.25 15.37 46.67
CA SER C 204 18.18 14.46 47.03
C SER C 204 16.90 14.89 46.33
N PRO C 205 15.97 13.97 46.06
CA PRO C 205 14.76 14.37 45.32
C PRO C 205 14.01 15.44 46.09
N VAL C 206 13.71 16.54 45.40
CA VAL C 206 12.91 17.61 45.95
C VAL C 206 11.46 17.28 45.65
N THR C 207 10.64 17.23 46.70
CA THR C 207 9.23 16.87 46.56
C THR C 207 8.39 18.11 46.81
N LYS C 208 7.55 18.46 45.85
CA LYS C 208 6.57 19.52 45.98
C LYS C 208 5.18 18.89 45.89
N SER C 209 4.34 19.15 46.89
CA SER C 209 3.04 18.50 46.99
C SER C 209 1.99 19.51 47.43
N PHE C 210 0.75 19.21 47.09
CA PHE C 210 -0.40 19.96 47.55
C PHE C 210 -1.48 18.99 47.99
N ASN C 211 -2.32 19.42 48.93
CA ASN C 211 -3.36 18.59 49.51
C ASN C 211 -4.72 19.01 48.97
N ARG C 212 -5.45 18.05 48.40
CA ARG C 212 -6.76 18.33 47.85
C ARG C 212 -7.67 18.92 48.92
N GLY C 213 -8.34 20.01 48.58
CA GLY C 213 -9.22 20.69 49.50
C GLY C 213 -8.54 21.70 50.41
N GLU C 214 -7.22 21.84 50.33
CA GLU C 214 -6.48 22.78 51.15
C GLU C 214 -5.81 23.82 50.27
N CYS C 215 -5.81 25.06 50.74
CA CYS C 215 -5.13 26.15 50.06
C CYS C 215 -3.74 26.34 50.67
N SER D 1 22.69 29.27 -15.68
CA SER D 1 21.48 29.52 -14.84
C SER D 1 21.64 28.91 -13.45
N GLU D 2 20.84 29.39 -12.50
CA GLU D 2 20.92 28.93 -11.13
C GLU D 2 20.10 27.67 -10.94
N VAL D 3 20.67 26.69 -10.25
CA VAL D 3 20.00 25.43 -9.98
C VAL D 3 19.02 25.61 -8.82
N GLN D 4 17.75 25.80 -9.14
CA GLN D 4 16.70 25.99 -8.15
C GLN D 4 15.67 24.86 -8.25
N LEU D 5 15.30 24.30 -7.11
CA LEU D 5 14.19 23.36 -7.02
C LEU D 5 13.08 24.01 -6.24
N VAL D 6 11.90 24.12 -6.86
CA VAL D 6 10.74 24.79 -6.27
C VAL D 6 9.62 23.76 -6.16
N GLU D 7 8.99 23.70 -4.99
CA GLU D 7 7.95 22.72 -4.71
C GLU D 7 6.65 23.43 -4.35
N SER D 8 5.54 22.75 -4.63
CA SER D 8 4.22 23.27 -4.29
C SER D 8 3.23 22.12 -4.29
N GLY D 9 2.03 22.40 -3.78
CA GLY D 9 0.94 21.44 -3.77
C GLY D 9 0.59 20.88 -2.41
N GLY D 10 1.25 21.32 -1.34
CA GLY D 10 0.92 20.84 -0.02
C GLY D 10 -0.35 21.47 0.53
N GLY D 11 -0.81 20.93 1.66
CA GLY D 11 -2.01 21.44 2.27
C GLY D 11 -2.54 20.48 3.32
N LEU D 12 -3.83 20.58 3.58
CA LEU D 12 -4.50 19.79 4.61
C LEU D 12 -5.48 18.83 3.95
N ILE D 13 -5.52 17.60 4.46
CA ILE D 13 -6.27 16.51 3.82
C ILE D 13 -6.75 15.57 4.90
N GLN D 14 -7.90 14.89 4.64
CA GLN D 14 -8.48 13.94 5.58
C GLN D 14 -7.93 12.55 5.34
N PRO D 15 -7.96 11.68 6.35
CA PRO D 15 -7.48 10.30 6.15
C PRO D 15 -8.26 9.61 5.04
N GLY D 16 -7.52 8.92 4.17
CA GLY D 16 -8.11 8.27 3.02
C GLY D 16 -8.20 9.14 1.77
N GLY D 17 -7.70 10.36 1.81
CA GLY D 17 -7.73 11.23 0.66
C GLY D 17 -6.57 10.97 -0.29
N SER D 18 -6.40 11.89 -1.24
CA SER D 18 -5.35 11.80 -2.23
C SER D 18 -4.80 13.19 -2.52
N LEU D 19 -3.51 13.23 -2.88
CA LEU D 19 -2.85 14.50 -3.19
C LEU D 19 -1.75 14.25 -4.20
N ARG D 20 -1.32 15.33 -4.86
CA ARG D 20 -0.33 15.27 -5.93
C ARG D 20 0.63 16.44 -5.76
N LEU D 21 1.89 16.16 -5.46
CA LEU D 21 2.91 17.19 -5.28
C LEU D 21 3.66 17.43 -6.59
N SER D 22 4.09 18.66 -6.79
CA SER D 22 4.86 19.06 -7.96
C SER D 22 6.21 19.63 -7.52
N CYS D 23 7.28 19.10 -8.08
CA CYS D 23 8.63 19.62 -7.89
C CYS D 23 9.15 20.08 -9.24
N ALA D 24 9.25 21.40 -9.43
CA ALA D 24 9.69 21.97 -10.69
C ALA D 24 11.18 22.22 -10.65
N ALA D 25 11.92 21.54 -11.53
CA ALA D 25 13.36 21.74 -11.62
C ALA D 25 13.67 22.87 -12.61
N SER D 26 14.78 23.54 -12.38
CA SER D 26 15.21 24.64 -13.24
C SER D 26 16.72 24.60 -13.38
N GLY D 27 17.20 25.15 -14.50
CA GLY D 27 18.62 25.17 -14.79
C GLY D 27 19.20 23.85 -15.27
N PHE D 28 18.41 22.79 -15.30
CA PHE D 28 18.88 21.49 -15.76
C PHE D 28 17.67 20.65 -16.12
N THR D 29 17.92 19.56 -16.85
CA THR D 29 16.88 18.66 -17.31
C THR D 29 16.77 17.47 -16.37
N VAL D 30 15.53 17.13 -15.99
CA VAL D 30 15.29 15.99 -15.12
C VAL D 30 15.55 14.66 -15.80
N SER D 31 15.75 14.67 -17.12
CA SER D 31 15.87 13.42 -17.88
C SER D 31 17.21 12.73 -17.63
N SER D 32 18.29 13.50 -17.55
CA SER D 32 19.63 12.93 -17.49
C SER D 32 20.08 12.60 -16.07
N ASN D 33 19.60 13.34 -15.07
CA ASN D 33 20.01 13.09 -13.70
C ASN D 33 19.01 12.18 -12.99
N TYR D 34 19.50 11.44 -12.01
CA TYR D 34 18.61 10.74 -11.10
C TYR D 34 17.91 11.74 -10.20
N MET D 35 16.66 11.44 -9.85
CA MET D 35 15.85 12.33 -9.03
C MET D 35 15.17 11.53 -7.93
N SER D 36 14.87 12.20 -6.82
CA SER D 36 14.39 11.51 -5.63
C SER D 36 13.56 12.47 -4.78
N TRP D 37 12.81 11.89 -3.84
CA TRP D 37 12.00 12.63 -2.88
C TRP D 37 12.43 12.25 -1.46
N VAL D 38 12.51 13.25 -0.58
CA VAL D 38 12.93 13.05 0.80
C VAL D 38 12.02 13.88 1.69
N ARG D 39 11.70 13.35 2.87
CA ARG D 39 10.79 14.01 3.80
C ARG D 39 11.38 14.02 5.20
N GLN D 40 10.90 14.96 6.01
CA GLN D 40 11.32 15.10 7.41
C GLN D 40 10.08 15.35 8.27
N ALA D 41 9.82 14.46 9.21
CA ALA D 41 8.69 14.62 10.10
C ALA D 41 9.02 15.63 11.19
N PRO D 42 7.99 16.26 11.79
CA PRO D 42 8.26 17.24 12.86
C PRO D 42 9.09 16.68 14.00
N GLY D 43 10.27 17.27 14.21
CA GLY D 43 11.12 16.89 15.32
C GLY D 43 11.80 15.55 15.16
N LYS D 44 11.92 15.04 13.93
CA LYS D 44 12.51 13.74 13.67
C LYS D 44 13.67 13.89 12.69
N GLY D 45 14.24 12.76 12.29
CA GLY D 45 15.38 12.75 11.38
C GLY D 45 14.99 12.91 9.92
N LEU D 46 15.68 12.20 9.03
CA LEU D 46 15.46 12.28 7.59
C LEU D 46 15.13 10.90 7.05
N GLU D 47 14.27 10.86 6.03
CA GLU D 47 13.80 9.62 5.43
C GLU D 47 13.74 9.76 3.92
N TRP D 48 14.21 8.75 3.21
CA TRP D 48 14.17 8.73 1.75
C TRP D 48 12.90 8.06 1.27
N VAL D 49 12.27 8.64 0.24
CA VAL D 49 10.96 8.18 -0.23
C VAL D 49 11.09 7.33 -1.48
N SER D 50 11.59 7.92 -2.57
CA SER D 50 11.59 7.23 -3.86
C SER D 50 12.65 7.84 -4.77
N VAL D 51 12.96 7.10 -5.83
CA VAL D 51 13.95 7.53 -6.83
C VAL D 51 13.48 7.08 -8.21
N ILE D 52 13.85 7.86 -9.22
CA ILE D 52 13.62 7.49 -10.62
C ILE D 52 14.93 7.69 -11.38
N TYR D 53 15.41 6.62 -12.02
CA TYR D 53 16.67 6.69 -12.75
C TYR D 53 16.51 7.53 -14.02
N SER D 54 17.66 7.85 -14.62
CA SER D 54 17.65 8.56 -15.90
C SER D 54 17.16 7.65 -17.01
N GLY D 55 17.19 6.33 -16.81
CA GLY D 55 16.68 5.38 -17.78
C GLY D 55 15.19 5.08 -17.68
N GLY D 56 14.52 5.61 -16.64
CA GLY D 56 13.11 5.37 -16.44
C GLY D 56 12.77 4.40 -15.33
N SER D 57 13.76 3.69 -14.78
CA SER D 57 13.50 2.77 -13.68
C SER D 57 13.15 3.55 -12.41
N THR D 58 12.32 2.95 -11.57
CA THR D 58 11.84 3.59 -10.35
C THR D 58 11.93 2.62 -9.18
N TYR D 59 12.15 3.17 -7.99
CA TYR D 59 12.19 2.39 -6.76
C TYR D 59 11.51 3.19 -5.65
N TYR D 60 10.99 2.46 -4.66
CA TYR D 60 10.24 3.05 -3.55
C TYR D 60 10.65 2.41 -2.24
N ALA D 61 10.50 3.17 -1.16
CA ALA D 61 10.66 2.62 0.17
C ALA D 61 9.45 1.78 0.55
N ASP D 62 9.66 0.77 1.39
CA ASP D 62 8.57 -0.14 1.72
C ASP D 62 7.39 0.59 2.34
N SER D 63 7.65 1.53 3.23
CA SER D 63 6.58 2.19 3.97
C SER D 63 5.60 2.91 3.06
N VAL D 64 5.97 3.17 1.80
CA VAL D 64 5.09 3.88 0.88
C VAL D 64 4.93 3.07 -0.41
N LYS D 65 5.30 1.80 -0.37
CA LYS D 65 5.24 0.98 -1.57
C LYS D 65 3.80 0.72 -1.97
N GLY D 66 3.53 0.82 -3.26
CA GLY D 66 2.17 0.64 -3.78
C GLY D 66 1.31 1.88 -3.74
N ARG D 67 1.19 2.52 -2.58
CA ARG D 67 0.36 3.72 -2.47
C ARG D 67 0.90 4.84 -3.34
N PHE D 68 2.22 5.01 -3.36
CA PHE D 68 2.83 6.15 -4.03
C PHE D 68 3.28 5.76 -5.44
N THR D 69 3.49 6.78 -6.27
CA THR D 69 3.97 6.57 -7.63
C THR D 69 4.71 7.82 -8.09
N ILE D 70 5.99 7.65 -8.43
CA ILE D 70 6.84 8.75 -8.88
C ILE D 70 6.89 8.73 -10.40
N SER D 71 6.75 9.91 -11.00
CA SER D 71 6.79 10.03 -12.45
C SER D 71 7.34 11.40 -12.80
N ARG D 72 7.76 11.55 -14.06
CA ARG D 72 8.34 12.79 -14.54
C ARG D 72 7.75 13.15 -15.89
N ASP D 73 7.78 14.44 -16.20
CA ASP D 73 7.32 14.96 -17.47
C ASP D 73 8.48 15.71 -18.12
N ASN D 74 8.85 15.31 -19.34
CA ASN D 74 9.98 15.93 -20.03
C ASN D 74 9.59 17.21 -20.75
N SER D 75 8.33 17.35 -21.16
CA SER D 75 7.91 18.58 -21.83
C SER D 75 7.83 19.76 -20.88
N LYS D 76 7.45 19.52 -19.62
CA LYS D 76 7.34 20.57 -18.62
C LYS D 76 8.49 20.56 -17.61
N ASN D 77 9.41 19.61 -17.72
CA ASN D 77 10.56 19.52 -16.82
C ASN D 77 10.10 19.54 -15.37
N THR D 78 9.32 18.53 -15.00
CA THR D 78 8.69 18.45 -13.69
C THR D 78 8.84 17.05 -13.13
N LEU D 79 8.87 16.95 -11.80
CA LEU D 79 8.89 15.69 -11.08
C LEU D 79 7.64 15.60 -10.22
N TYR D 80 6.91 14.50 -10.33
CA TYR D 80 5.62 14.34 -9.67
C TYR D 80 5.67 13.21 -8.66
N LEU D 81 4.86 13.36 -7.60
CA LEU D 81 4.64 12.31 -6.62
C LEU D 81 3.15 12.22 -6.34
N GLN D 82 2.55 11.07 -6.66
CA GLN D 82 1.12 10.86 -6.50
C GLN D 82 0.88 10.12 -5.17
N MET D 83 -0.04 10.64 -4.36
CA MET D 83 -0.30 10.12 -3.03
C MET D 83 -1.75 9.67 -2.92
N ASN D 84 -1.96 8.44 -2.46
CA ASN D 84 -3.28 7.87 -2.29
C ASN D 84 -3.34 7.11 -0.96
N SER D 85 -4.53 7.03 -0.39
CA SER D 85 -4.76 6.29 0.86
C SER D 85 -3.92 6.85 2.00
N LEU D 86 -3.95 8.17 2.16
CA LEU D 86 -3.11 8.84 3.15
C LEU D 86 -3.50 8.44 4.57
N ARG D 87 -2.49 8.34 5.43
CA ARG D 87 -2.67 8.15 6.87
C ARG D 87 -2.27 9.41 7.62
N ALA D 88 -2.38 9.34 8.95
CA ALA D 88 -1.89 10.43 9.79
C ALA D 88 -0.38 10.44 9.87
N GLU D 89 0.25 9.26 9.71
CA GLU D 89 1.70 9.16 9.79
C GLU D 89 2.39 9.85 8.63
N ASP D 90 1.66 10.24 7.59
CA ASP D 90 2.25 10.83 6.40
C ASP D 90 2.43 12.34 6.50
N THR D 91 2.23 12.94 7.67
CA THR D 91 2.44 14.36 7.84
C THR D 91 3.93 14.65 8.05
N ALA D 92 4.49 15.54 7.24
CA ALA D 92 5.91 15.84 7.29
C ALA D 92 6.18 16.96 6.29
N VAL D 93 7.45 17.37 6.23
CA VAL D 93 7.92 18.31 5.22
C VAL D 93 8.66 17.52 4.15
N TYR D 94 8.24 17.66 2.90
CA TYR D 94 8.75 16.86 1.80
C TYR D 94 9.74 17.68 0.97
N TYR D 95 10.83 17.02 0.55
CA TYR D 95 11.89 17.63 -0.25
C TYR D 95 12.13 16.81 -1.50
N CYS D 96 12.51 17.49 -2.58
CA CYS D 96 13.08 16.85 -3.75
C CYS D 96 14.52 17.33 -3.93
N ALA D 97 15.37 16.43 -4.40
CA ALA D 97 16.80 16.70 -4.49
C ALA D 97 17.36 16.14 -5.78
N ARG D 98 18.51 16.67 -6.19
CA ARG D 98 19.20 16.23 -7.39
C ARG D 98 20.34 15.29 -7.01
N TRP D 99 20.61 14.33 -7.88
CA TRP D 99 21.59 13.27 -7.62
C TRP D 99 22.90 13.64 -8.31
N GLY D 100 23.74 14.37 -7.60
CA GLY D 100 24.97 14.88 -8.16
C GLY D 100 25.85 13.81 -8.78
N GLY D 101 26.28 14.05 -10.02
CA GLY D 101 27.09 13.08 -10.73
C GLY D 101 28.57 13.28 -10.51
N LYS D 102 29.02 14.53 -10.60
CA LYS D 102 30.42 14.84 -10.35
C LYS D 102 30.81 14.72 -8.88
N ARG D 103 29.88 14.30 -8.01
CA ARG D 103 30.11 14.28 -6.56
C ARG D 103 29.89 12.91 -5.96
N GLY D 104 30.14 11.83 -6.71
CA GLY D 104 30.05 10.50 -6.15
C GLY D 104 28.68 10.09 -5.69
N GLY D 105 27.63 10.55 -6.36
CA GLY D 105 26.28 10.17 -6.02
C GLY D 105 25.77 10.84 -4.75
N ALA D 106 25.84 12.17 -4.73
CA ALA D 106 25.46 12.94 -3.55
C ALA D 106 24.22 13.76 -3.82
N PHE D 107 23.43 13.99 -2.77
CA PHE D 107 22.27 14.87 -2.85
C PHE D 107 22.78 16.30 -2.98
N ASP D 108 23.07 16.69 -4.22
CA ASP D 108 23.76 17.95 -4.47
C ASP D 108 22.92 19.14 -4.06
N ILE D 109 21.77 19.33 -4.71
CA ILE D 109 20.94 20.52 -4.53
C ILE D 109 19.57 20.09 -4.03
N TRP D 110 19.07 20.81 -3.04
CA TRP D 110 17.78 20.53 -2.41
C TRP D 110 16.80 21.64 -2.72
N GLY D 111 15.55 21.45 -2.27
CA GLY D 111 14.53 22.46 -2.38
C GLY D 111 14.17 23.06 -1.03
N GLN D 112 13.24 24.02 -1.08
CA GLN D 112 12.81 24.70 0.14
C GLN D 112 11.85 23.87 0.99
N GLY D 113 11.23 22.84 0.42
CA GLY D 113 10.32 21.99 1.16
C GLY D 113 8.88 22.49 1.13
N THR D 114 7.98 21.61 1.55
CA THR D 114 6.57 21.94 1.63
C THR D 114 5.91 21.03 2.67
N MET D 115 4.86 21.54 3.30
CA MET D 115 4.24 20.88 4.44
C MET D 115 2.97 20.15 4.02
N VAL D 116 2.83 18.91 4.46
CA VAL D 116 1.63 18.10 4.26
C VAL D 116 1.14 17.65 5.63
N THR D 117 -0.13 17.94 5.92
CA THR D 117 -0.74 17.58 7.20
C THR D 117 -2.00 16.77 6.95
N VAL D 118 -2.09 15.61 7.59
CA VAL D 118 -3.23 14.71 7.40
C VAL D 118 -4.00 14.61 8.71
N SER D 119 -5.14 15.30 8.79
CA SER D 119 -5.98 15.25 9.97
C SER D 119 -7.39 15.64 9.60
N SER D 120 -8.36 15.05 10.29
CA SER D 120 -9.78 15.29 10.03
C SER D 120 -10.42 16.25 11.01
N ALA D 121 -9.68 16.73 12.00
CA ALA D 121 -10.25 17.66 12.97
C ALA D 121 -10.62 18.98 12.32
N SER D 122 -11.68 19.60 12.82
CA SER D 122 -12.18 20.87 12.32
C SER D 122 -11.68 22.02 13.20
N THR D 123 -11.73 23.23 12.63
CA THR D 123 -11.26 24.40 13.33
C THR D 123 -12.02 24.59 14.64
N LYS D 124 -11.28 24.89 15.71
CA LYS D 124 -11.84 25.04 17.04
C LYS D 124 -11.10 26.14 17.78
N GLY D 125 -11.77 26.74 18.76
CA GLY D 125 -11.20 27.83 19.51
C GLY D 125 -10.58 27.38 20.83
N PRO D 126 -9.51 28.05 21.25
CA PRO D 126 -8.87 27.68 22.51
C PRO D 126 -9.67 28.12 23.73
N SER D 127 -9.42 27.42 24.84
CA SER D 127 -9.96 27.76 26.14
C SER D 127 -8.82 28.18 27.06
N VAL D 128 -8.95 29.35 27.68
CA VAL D 128 -7.88 29.95 28.48
C VAL D 128 -8.18 29.68 29.95
N PHE D 129 -7.20 29.09 30.64
CA PHE D 129 -7.29 28.84 32.07
C PHE D 129 -6.13 29.55 32.77
N PRO D 130 -6.36 30.22 33.89
CA PRO D 130 -5.28 30.96 34.55
C PRO D 130 -4.49 30.08 35.50
N LEU D 131 -3.16 30.19 35.41
CA LEU D 131 -2.26 29.52 36.35
C LEU D 131 -1.96 30.49 37.49
N ALA D 132 -2.89 30.57 38.42
CA ALA D 132 -2.81 31.55 39.49
C ALA D 132 -1.59 31.27 40.37
N PRO D 133 -0.74 32.26 40.64
CA PRO D 133 0.41 32.00 41.52
C PRO D 133 -0.04 31.72 42.94
N SER D 134 0.76 30.90 43.63
CA SER D 134 0.45 30.52 45.01
C SER D 134 1.77 30.26 45.73
N SER D 135 1.66 29.91 47.01
CA SER D 135 2.85 29.61 47.80
C SER D 135 3.66 28.46 47.22
N LYS D 136 3.02 27.58 46.44
CA LYS D 136 3.73 26.50 45.77
C LYS D 136 4.40 26.95 44.48
N SER D 137 4.14 28.19 44.04
CA SER D 137 4.70 28.71 42.80
C SER D 137 5.71 29.82 43.06
N THR D 138 6.20 29.94 44.28
CA THR D 138 7.12 31.01 44.66
C THR D 138 8.42 30.40 45.19
N SER D 139 9.54 31.00 44.79
CA SER D 139 10.85 30.52 45.21
C SER D 139 11.80 31.72 45.31
N GLY D 140 12.27 32.00 46.52
CA GLY D 140 13.24 33.06 46.71
C GLY D 140 12.75 34.43 46.29
N GLY D 141 11.49 34.76 46.60
CA GLY D 141 10.93 36.05 46.24
C GLY D 141 10.45 36.15 44.82
N THR D 142 10.56 35.09 44.03
CA THR D 142 10.13 35.08 42.63
C THR D 142 8.88 34.21 42.51
N ALA D 143 7.85 34.76 41.88
CA ALA D 143 6.57 34.09 41.72
C ALA D 143 6.41 33.63 40.27
N ALA D 144 5.97 32.40 40.09
CA ALA D 144 5.74 31.81 38.78
C ALA D 144 4.25 31.75 38.49
N LEU D 145 3.85 32.32 37.36
CA LEU D 145 2.45 32.34 36.95
C LEU D 145 2.39 32.22 35.44
N GLY D 146 1.23 31.81 34.94
CA GLY D 146 1.10 31.60 33.52
C GLY D 146 -0.35 31.42 33.11
N CYS D 147 -0.53 31.14 31.82
CA CYS D 147 -1.84 30.88 31.24
C CYS D 147 -1.79 29.60 30.43
N LEU D 148 -2.90 28.87 30.44
CA LEU D 148 -3.01 27.58 29.77
C LEU D 148 -3.95 27.71 28.59
N VAL D 149 -3.47 27.35 27.40
CA VAL D 149 -4.28 27.34 26.18
C VAL D 149 -4.45 25.89 25.76
N LYS D 150 -5.70 25.44 25.68
CA LYS D 150 -5.99 24.02 25.50
C LYS D 150 -7.08 23.84 24.46
N ASP D 151 -7.02 22.70 23.76
CA ASP D 151 -8.06 22.27 22.83
C ASP D 151 -8.28 23.31 21.72
N TYR D 152 -7.25 23.50 20.90
CA TYR D 152 -7.30 24.39 19.77
C TYR D 152 -6.71 23.70 18.54
N PHE D 153 -7.16 24.13 17.36
CA PHE D 153 -6.72 23.53 16.12
C PHE D 153 -7.15 24.41 14.94
N PRO D 154 -6.30 24.61 13.91
CA PRO D 154 -4.89 24.22 13.80
C PRO D 154 -3.93 25.30 14.30
N GLU D 155 -2.63 25.15 14.05
CA GLU D 155 -1.65 26.13 14.48
C GLU D 155 -1.74 27.39 13.61
N PRO D 156 -1.15 28.50 14.06
CA PRO D 156 -0.46 28.73 15.34
C PRO D 156 -1.25 29.61 16.31
N VAL D 157 -0.76 29.76 17.54
CA VAL D 157 -1.34 30.65 18.54
C VAL D 157 -0.24 31.54 19.09
N THR D 158 -0.53 32.83 19.20
CA THR D 158 0.41 33.82 19.74
C THR D 158 -0.05 34.23 21.13
N VAL D 159 0.87 34.21 22.09
CA VAL D 159 0.58 34.58 23.48
C VAL D 159 1.53 35.70 23.88
N SER D 160 0.97 36.76 24.45
CA SER D 160 1.74 37.90 24.92
C SER D 160 1.21 38.35 26.27
N TRP D 161 2.08 38.95 27.07
CA TRP D 161 1.75 39.41 28.42
C TRP D 161 1.70 40.94 28.45
N ASN D 162 0.63 41.48 29.02
CA ASN D 162 0.46 42.92 29.14
C ASN D 162 0.61 43.62 27.80
N SER D 163 0.02 43.02 26.77
CA SER D 163 0.06 43.60 25.42
C SER D 163 1.50 43.81 24.95
N GLY D 164 2.37 42.88 25.28
CA GLY D 164 3.77 42.96 24.91
C GLY D 164 4.64 43.77 25.84
N ALA D 165 4.05 44.40 26.87
CA ALA D 165 4.86 45.17 27.82
C ALA D 165 5.82 44.26 28.59
N LEU D 166 5.35 43.10 29.03
CA LEU D 166 6.15 42.16 29.80
C LEU D 166 6.71 41.10 28.86
N THR D 167 8.04 41.01 28.78
CA THR D 167 8.69 40.05 27.90
C THR D 167 9.74 39.23 28.64
N SER D 168 10.38 39.84 29.64
CA SER D 168 11.43 39.16 30.37
C SER D 168 10.86 38.04 31.23
N GLY D 169 11.56 36.91 31.27
CA GLY D 169 11.15 35.79 32.07
C GLY D 169 9.98 34.99 31.53
N VAL D 170 9.59 35.24 30.28
CA VAL D 170 8.44 34.56 29.67
C VAL D 170 8.94 33.39 28.85
N HIS D 171 8.37 32.21 29.08
CA HIS D 171 8.72 30.99 28.35
C HIS D 171 7.46 30.40 27.76
N THR D 172 7.37 30.42 26.42
CA THR D 172 6.23 29.85 25.70
C THR D 172 6.61 28.43 25.29
N PHE D 173 6.05 27.45 25.97
CA PHE D 173 6.36 26.06 25.66
C PHE D 173 5.81 25.69 24.28
N PRO D 174 6.50 24.80 23.55
CA PRO D 174 6.01 24.40 22.24
C PRO D 174 4.67 23.68 22.33
N ALA D 175 3.86 23.84 21.29
CA ALA D 175 2.58 23.14 21.22
C ALA D 175 2.79 21.65 21.12
N VAL D 176 1.91 20.88 21.75
CA VAL D 176 1.98 19.42 21.77
C VAL D 176 0.63 18.88 21.32
N LEU D 177 0.65 17.84 20.49
CA LEU D 177 -0.57 17.23 19.99
C LEU D 177 -1.07 16.19 20.99
N GLN D 178 -2.35 16.30 21.34
CA GLN D 178 -2.98 15.37 22.26
C GLN D 178 -3.68 14.24 21.49
N SER D 179 -4.04 13.19 22.23
CA SER D 179 -4.66 12.03 21.61
C SER D 179 -6.00 12.38 20.96
N SER D 180 -6.70 13.39 21.48
CA SER D 180 -7.98 13.79 20.91
C SER D 180 -7.85 14.47 19.56
N GLY D 181 -6.63 14.80 19.13
CA GLY D 181 -6.43 15.50 17.88
C GLY D 181 -6.32 17.00 18.01
N LEU D 182 -6.20 17.52 19.23
CA LEU D 182 -6.07 18.95 19.48
C LEU D 182 -4.73 19.23 20.16
N TYR D 183 -4.35 20.49 20.17
CA TYR D 183 -3.07 20.93 20.75
C TYR D 183 -3.30 21.66 22.06
N SER D 184 -2.22 21.78 22.83
CA SER D 184 -2.24 22.53 24.08
C SER D 184 -0.82 22.96 24.42
N LEU D 185 -0.68 24.20 24.88
CA LEU D 185 0.62 24.74 25.27
C LEU D 185 0.46 25.58 26.52
N SER D 186 1.59 25.86 27.18
CA SER D 186 1.62 26.65 28.40
C SER D 186 2.60 27.79 28.24
N SER D 187 2.25 28.95 28.81
CA SER D 187 3.12 30.11 28.84
C SER D 187 3.19 30.61 30.29
N VAL D 188 4.41 30.77 30.80
CA VAL D 188 4.62 31.16 32.19
C VAL D 188 5.61 32.31 32.24
N VAL D 189 5.47 33.14 33.27
CA VAL D 189 6.34 34.30 33.48
C VAL D 189 6.71 34.37 34.95
N THR D 190 7.97 34.70 35.23
CA THR D 190 8.48 34.80 36.59
C THR D 190 8.56 36.27 36.99
N VAL D 191 7.95 36.61 38.12
CA VAL D 191 7.91 38.00 38.59
C VAL D 191 8.17 38.01 40.09
N PRO D 192 8.62 39.16 40.61
CA PRO D 192 8.86 39.27 42.06
C PRO D 192 7.59 39.03 42.85
N SER D 193 7.77 38.42 44.04
CA SER D 193 6.61 38.10 44.88
C SER D 193 5.89 39.36 45.34
N SER D 194 6.65 40.40 45.70
CA SER D 194 6.03 41.60 46.25
C SER D 194 5.14 42.32 45.25
N SER D 195 5.30 42.04 43.95
CA SER D 195 4.52 42.70 42.92
C SER D 195 3.19 42.00 42.63
N LEU D 196 2.94 40.84 43.24
CA LEU D 196 1.70 40.12 42.95
C LEU D 196 0.47 40.91 43.37
N GLY D 197 0.52 41.54 44.54
CA GLY D 197 -0.62 42.27 45.07
C GLY D 197 -0.78 43.68 44.56
N THR D 198 0.13 44.17 43.73
CA THR D 198 0.07 45.53 43.20
C THR D 198 0.13 45.61 41.68
N GLN D 199 0.73 44.63 41.02
CA GLN D 199 0.86 44.63 39.57
C GLN D 199 -0.16 43.67 38.96
N THR D 200 -0.69 44.05 37.80
CA THR D 200 -1.68 43.25 37.09
C THR D 200 -1.03 42.56 35.91
N TYR D 201 -1.25 41.25 35.80
CA TYR D 201 -0.69 40.45 34.71
C TYR D 201 -1.83 39.85 33.91
N ILE D 202 -1.85 40.15 32.62
CA ILE D 202 -2.89 39.67 31.70
C ILE D 202 -2.21 39.07 30.48
N CYS D 203 -2.69 37.91 30.05
CA CYS D 203 -2.14 37.20 28.91
C CYS D 203 -3.10 37.31 27.73
N ASN D 204 -2.57 37.70 26.59
CA ASN D 204 -3.36 37.86 25.37
C ASN D 204 -3.15 36.64 24.47
N VAL D 205 -4.21 35.88 24.26
CA VAL D 205 -4.18 34.67 23.43
C VAL D 205 -4.94 34.96 22.15
N ASN D 206 -4.27 34.76 21.00
CA ASN D 206 -4.87 34.99 19.69
C ASN D 206 -4.71 33.73 18.83
N HIS D 207 -5.79 33.34 18.17
CA HIS D 207 -5.81 32.16 17.30
C HIS D 207 -6.62 32.52 16.05
N LYS D 208 -5.93 32.80 14.95
CA LYS D 208 -6.64 33.20 13.74
C LYS D 208 -7.61 32.12 13.26
N PRO D 209 -7.19 30.85 13.12
CA PRO D 209 -8.10 29.87 12.49
C PRO D 209 -9.47 29.79 13.15
N SER D 210 -9.54 29.98 14.47
CA SER D 210 -10.82 30.01 15.16
C SER D 210 -11.35 31.43 15.34
N ASN D 211 -10.59 32.45 14.95
CA ASN D 211 -11.00 33.84 15.12
C ASN D 211 -11.37 34.11 16.57
N THR D 212 -10.52 33.68 17.49
CA THR D 212 -10.76 33.79 18.92
C THR D 212 -9.70 34.69 19.54
N LYS D 213 -10.15 35.64 20.36
CA LYS D 213 -9.27 36.54 21.11
C LYS D 213 -9.73 36.57 22.56
N VAL D 214 -8.86 36.12 23.47
CA VAL D 214 -9.18 36.03 24.88
C VAL D 214 -8.09 36.74 25.68
N ASP D 215 -8.50 37.62 26.59
CA ASP D 215 -7.59 38.30 27.52
C ASP D 215 -7.94 37.80 28.92
N LYS D 216 -7.02 37.06 29.54
CA LYS D 216 -7.25 36.44 30.82
C LYS D 216 -6.33 37.05 31.87
N LYS D 217 -6.90 37.49 32.98
CA LYS D 217 -6.14 38.07 34.08
C LYS D 217 -5.81 36.97 35.09
N VAL D 218 -4.53 36.85 35.42
CA VAL D 218 -4.04 35.86 36.37
C VAL D 218 -3.73 36.57 37.68
N GLU D 219 -4.38 36.13 38.75
CA GLU D 219 -4.23 36.72 40.07
C GLU D 219 -4.19 35.61 41.10
N PRO D 220 -3.61 35.87 42.28
CA PRO D 220 -3.57 34.84 43.31
C PRO D 220 -4.97 34.43 43.75
N LYS D 221 -5.10 33.16 44.14
CA LYS D 221 -6.38 32.65 44.60
C LYS D 221 -6.84 33.40 45.85
N SER D 222 -8.15 33.59 45.95
CA SER D 222 -8.71 34.38 47.04
C SER D 222 -8.33 33.78 48.39
N CYS D 223 -8.28 32.45 48.49
CA CYS D 223 -7.92 31.78 49.73
C CYS D 223 -6.46 31.95 50.10
N ASP D 224 -5.62 32.44 49.16
CA ASP D 224 -4.20 32.65 49.43
C ASP D 224 -4.04 34.05 50.03
N LYS D 225 -4.05 34.11 51.35
CA LYS D 225 -3.94 35.38 52.07
C LYS D 225 -2.51 35.87 52.21
N THR D 226 -1.52 35.05 51.85
CA THR D 226 -0.13 35.43 52.06
C THR D 226 0.26 36.64 51.22
N HIS D 227 -0.40 36.84 50.08
CA HIS D 227 -0.05 37.93 49.17
C HIS D 227 -0.95 39.14 49.31
N THR D 228 -1.79 39.18 50.34
CA THR D 228 -2.66 40.33 50.58
C THR D 228 -2.03 41.29 51.57
N ASP E 1 16.95 -8.57 -42.69
CA ASP E 1 18.19 -9.29 -42.30
C ASP E 1 18.12 -10.76 -42.71
N VAL E 2 18.57 -11.05 -43.94
CA VAL E 2 18.47 -12.41 -44.46
C VAL E 2 19.09 -13.39 -43.47
N GLY E 3 18.56 -14.62 -43.47
CA GLY E 3 18.81 -15.57 -42.42
C GLY E 3 19.59 -16.80 -42.89
N CYS E 4 20.03 -17.57 -41.91
CA CYS E 4 20.87 -18.75 -42.13
C CYS E 4 20.66 -19.62 -40.90
N SER E 5 19.94 -20.73 -41.05
CA SER E 5 19.52 -21.49 -39.88
C SER E 5 19.46 -22.97 -40.22
N VAL E 6 20.07 -23.79 -39.36
CA VAL E 6 19.96 -25.24 -39.44
C VAL E 6 19.74 -25.78 -38.04
N ASP E 7 18.48 -26.01 -37.68
CA ASP E 7 18.12 -26.44 -36.34
C ASP E 7 18.26 -27.96 -36.26
N PHE E 8 19.29 -28.43 -35.57
CA PHE E 8 19.54 -29.87 -35.48
C PHE E 8 18.51 -30.60 -34.64
N SER E 9 17.84 -29.90 -33.72
CA SER E 9 16.79 -30.54 -32.93
C SER E 9 15.64 -30.99 -33.80
N LYS E 10 15.25 -30.16 -34.78
CA LYS E 10 14.14 -30.46 -35.67
C LYS E 10 14.55 -30.60 -37.12
N LYS E 11 15.75 -30.15 -37.50
CA LYS E 11 16.24 -30.22 -38.88
C LYS E 11 15.32 -29.44 -39.81
N GLU E 12 15.22 -28.14 -39.55
CA GLU E 12 14.48 -27.21 -40.39
C GLU E 12 15.44 -26.15 -40.91
N THR E 13 15.56 -26.06 -42.23
CA THR E 13 16.46 -25.10 -42.87
C THR E 13 15.61 -23.95 -43.39
N ARG E 14 15.55 -22.88 -42.62
CA ARG E 14 14.76 -21.70 -42.96
C ARG E 14 15.63 -20.64 -43.62
N CYS E 15 14.99 -19.69 -44.27
CA CYS E 15 15.66 -18.55 -44.89
C CYS E 15 14.68 -17.37 -44.92
N GLY E 16 14.78 -16.50 -43.92
CA GLY E 16 13.92 -15.34 -43.85
C GLY E 16 14.57 -14.18 -43.13
N THR E 17 13.77 -13.27 -42.58
CA THR E 17 14.25 -12.11 -41.86
C THR E 17 13.90 -12.24 -40.37
N GLY E 18 14.29 -11.23 -39.61
CA GLY E 18 14.04 -11.21 -38.18
C GLY E 18 15.20 -10.57 -37.45
N VAL E 19 15.44 -11.05 -36.23
CA VAL E 19 16.51 -10.55 -35.37
C VAL E 19 17.26 -11.76 -34.78
N PHE E 20 18.58 -11.67 -34.78
CA PHE E 20 19.44 -12.77 -34.37
C PHE E 20 20.38 -12.29 -33.27
N ILE E 21 20.58 -13.13 -32.25
CA ILE E 21 21.49 -12.85 -31.15
C ILE E 21 22.47 -14.02 -31.05
N TYR E 22 23.76 -13.73 -31.01
CA TYR E 22 24.81 -14.72 -31.08
C TYR E 22 25.48 -14.92 -29.73
N ASN E 23 26.01 -16.13 -29.52
CA ASN E 23 26.79 -16.47 -28.31
C ASN E 23 28.25 -16.13 -28.57
N ASP E 24 28.68 -14.95 -28.11
CA ASP E 24 30.05 -14.49 -28.30
C ASP E 24 30.93 -14.68 -27.08
N VAL E 25 30.39 -15.19 -25.98
CA VAL E 25 31.17 -15.29 -24.74
C VAL E 25 32.35 -16.23 -24.92
N GLU E 26 32.13 -17.37 -25.56
CA GLU E 26 33.14 -18.43 -25.59
C GLU E 26 34.36 -18.08 -26.42
N ALA E 27 34.33 -17.03 -27.23
CA ALA E 27 35.45 -16.62 -28.05
C ALA E 27 35.90 -15.18 -27.76
N TRP E 28 35.83 -14.75 -26.50
CA TRP E 28 35.94 -13.33 -26.17
C TRP E 28 37.35 -12.78 -26.38
N ARG E 29 38.37 -13.62 -26.21
CA ARG E 29 39.69 -13.11 -25.84
C ARG E 29 40.18 -11.99 -26.76
N ASP E 30 40.05 -12.19 -28.08
CA ASP E 30 40.58 -11.24 -29.06
C ASP E 30 39.55 -10.86 -30.10
N ARG E 31 38.31 -10.59 -29.67
CA ARG E 31 37.25 -10.27 -30.61
C ARG E 31 37.35 -8.84 -31.15
N TYR E 32 38.21 -8.00 -30.61
CA TYR E 32 38.26 -6.60 -31.00
C TYR E 32 39.68 -6.07 -30.92
N LYS E 33 39.92 -4.99 -31.66
CA LYS E 33 41.15 -4.20 -31.59
C LYS E 33 40.71 -2.74 -31.63
N TYR E 34 40.78 -2.07 -30.48
CA TYR E 34 39.94 -0.93 -30.17
C TYR E 34 40.43 0.40 -30.74
N HIS E 35 41.58 0.87 -30.27
CA HIS E 35 42.00 2.23 -30.57
C HIS E 35 40.87 3.19 -30.18
N PRO E 36 40.63 3.42 -28.89
CA PRO E 36 39.56 4.34 -28.50
C PRO E 36 39.77 5.70 -29.15
N ASP E 37 38.69 6.25 -29.70
CA ASP E 37 38.82 7.37 -30.62
C ASP E 37 39.55 8.54 -29.96
N SER E 38 40.51 9.10 -30.69
CA SER E 38 41.23 10.31 -30.29
C SER E 38 41.96 10.12 -28.97
N PRO E 39 43.01 9.29 -28.92
CA PRO E 39 43.81 9.19 -27.69
C PRO E 39 44.45 10.50 -27.26
N ARG E 40 44.62 11.45 -28.18
CA ARG E 40 45.12 12.77 -27.78
C ARG E 40 44.21 13.44 -26.78
N ARG E 41 42.93 13.08 -26.73
CA ARG E 41 42.02 13.62 -25.74
C ARG E 41 41.97 12.76 -24.48
N LEU E 42 42.16 11.45 -24.61
CA LEU E 42 42.30 10.61 -23.43
C LEU E 42 43.51 11.02 -22.60
N ALA E 43 44.60 11.44 -23.27
CA ALA E 43 45.76 11.91 -22.54
C ALA E 43 45.43 13.13 -21.69
N ALA E 44 44.71 14.09 -22.27
CA ALA E 44 44.32 15.28 -21.52
C ALA E 44 43.37 14.93 -20.38
N ALA E 45 42.46 13.98 -20.62
CA ALA E 45 41.57 13.54 -19.55
C ALA E 45 42.35 12.95 -18.39
N VAL E 46 43.34 12.11 -18.70
CA VAL E 46 44.18 11.51 -17.65
C VAL E 46 44.96 12.58 -16.91
N LYS E 47 45.51 13.57 -17.63
CA LYS E 47 46.25 14.64 -16.98
C LYS E 47 45.36 15.42 -16.02
N GLN E 48 44.16 15.79 -16.47
CA GLN E 48 43.25 16.55 -15.61
C GLN E 48 42.80 15.71 -14.42
N ALA E 49 42.58 14.41 -14.62
CA ALA E 49 42.25 13.54 -13.51
C ALA E 49 43.37 13.52 -12.49
N TRP E 50 44.62 13.51 -12.96
CA TRP E 50 45.75 13.58 -12.03
C TRP E 50 45.77 14.90 -11.29
N GLU E 51 45.51 16.01 -11.99
CA GLU E 51 45.54 17.32 -11.34
C GLU E 51 44.47 17.43 -10.26
N GLU E 52 43.25 17.00 -10.56
CA GLU E 52 42.12 17.11 -9.64
C GLU E 52 42.29 16.26 -8.39
N GLY E 53 43.22 15.32 -8.39
CA GLY E 53 43.36 14.39 -7.28
C GLY E 53 42.97 12.96 -7.59
N ILE E 54 42.56 12.67 -8.83
CA ILE E 54 42.24 11.32 -9.25
C ILE E 54 43.54 10.65 -9.67
N CYS E 55 43.96 9.62 -8.93
CA CYS E 55 45.30 9.06 -9.08
C CYS E 55 45.30 7.63 -9.66
N GLY E 56 44.17 7.12 -10.10
CA GLY E 56 44.16 5.74 -10.57
C GLY E 56 42.84 5.38 -11.23
N ILE E 57 42.72 4.10 -11.56
CA ILE E 57 41.53 3.55 -12.19
C ILE E 57 41.37 2.10 -11.74
N SER E 58 40.12 1.69 -11.51
CA SER E 58 39.76 0.30 -11.28
C SER E 58 38.87 -0.15 -12.43
N SER E 59 39.32 -1.14 -13.18
CA SER E 59 38.65 -1.51 -14.42
C SER E 59 37.28 -2.12 -14.15
N VAL E 60 36.33 -1.83 -15.04
CA VAL E 60 34.98 -2.37 -14.89
C VAL E 60 34.86 -3.74 -15.55
N SER E 61 35.45 -3.92 -16.73
CA SER E 61 35.34 -5.16 -17.47
C SER E 61 36.66 -5.48 -18.13
N ARG E 62 36.86 -6.76 -18.46
CA ARG E 62 38.10 -7.20 -19.06
C ARG E 62 38.35 -6.51 -20.40
N MET E 63 37.29 -6.16 -21.12
CA MET E 63 37.46 -5.42 -22.36
C MET E 63 38.17 -4.10 -22.12
N GLU E 64 37.75 -3.35 -21.10
CA GLU E 64 38.40 -2.07 -20.80
C GLU E 64 39.86 -2.27 -20.38
N ASN E 65 40.12 -3.31 -19.58
CA ASN E 65 41.48 -3.57 -19.15
C ASN E 65 42.38 -3.88 -20.34
N ILE E 66 41.88 -4.68 -21.29
CA ILE E 66 42.67 -4.98 -22.47
C ILE E 66 42.85 -3.73 -23.33
N MET E 67 41.83 -2.87 -23.40
CA MET E 67 41.99 -1.59 -24.09
C MET E 67 43.15 -0.80 -23.49
N TRP E 68 43.19 -0.72 -22.16
CA TRP E 68 44.30 -0.04 -21.49
C TRP E 68 45.63 -0.69 -21.83
N LYS E 69 45.71 -2.00 -21.67
CA LYS E 69 46.95 -2.73 -21.88
C LYS E 69 47.41 -2.70 -23.34
N SER E 70 46.52 -2.34 -24.26
CA SER E 70 46.89 -2.17 -25.66
C SER E 70 47.26 -0.74 -26.02
N VAL E 71 46.64 0.26 -25.38
CA VAL E 71 46.93 1.66 -25.69
C VAL E 71 47.90 2.28 -24.69
N GLU E 72 48.52 1.46 -23.84
CA GLU E 72 49.40 2.01 -22.81
C GLU E 72 50.55 2.83 -23.41
N GLY E 73 51.15 2.33 -24.49
CA GLY E 73 52.36 2.93 -25.03
C GLY E 73 52.17 4.30 -25.67
N GLU E 74 51.30 4.38 -26.68
CA GLU E 74 51.09 5.66 -27.36
C GLU E 74 50.61 6.73 -26.40
N LEU E 75 49.83 6.35 -25.40
CA LEU E 75 49.40 7.32 -24.40
C LEU E 75 50.59 7.90 -23.65
N ASN E 76 51.52 7.04 -23.23
CA ASN E 76 52.75 7.53 -22.59
C ASN E 76 53.53 8.42 -23.54
N ALA E 77 53.56 8.07 -24.83
CA ALA E 77 54.29 8.87 -25.80
C ALA E 77 53.70 10.27 -25.89
N ILE E 78 52.37 10.38 -25.91
CA ILE E 78 51.74 11.69 -25.98
C ILE E 78 52.07 12.52 -24.75
N LEU E 79 52.20 11.87 -23.59
CA LEU E 79 52.60 12.59 -22.39
C LEU E 79 53.99 13.18 -22.55
N GLU E 80 54.88 12.48 -23.22
CA GLU E 80 56.27 12.92 -23.43
C GLU E 80 56.40 13.79 -24.67
N GLU E 81 55.40 14.66 -24.89
CA GLU E 81 55.45 15.65 -25.95
C GLU E 81 55.14 17.07 -25.50
N ASN E 82 54.48 17.25 -24.36
CA ASN E 82 54.14 18.59 -23.87
C ASN E 82 54.72 18.88 -22.49
N GLY E 83 55.56 17.99 -21.95
CA GLY E 83 56.15 18.20 -20.65
C GLY E 83 55.48 17.49 -19.50
N VAL E 84 54.35 16.81 -19.73
CA VAL E 84 53.69 16.09 -18.66
C VAL E 84 54.62 15.00 -18.14
N GLN E 85 54.54 14.74 -16.83
CA GLN E 85 55.41 13.79 -16.15
C GLN E 85 54.53 12.79 -15.41
N LEU E 86 54.15 11.72 -16.10
CA LEU E 86 53.30 10.68 -15.52
C LEU E 86 53.54 9.39 -16.29
N THR E 87 53.45 8.27 -15.59
CA THR E 87 53.72 6.95 -16.16
C THR E 87 52.54 6.04 -15.85
N VAL E 88 51.89 5.54 -16.89
CA VAL E 88 50.75 4.64 -16.74
C VAL E 88 51.28 3.21 -16.60
N VAL E 89 50.95 2.56 -15.49
CA VAL E 89 51.35 1.19 -15.24
C VAL E 89 50.09 0.34 -15.17
N VAL E 90 50.00 -0.67 -16.02
CA VAL E 90 48.82 -1.52 -16.14
C VAL E 90 49.16 -2.91 -15.62
N GLY E 91 48.35 -3.41 -14.68
CA GLY E 91 48.57 -4.70 -14.09
C GLY E 91 47.48 -5.71 -14.44
N SER E 92 47.49 -6.80 -13.70
CA SER E 92 46.54 -7.89 -13.93
C SER E 92 45.26 -7.64 -13.15
N VAL E 93 44.17 -8.29 -13.60
CA VAL E 93 42.88 -8.09 -12.95
C VAL E 93 42.67 -9.15 -11.86
N LYS E 94 41.78 -8.83 -10.93
CA LYS E 94 41.35 -9.76 -9.90
C LYS E 94 39.84 -9.67 -9.75
N ASN E 95 39.21 -10.83 -9.42
CA ASN E 95 37.76 -10.85 -9.31
C ASN E 95 37.32 -10.76 -7.85
N PRO E 96 36.22 -10.06 -7.55
CA PRO E 96 35.39 -9.23 -8.46
C PRO E 96 36.01 -7.86 -8.70
N MET E 97 35.59 -7.15 -9.76
CA MET E 97 36.12 -5.82 -10.07
C MET E 97 35.32 -4.78 -9.29
N TRP E 98 35.85 -4.40 -8.14
CA TRP E 98 35.13 -3.53 -7.22
C TRP E 98 34.83 -2.17 -7.86
N ARG E 99 33.99 -1.40 -7.18
CA ARG E 99 33.49 -0.14 -7.71
C ARG E 99 34.31 1.04 -7.18
N GLY E 100 34.40 2.10 -7.98
CA GLY E 100 35.15 3.28 -7.61
C GLY E 100 34.26 4.51 -7.48
N PRO E 101 34.50 5.34 -6.46
CA PRO E 101 33.62 6.52 -6.26
C PRO E 101 33.74 7.58 -7.33
N GLN E 102 34.94 7.83 -7.85
CA GLN E 102 35.15 8.96 -8.76
C GLN E 102 34.89 8.56 -10.21
N ARG E 103 34.78 9.58 -11.06
CA ARG E 103 34.56 9.42 -12.48
C ARG E 103 35.59 10.22 -13.26
N LEU E 104 36.02 9.69 -14.39
CA LEU E 104 37.02 10.38 -15.20
C LEU E 104 36.43 11.65 -15.81
N PRO E 105 37.17 12.76 -15.84
CA PRO E 105 36.61 14.00 -16.40
C PRO E 105 36.48 13.94 -17.92
N VAL E 106 35.80 14.94 -18.45
CA VAL E 106 35.67 15.19 -19.88
C VAL E 106 36.44 16.46 -20.21
N PRO E 107 37.58 16.38 -20.89
CA PRO E 107 38.38 17.59 -21.11
C PRO E 107 37.59 18.66 -21.85
N VAL E 108 37.79 19.92 -21.44
CA VAL E 108 37.13 21.03 -22.11
C VAL E 108 37.68 21.20 -23.52
N ASN E 109 39.00 21.14 -23.66
CA ASN E 109 39.66 21.30 -24.94
C ASN E 109 40.89 20.40 -24.99
N GLU E 110 41.17 19.86 -26.17
CA GLU E 110 42.27 18.92 -26.32
C GLU E 110 43.61 19.62 -26.10
N LEU E 111 44.69 18.83 -26.17
CA LEU E 111 46.02 19.36 -25.96
C LEU E 111 46.38 20.31 -27.10
N PRO E 112 47.33 21.23 -26.85
CA PRO E 112 47.65 22.22 -27.88
C PRO E 112 48.07 21.61 -29.20
N HIS E 113 48.84 20.52 -29.17
CA HIS E 113 49.18 19.79 -30.39
C HIS E 113 49.70 18.42 -30.00
N GLY E 114 49.05 17.38 -30.50
CA GLY E 114 49.45 16.02 -30.20
C GLY E 114 49.37 15.11 -31.42
N TRP E 115 49.61 15.68 -32.60
CA TRP E 115 49.52 14.91 -33.84
C TRP E 115 50.54 13.79 -33.90
N LYS E 116 51.49 13.73 -32.97
CA LYS E 116 52.46 12.64 -32.96
C LYS E 116 51.78 11.29 -32.84
N ALA E 117 50.55 11.26 -32.31
CA ALA E 117 49.77 10.02 -32.30
C ALA E 117 49.48 9.51 -33.70
N TRP E 118 49.45 10.39 -34.70
CA TRP E 118 49.13 9.98 -36.06
C TRP E 118 50.26 9.12 -36.63
N GLY E 119 49.90 7.93 -37.11
CA GLY E 119 50.86 7.03 -37.70
C GLY E 119 51.64 6.18 -36.72
N LYS E 120 51.43 6.36 -35.41
CA LYS E 120 52.13 5.60 -34.37
C LYS E 120 51.09 5.11 -33.38
N SER E 121 50.61 3.88 -33.60
CA SER E 121 49.55 3.30 -32.78
C SER E 121 50.07 2.41 -31.66
N TYR E 122 50.92 1.44 -32.00
CA TYR E 122 51.43 0.47 -31.04
C TYR E 122 52.92 0.62 -30.77
N PHE E 123 53.75 0.66 -31.81
CA PHE E 123 55.20 0.73 -31.64
C PHE E 123 55.60 2.19 -31.48
N VAL E 124 55.80 2.62 -30.23
CA VAL E 124 56.19 4.00 -29.93
C VAL E 124 57.29 3.97 -28.87
N ARG E 125 58.04 5.06 -28.80
CA ARG E 125 59.12 5.22 -27.83
C ARG E 125 58.82 6.42 -26.94
N ALA E 126 59.03 6.25 -25.64
CA ALA E 126 58.75 7.30 -24.67
C ALA E 126 59.75 7.20 -23.53
N ALA E 127 59.50 7.93 -22.45
CA ALA E 127 60.39 7.95 -21.30
C ALA E 127 59.63 7.61 -20.02
N LYS E 128 60.27 7.77 -18.87
CA LYS E 128 59.67 7.45 -17.58
C LYS E 128 59.88 8.60 -16.60
N THR E 129 59.00 8.67 -15.60
CA THR E 129 59.08 9.66 -14.54
C THR E 129 58.78 8.96 -13.22
N ASN E 130 58.63 9.76 -12.16
CA ASN E 130 58.31 9.23 -10.84
C ASN E 130 56.81 9.08 -10.61
N ASN E 131 56.01 10.00 -11.14
CA ASN E 131 54.57 9.95 -10.95
C ASN E 131 53.98 8.72 -11.63
N SER E 132 52.98 8.13 -11.00
CA SER E 132 52.32 6.94 -11.51
C SER E 132 50.82 7.17 -11.54
N PHE E 133 50.20 6.80 -12.66
CA PHE E 133 48.74 6.71 -12.77
C PHE E 133 48.44 5.22 -12.94
N VAL E 134 48.34 4.53 -11.80
CA VAL E 134 48.28 3.07 -11.83
C VAL E 134 46.91 2.60 -12.30
N VAL E 135 46.90 1.57 -13.14
CA VAL E 135 45.69 0.87 -13.55
C VAL E 135 45.79 -0.54 -13.01
N ASP E 136 44.82 -0.93 -12.17
CA ASP E 136 44.79 -2.29 -11.62
C ASP E 136 46.06 -2.64 -10.87
N GLY E 137 46.28 -3.93 -10.65
CA GLY E 137 47.46 -4.41 -9.95
C GLY E 137 47.32 -4.35 -8.45
N ASP E 138 48.29 -4.96 -7.77
CA ASP E 138 48.37 -4.93 -6.30
C ASP E 138 49.03 -3.61 -5.89
N THR E 139 48.30 -2.52 -6.13
CA THR E 139 48.84 -1.18 -6.00
C THR E 139 47.90 -0.23 -5.27
N LEU E 140 47.06 -0.73 -4.36
CA LEU E 140 46.11 0.15 -3.68
C LEU E 140 46.84 1.22 -2.87
N LYS E 141 47.94 0.85 -2.21
CA LYS E 141 48.63 1.76 -1.31
C LYS E 141 49.18 2.98 -2.04
N GLU E 142 49.44 2.87 -3.34
CA GLU E 142 49.95 4.02 -4.09
C GLU E 142 48.84 4.99 -4.48
N CYS E 143 47.61 4.52 -4.59
CA CYS E 143 46.45 5.36 -4.89
C CYS E 143 45.23 4.73 -4.22
N PRO E 144 44.83 5.21 -3.05
CA PRO E 144 43.78 4.53 -2.29
C PRO E 144 42.47 4.42 -3.07
N LEU E 145 41.70 3.38 -2.75
CA LEU E 145 40.47 3.10 -3.47
C LEU E 145 39.54 4.31 -3.48
N GLU E 146 39.56 5.12 -2.42
CA GLU E 146 38.73 6.32 -2.39
C GLU E 146 39.13 7.34 -3.43
N HIS E 147 40.22 7.12 -4.18
CA HIS E 147 40.62 8.01 -5.27
C HIS E 147 40.66 7.32 -6.63
N ARG E 148 40.23 6.07 -6.74
CA ARG E 148 40.19 5.39 -8.03
C ARG E 148 38.91 5.73 -8.79
N ALA E 149 38.99 5.65 -10.13
CA ALA E 149 37.83 5.90 -10.97
C ALA E 149 37.23 4.57 -11.47
N TRP E 150 36.05 4.67 -12.10
CA TRP E 150 35.30 3.48 -12.47
C TRP E 150 34.16 3.86 -13.40
N ASN E 151 33.99 3.07 -14.46
CA ASN E 151 32.81 3.13 -15.33
C ASN E 151 32.66 4.52 -15.97
N SER E 152 33.60 4.85 -16.87
CA SER E 152 33.64 6.15 -17.51
C SER E 152 33.51 6.09 -19.04
N PHE E 153 33.22 4.92 -19.61
CA PHE E 153 33.22 4.76 -21.06
C PHE E 153 31.90 4.21 -21.58
N LEU E 154 31.54 4.62 -22.80
CA LEU E 154 30.38 4.12 -23.52
C LEU E 154 30.81 3.69 -24.92
N VAL E 155 30.11 2.69 -25.47
CA VAL E 155 30.37 2.26 -26.84
C VAL E 155 29.47 3.06 -27.78
N GLU E 156 30.09 3.80 -28.70
CA GLU E 156 29.33 4.56 -29.68
C GLU E 156 28.85 3.66 -30.82
N ASP E 157 29.77 2.94 -31.45
CA ASP E 157 29.44 2.05 -32.55
C ASP E 157 30.46 0.94 -32.60
N HIS E 158 30.04 -0.21 -33.14
CA HIS E 158 30.92 -1.36 -33.28
C HIS E 158 30.33 -2.27 -34.35
N GLY E 159 31.11 -3.29 -34.73
CA GLY E 159 30.68 -4.24 -35.73
C GLY E 159 31.26 -3.96 -37.10
N PHE E 160 32.07 -4.89 -37.59
CA PHE E 160 32.69 -4.77 -38.90
C PHE E 160 32.97 -6.16 -39.45
N GLY E 161 33.21 -6.22 -40.76
CA GLY E 161 33.51 -7.48 -41.41
C GLY E 161 34.94 -7.91 -41.21
N VAL E 162 35.35 -8.06 -39.95
CA VAL E 162 36.72 -8.43 -39.62
C VAL E 162 36.69 -9.22 -38.31
N PHE E 163 37.63 -10.15 -38.18
CA PHE E 163 37.68 -10.98 -36.97
C PHE E 163 37.77 -10.12 -35.72
N HIS E 164 38.45 -8.98 -35.81
CA HIS E 164 38.56 -8.03 -34.71
C HIS E 164 37.89 -6.72 -35.18
N THR E 165 36.66 -6.51 -34.76
CA THR E 165 35.92 -5.33 -35.18
C THR E 165 36.31 -4.14 -34.30
N SER E 166 36.65 -3.02 -34.94
CA SER E 166 37.05 -1.83 -34.21
C SER E 166 35.86 -1.25 -33.46
N VAL E 167 36.09 -0.86 -32.21
CA VAL E 167 35.07 -0.30 -31.33
C VAL E 167 35.42 1.15 -31.05
N TRP E 168 34.45 2.04 -31.22
CA TRP E 168 34.66 3.48 -31.01
C TRP E 168 34.04 3.85 -29.66
N LEU E 169 34.88 3.83 -28.61
CA LEU E 169 34.43 4.23 -27.29
C LEU E 169 34.51 5.75 -27.14
N LYS E 170 33.84 6.25 -26.12
CA LYS E 170 33.89 7.67 -25.76
C LYS E 170 33.80 7.79 -24.26
N VAL E 171 34.22 8.96 -23.75
CA VAL E 171 34.15 9.21 -22.31
C VAL E 171 32.74 9.63 -21.94
N ARG E 172 32.17 8.93 -20.96
CA ARG E 172 30.81 9.20 -20.51
C ARG E 172 30.72 10.57 -19.86
N GLU E 173 29.56 11.21 -19.98
CA GLU E 173 29.35 12.55 -19.45
C GLU E 173 28.52 12.57 -18.17
N ASP E 174 27.72 11.55 -17.91
CA ASP E 174 26.80 11.57 -16.79
C ASP E 174 27.08 10.38 -15.88
N TYR E 175 26.71 10.55 -14.61
CA TYR E 175 26.89 9.51 -13.62
C TYR E 175 25.86 8.39 -13.83
N SER E 176 26.27 7.15 -13.62
CA SER E 176 25.37 6.02 -13.81
C SER E 176 25.90 4.82 -13.04
N LEU E 177 24.99 3.88 -12.76
CA LEU E 177 25.31 2.67 -12.01
C LEU E 177 24.99 1.39 -12.78
N GLU E 178 24.52 1.49 -14.02
CA GLU E 178 24.09 0.33 -14.78
C GLU E 178 25.05 0.02 -15.91
N CYS E 179 25.07 -1.24 -16.33
CA CYS E 179 25.97 -1.69 -17.38
C CYS E 179 25.58 -1.08 -18.73
N ASP E 180 26.56 -1.02 -19.63
CA ASP E 180 26.34 -0.45 -20.95
C ASP E 180 25.34 -1.28 -21.73
N PRO E 181 24.23 -0.71 -22.23
CA PRO E 181 23.23 -1.52 -22.93
C PRO E 181 23.59 -1.87 -24.36
N ALA E 182 24.59 -1.22 -24.95
CA ALA E 182 24.85 -1.38 -26.38
C ALA E 182 25.36 -2.76 -26.76
N VAL E 183 25.74 -3.60 -25.80
CA VAL E 183 26.28 -4.91 -26.09
C VAL E 183 25.52 -6.02 -25.36
N ILE E 184 24.23 -5.81 -25.11
CA ILE E 184 23.38 -6.77 -24.40
C ILE E 184 22.34 -7.30 -25.37
N GLY E 185 22.10 -8.62 -25.31
CA GLY E 185 21.08 -9.25 -26.12
C GLY E 185 20.37 -10.37 -25.39
N THR E 186 19.06 -10.47 -25.59
CA THR E 186 18.26 -11.52 -24.95
C THR E 186 17.04 -11.80 -25.81
N ALA E 187 16.58 -13.05 -25.77
CA ALA E 187 15.43 -13.46 -26.57
C ALA E 187 14.79 -14.70 -25.95
N VAL E 188 13.52 -14.92 -26.30
CA VAL E 188 12.77 -16.08 -25.89
C VAL E 188 12.03 -16.63 -27.10
N LYS E 189 11.99 -17.96 -27.23
CA LYS E 189 11.39 -18.63 -28.38
C LYS E 189 10.77 -19.93 -27.89
N GLY E 190 9.45 -19.95 -27.77
CA GLY E 190 8.76 -21.14 -27.30
C GLY E 190 9.04 -21.45 -25.86
N ARG E 191 9.83 -22.50 -25.61
CA ARG E 191 10.14 -22.95 -24.25
C ARG E 191 11.59 -22.69 -23.87
N GLU E 192 12.28 -21.78 -24.56
CA GLU E 192 13.69 -21.49 -24.29
C GLU E 192 13.93 -19.99 -24.38
N ALA E 193 14.84 -19.49 -23.53
CA ALA E 193 15.21 -18.08 -23.51
C ALA E 193 16.64 -17.96 -23.02
N ALA E 194 17.23 -16.78 -23.23
CA ALA E 194 18.59 -16.52 -22.81
C ALA E 194 18.85 -15.02 -22.62
N HIS E 195 19.58 -14.69 -21.57
CA HIS E 195 20.12 -13.35 -21.35
C HIS E 195 21.63 -13.43 -21.51
N SER E 196 22.24 -12.43 -22.15
CA SER E 196 23.66 -12.53 -22.44
C SER E 196 24.27 -11.15 -22.69
N ASP E 197 25.58 -11.11 -22.54
CA ASP E 197 26.40 -9.96 -22.94
C ASP E 197 27.77 -10.50 -23.36
N LEU E 198 28.77 -9.62 -23.46
CA LEU E 198 30.09 -10.04 -23.88
C LEU E 198 30.77 -10.95 -22.84
N GLY E 199 30.26 -11.02 -21.61
CA GLY E 199 30.86 -11.87 -20.61
C GLY E 199 29.87 -12.74 -19.86
N TYR E 200 28.58 -12.54 -20.11
CA TYR E 200 27.52 -13.29 -19.47
C TYR E 200 26.71 -14.03 -20.52
N TRP E 201 26.43 -15.30 -20.24
CA TRP E 201 25.49 -16.10 -21.02
C TRP E 201 24.68 -16.94 -20.06
N ILE E 202 23.38 -16.67 -19.97
CA ILE E 202 22.48 -17.28 -18.99
C ILE E 202 21.28 -17.84 -19.75
N GLU E 203 20.83 -19.03 -19.35
CA GLU E 203 19.79 -19.76 -20.05
C GLU E 203 18.69 -20.20 -19.10
N SER E 204 17.45 -20.18 -19.59
CA SER E 204 16.29 -20.59 -18.81
C SER E 204 15.30 -21.32 -19.70
N GLU E 205 14.51 -22.21 -19.09
CA GLU E 205 13.49 -22.97 -19.80
C GLU E 205 12.24 -23.04 -18.94
N LYS E 206 11.22 -23.73 -19.44
CA LYS E 206 9.93 -23.84 -18.78
C LYS E 206 9.72 -25.26 -18.25
N ASN E 207 9.46 -25.37 -16.96
CA ASN E 207 9.11 -26.64 -16.31
C ASN E 207 8.21 -26.27 -15.14
N ASP E 208 6.92 -26.57 -15.26
CA ASP E 208 5.89 -25.95 -14.44
C ASP E 208 5.83 -24.46 -14.79
N THR E 209 6.82 -23.70 -14.35
CA THR E 209 7.01 -22.33 -14.78
C THR E 209 8.50 -22.07 -14.94
N TRP E 210 8.82 -20.92 -15.55
CA TRP E 210 10.19 -20.65 -15.97
C TRP E 210 11.17 -20.73 -14.79
N ARG E 211 12.40 -21.12 -15.10
CA ARG E 211 13.43 -21.30 -14.09
C ARG E 211 14.80 -21.22 -14.76
N LEU E 212 15.83 -21.09 -13.93
CA LEU E 212 17.20 -20.99 -14.44
C LEU E 212 17.67 -22.33 -14.98
N LYS E 213 18.40 -22.30 -16.09
CA LYS E 213 18.92 -23.50 -16.73
C LYS E 213 20.42 -23.66 -16.53
N ARG E 214 21.20 -22.65 -16.93
CA ARG E 214 22.65 -22.68 -16.76
C ARG E 214 23.19 -21.30 -17.10
N ALA E 215 24.43 -21.05 -16.71
CA ALA E 215 25.09 -19.78 -17.00
C ALA E 215 26.59 -20.03 -17.17
N HIS E 216 27.23 -19.16 -17.95
CA HIS E 216 28.65 -19.22 -18.20
C HIS E 216 29.26 -17.85 -17.92
N LEU E 217 30.19 -17.80 -16.97
CA LEU E 217 30.75 -16.54 -16.49
C LEU E 217 32.25 -16.52 -16.78
N ILE E 218 32.72 -15.45 -17.41
CA ILE E 218 34.15 -15.21 -17.59
C ILE E 218 34.61 -13.97 -16.83
N GLU E 219 33.70 -13.22 -16.25
CA GLU E 219 34.06 -12.04 -15.47
C GLU E 219 32.95 -11.76 -14.48
N MET E 220 33.29 -11.09 -13.38
CA MET E 220 32.36 -10.77 -12.30
C MET E 220 32.30 -9.26 -12.17
N LYS E 221 31.30 -8.64 -12.79
CA LYS E 221 31.18 -7.19 -12.77
C LYS E 221 30.50 -6.73 -11.48
N THR E 222 30.28 -5.41 -11.39
CA THR E 222 29.56 -4.83 -10.26
C THR E 222 28.59 -3.74 -10.70
N CYS E 223 28.22 -3.69 -11.97
CA CYS E 223 27.21 -2.76 -12.46
C CYS E 223 25.83 -3.41 -12.40
N GLU E 224 24.81 -2.58 -12.61
CA GLU E 224 23.43 -3.05 -12.54
C GLU E 224 22.86 -3.31 -13.93
N TRP E 225 22.18 -4.44 -14.07
CA TRP E 225 21.57 -4.80 -15.35
C TRP E 225 20.33 -3.95 -15.60
N PRO E 226 20.22 -3.29 -16.75
CA PRO E 226 19.04 -2.43 -16.99
C PRO E 226 17.75 -3.24 -17.05
N LYS E 227 16.65 -2.61 -16.64
CA LYS E 227 15.35 -3.27 -16.65
C LYS E 227 14.87 -3.54 -18.07
N SER E 228 15.08 -2.58 -18.98
CA SER E 228 14.50 -2.69 -20.31
C SER E 228 14.93 -3.96 -21.03
N HIS E 229 16.10 -4.50 -20.70
CA HIS E 229 16.61 -5.72 -21.31
C HIS E 229 16.32 -6.95 -20.48
N THR E 230 15.22 -6.98 -19.74
CA THR E 230 14.90 -8.08 -18.84
C THR E 230 13.47 -8.55 -19.09
N LEU E 231 13.25 -9.85 -18.96
CA LEU E 231 11.92 -10.43 -19.18
C LEU E 231 11.19 -10.61 -17.86
N TRP E 232 9.91 -10.21 -17.85
CA TRP E 232 9.03 -10.51 -16.73
C TRP E 232 9.58 -10.00 -15.40
N THR E 233 9.68 -8.69 -15.25
CA THR E 233 10.28 -8.09 -14.06
C THR E 233 9.34 -8.06 -12.85
N ASP E 234 8.04 -8.14 -13.06
CA ASP E 234 7.07 -7.98 -11.98
C ASP E 234 7.07 -9.16 -11.01
N GLY E 235 6.82 -8.86 -9.74
CA GLY E 235 6.46 -9.87 -8.76
C GLY E 235 7.58 -10.73 -8.22
N VAL E 236 8.83 -10.29 -8.32
CA VAL E 236 9.98 -11.07 -7.84
C VAL E 236 10.67 -10.28 -6.75
N GLU E 237 10.95 -10.95 -5.63
CA GLU E 237 11.69 -10.34 -4.53
C GLU E 237 13.19 -10.54 -4.72
N GLU E 238 13.97 -9.52 -4.38
CA GLU E 238 15.40 -9.52 -4.64
C GLU E 238 16.17 -10.53 -3.80
N SER E 239 15.52 -11.17 -2.82
CA SER E 239 16.20 -12.13 -1.97
C SER E 239 16.27 -13.53 -2.57
N ASP E 240 15.70 -13.74 -3.76
CA ASP E 240 15.72 -15.05 -4.41
C ASP E 240 16.52 -15.09 -5.71
N LEU E 241 17.05 -13.96 -6.16
CA LEU E 241 17.88 -13.96 -7.36
C LEU E 241 19.14 -14.79 -7.13
N ILE E 242 19.32 -15.84 -7.93
CA ILE E 242 20.46 -16.73 -7.74
C ILE E 242 21.76 -15.97 -7.93
N ILE E 243 21.83 -15.13 -8.97
CA ILE E 243 22.97 -14.25 -9.20
C ILE E 243 22.66 -12.93 -8.49
N PRO E 244 23.47 -12.51 -7.51
CA PRO E 244 23.11 -11.31 -6.74
C PRO E 244 22.96 -10.08 -7.62
N LYS E 245 22.04 -9.21 -7.23
CA LYS E 245 21.80 -7.98 -7.98
C LYS E 245 23.04 -7.09 -8.02
N SER E 246 23.85 -7.11 -6.97
CA SER E 246 25.05 -6.26 -6.94
C SER E 246 26.10 -6.76 -7.93
N LEU E 247 26.10 -8.07 -8.22
CA LEU E 247 27.06 -8.65 -9.15
C LEU E 247 26.51 -8.66 -10.57
N ALA E 248 25.63 -7.70 -10.88
CA ALA E 248 25.08 -7.53 -12.23
C ALA E 248 24.11 -8.66 -12.60
N GLY E 249 23.30 -9.10 -11.66
CA GLY E 249 22.25 -10.05 -11.94
C GLY E 249 20.97 -9.37 -12.38
N PRO E 250 20.24 -9.95 -13.33
CA PRO E 250 19.01 -9.32 -13.80
C PRO E 250 17.82 -9.61 -12.88
N LEU E 251 16.90 -8.64 -12.85
CA LEU E 251 15.67 -8.74 -12.05
C LEU E 251 14.61 -9.46 -12.88
N SER E 252 14.53 -10.78 -12.72
CA SER E 252 13.65 -11.58 -13.55
C SER E 252 13.22 -12.84 -12.80
N HIS E 253 12.05 -13.36 -13.18
CA HIS E 253 11.66 -14.68 -12.74
C HIS E 253 12.54 -15.75 -13.39
N HIS E 254 13.06 -15.47 -14.59
CA HIS E 254 13.97 -16.39 -15.24
C HIS E 254 15.24 -16.60 -14.42
N ASN E 255 15.60 -15.62 -13.59
CA ASN E 255 16.82 -15.67 -12.79
C ASN E 255 16.57 -16.26 -11.40
N THR E 256 15.57 -17.11 -11.25
CA THR E 256 15.21 -17.68 -9.97
C THR E 256 15.12 -19.20 -10.09
N ARG E 257 15.34 -19.87 -8.97
CA ARG E 257 15.19 -21.31 -8.87
C ARG E 257 14.48 -21.62 -7.56
N GLU E 258 13.57 -22.58 -7.60
CA GLU E 258 12.76 -22.88 -6.43
C GLU E 258 13.57 -23.67 -5.41
N GLY E 259 13.64 -23.14 -4.18
CA GLY E 259 14.38 -23.77 -3.10
C GLY E 259 15.72 -23.16 -2.79
N TYR E 260 16.10 -22.06 -3.44
CA TYR E 260 17.38 -21.41 -3.23
C TYR E 260 17.19 -19.91 -3.10
N ARG E 261 18.01 -19.28 -2.26
CA ARG E 261 18.01 -17.84 -2.07
C ARG E 261 19.18 -17.21 -2.83
N THR E 262 19.39 -15.92 -2.62
CA THR E 262 20.47 -15.22 -3.29
C THR E 262 21.83 -15.74 -2.84
N GLN E 263 22.77 -15.81 -3.78
CA GLN E 263 24.11 -16.34 -3.52
C GLN E 263 25.11 -15.18 -3.41
N VAL E 264 25.17 -14.60 -2.21
CA VAL E 264 26.05 -13.46 -1.99
C VAL E 264 27.48 -13.88 -1.66
N LYS E 265 27.67 -15.11 -1.18
CA LYS E 265 28.99 -15.59 -0.75
C LYS E 265 29.39 -16.85 -1.51
N GLY E 266 29.19 -16.84 -2.83
CA GLY E 266 29.69 -17.91 -3.67
C GLY E 266 31.16 -17.70 -3.99
N PRO E 267 31.79 -18.69 -4.65
CA PRO E 267 33.22 -18.58 -4.95
C PRO E 267 33.51 -17.56 -6.04
N TRP E 268 33.19 -16.30 -5.77
CA TRP E 268 33.31 -15.24 -6.77
C TRP E 268 34.74 -14.75 -6.96
N HIS E 269 35.76 -15.42 -6.43
CA HIS E 269 37.15 -14.97 -6.63
C HIS E 269 37.83 -15.65 -7.81
N SER E 270 37.27 -16.74 -8.32
CA SER E 270 37.91 -17.48 -9.40
C SER E 270 37.98 -16.64 -10.68
N GLU E 271 38.71 -17.16 -11.66
CA GLU E 271 38.93 -16.42 -12.90
C GLU E 271 37.71 -16.49 -13.81
N GLU E 272 37.25 -17.70 -14.12
CA GLU E 272 36.04 -17.91 -14.90
C GLU E 272 35.18 -18.95 -14.20
N LEU E 273 33.87 -18.86 -14.41
CA LEU E 273 32.93 -19.64 -13.62
C LEU E 273 31.78 -20.12 -14.51
N GLU E 274 31.29 -21.32 -14.22
CA GLU E 274 30.15 -21.89 -14.92
C GLU E 274 29.18 -22.44 -13.88
N ILE E 275 27.89 -22.18 -14.07
CA ILE E 275 26.85 -22.60 -13.12
C ILE E 275 26.06 -23.74 -13.74
N ARG E 276 26.01 -24.87 -13.04
CA ARG E 276 25.26 -26.05 -13.49
C ARG E 276 24.46 -26.59 -12.33
N PHE E 277 23.31 -27.18 -12.66
CA PHE E 277 22.46 -27.85 -11.66
C PHE E 277 22.65 -29.37 -11.76
N GLU E 278 23.81 -29.81 -11.29
CA GLU E 278 24.14 -31.23 -11.29
C GLU E 278 25.19 -31.51 -10.22
N GLU E 279 25.34 -32.78 -9.89
CA GLU E 279 26.25 -33.19 -8.83
C GLU E 279 27.69 -32.88 -9.20
N CYS E 280 28.50 -32.53 -8.19
CA CYS E 280 29.94 -32.57 -8.36
C CYS E 280 30.40 -34.02 -8.43
N PRO E 281 31.44 -34.31 -9.21
CA PRO E 281 31.83 -35.71 -9.42
C PRO E 281 32.21 -36.38 -8.10
N GLY E 282 31.60 -37.54 -7.86
CA GLY E 282 31.89 -38.32 -6.68
C GLY E 282 31.19 -37.88 -5.41
N THR E 283 30.11 -37.13 -5.51
CA THR E 283 29.41 -36.61 -4.34
C THR E 283 27.90 -36.66 -4.55
N LYS E 284 27.17 -36.67 -3.44
CA LYS E 284 25.72 -36.70 -3.44
C LYS E 284 25.19 -35.64 -2.50
N VAL E 285 24.03 -35.08 -2.83
CA VAL E 285 23.37 -34.07 -2.02
C VAL E 285 22.05 -34.63 -1.50
N TYR E 286 21.83 -34.51 -0.20
CA TYR E 286 20.59 -34.93 0.44
C TYR E 286 19.73 -33.73 0.77
N VAL E 287 18.49 -34.01 1.17
CA VAL E 287 17.57 -33.01 1.69
C VAL E 287 17.13 -33.47 3.06
N GLU E 288 17.42 -32.67 4.09
CA GLU E 288 17.15 -33.05 5.47
C GLU E 288 16.87 -31.81 6.28
N GLU E 289 15.74 -31.79 6.99
CA GLU E 289 15.39 -30.66 7.84
C GLU E 289 16.47 -30.41 8.90
N THR E 290 17.20 -31.46 9.29
CA THR E 290 18.19 -31.36 10.35
C THR E 290 19.52 -30.78 9.87
N CYS E 291 19.69 -30.57 8.57
CA CYS E 291 20.96 -30.06 8.06
C CYS E 291 21.22 -28.66 8.62
N GLY E 292 22.42 -28.17 8.36
CA GLY E 292 22.86 -26.91 8.95
C GLY E 292 22.25 -25.70 8.28
N THR E 293 22.60 -24.53 8.82
CA THR E 293 22.10 -23.26 8.33
C THR E 293 22.98 -22.77 7.17
N ARG E 294 22.48 -21.77 6.46
CA ARG E 294 23.23 -21.17 5.36
C ARG E 294 24.60 -20.70 5.86
N GLY E 295 25.51 -20.49 4.92
CA GLY E 295 26.84 -20.02 5.23
C GLY E 295 27.69 -19.80 4.00
N PRO E 296 29.00 -19.74 4.18
CA PRO E 296 29.89 -19.60 3.02
C PRO E 296 29.96 -20.89 2.21
N SER E 297 30.14 -20.74 0.90
CA SER E 297 30.24 -21.89 0.03
C SER E 297 31.58 -22.61 0.24
N LEU E 298 31.53 -23.93 0.14
CA LEU E 298 32.69 -24.78 0.40
C LEU E 298 33.09 -25.51 -0.87
N ARG E 299 34.39 -25.77 -1.00
CA ARG E 299 34.90 -26.52 -2.14
C ARG E 299 34.76 -28.01 -1.87
N SER E 300 34.52 -28.77 -2.95
CA SER E 300 34.28 -30.20 -2.82
C SER E 300 35.52 -30.99 -2.45
N THR E 301 36.71 -30.40 -2.56
CA THR E 301 37.96 -31.07 -2.23
C THR E 301 38.75 -30.21 -1.24
N THR E 302 39.39 -30.87 -0.28
CA THR E 302 40.21 -30.18 0.69
C THR E 302 41.43 -29.56 0.01
N ALA E 303 42.10 -28.66 0.72
CA ALA E 303 43.34 -28.09 0.20
C ALA E 303 44.38 -29.15 -0.06
N SER E 304 44.28 -30.29 0.63
CA SER E 304 45.18 -31.41 0.40
C SER E 304 44.77 -32.27 -0.79
N GLY E 305 43.57 -32.06 -1.33
CA GLY E 305 43.14 -32.79 -2.51
C GLY E 305 42.22 -33.97 -2.25
N ARG E 306 41.69 -34.13 -1.03
CA ARG E 306 40.79 -35.22 -0.75
C ARG E 306 39.34 -34.80 -0.98
N VAL E 307 38.51 -35.77 -1.39
CA VAL E 307 37.13 -35.50 -1.76
C VAL E 307 36.22 -35.70 -0.55
N ILE E 308 35.16 -34.90 -0.48
CA ILE E 308 34.10 -35.05 0.52
C ILE E 308 32.86 -35.55 -0.22
N GLU E 309 32.29 -36.66 0.25
CA GLU E 309 31.36 -37.44 -0.54
C GLU E 309 29.88 -37.19 -0.24
N GLU E 310 29.55 -36.63 0.93
CA GLU E 310 28.15 -36.45 1.32
C GLU E 310 27.89 -35.01 1.71
N TRP E 311 26.74 -34.48 1.26
CA TRP E 311 26.32 -33.13 1.58
C TRP E 311 24.81 -33.14 1.83
N CYS E 312 24.32 -32.13 2.54
CA CYS E 312 22.90 -32.01 2.85
C CYS E 312 22.43 -30.56 2.70
N CYS E 313 21.10 -30.39 2.69
CA CYS E 313 20.43 -29.10 2.77
C CYS E 313 19.06 -29.32 3.40
N ARG E 314 18.39 -28.21 3.73
CA ARG E 314 17.11 -28.31 4.42
C ARG E 314 15.93 -28.33 3.45
N GLU E 315 15.85 -27.34 2.54
CA GLU E 315 14.66 -27.20 1.71
C GLU E 315 14.98 -26.91 0.25
N CYS E 316 16.00 -27.54 -0.33
CA CYS E 316 16.41 -27.26 -1.70
C CYS E 316 15.88 -28.32 -2.67
N THR E 317 15.61 -27.89 -3.91
CA THR E 317 15.08 -28.80 -4.92
C THR E 317 16.22 -29.43 -5.71
N MET E 318 16.16 -30.80 -5.87
CA MET E 318 17.17 -31.50 -6.65
C MET E 318 16.91 -31.34 -8.14
N PRO E 319 17.95 -31.39 -8.98
CA PRO E 319 19.37 -31.57 -8.67
C PRO E 319 20.01 -30.31 -8.07
N PRO E 320 21.11 -30.45 -7.34
CA PRO E 320 21.66 -29.33 -6.58
C PRO E 320 22.44 -28.34 -7.43
N LEU E 321 22.50 -27.11 -6.93
CA LEU E 321 23.28 -26.06 -7.58
C LEU E 321 24.76 -26.22 -7.27
N SER E 322 25.61 -25.90 -8.25
CA SER E 322 27.05 -26.01 -8.08
C SER E 322 27.75 -25.01 -8.99
N PHE E 323 29.01 -24.74 -8.66
CA PHE E 323 29.86 -23.86 -9.44
C PHE E 323 31.06 -24.65 -9.98
N ARG E 324 31.30 -24.54 -11.28
CA ARG E 324 32.45 -25.16 -11.91
C ARG E 324 33.51 -24.11 -12.19
N ALA E 325 34.70 -24.30 -11.62
CA ALA E 325 35.79 -23.35 -11.72
C ALA E 325 37.09 -24.08 -12.04
N LYS E 326 38.12 -23.31 -12.40
CA LYS E 326 39.41 -23.90 -12.70
C LYS E 326 39.97 -24.63 -11.50
N ASP E 327 39.70 -24.13 -10.29
CA ASP E 327 40.19 -24.79 -9.08
C ASP E 327 39.50 -26.13 -8.85
N GLY E 328 38.18 -26.17 -8.98
CA GLY E 328 37.43 -27.37 -8.71
C GLY E 328 35.94 -27.09 -8.69
N CYS E 329 35.21 -28.02 -8.07
CA CYS E 329 33.75 -27.98 -8.00
C CYS E 329 33.31 -27.54 -6.61
N TRP E 330 32.38 -26.59 -6.58
CA TRP E 330 31.87 -26.01 -5.33
C TRP E 330 30.38 -26.24 -5.23
N TYR E 331 29.87 -26.22 -4.01
CA TYR E 331 28.44 -26.34 -3.74
C TYR E 331 27.91 -25.04 -3.17
N GLY E 332 26.60 -24.83 -3.32
CA GLY E 332 25.98 -23.58 -2.95
C GLY E 332 25.94 -23.37 -1.44
N MET E 333 25.50 -22.16 -1.06
CA MET E 333 25.49 -21.77 0.34
C MET E 333 24.54 -22.65 1.16
N GLU E 334 23.42 -23.05 0.57
CA GLU E 334 22.44 -23.85 1.31
C GLU E 334 22.96 -25.24 1.61
N ILE E 335 24.02 -25.69 0.96
CA ILE E 335 24.47 -27.08 1.01
C ILE E 335 25.70 -27.17 1.89
N ARG E 336 25.63 -27.99 2.94
CA ARG E 336 26.71 -28.18 3.89
C ARG E 336 26.99 -29.66 4.08
N PRO E 337 28.20 -30.03 4.47
CA PRO E 337 28.50 -31.44 4.73
C PRO E 337 27.71 -31.97 5.93
N ARG E 338 27.45 -33.28 5.92
CA ARG E 338 26.62 -33.88 6.94
C ARG E 338 27.40 -34.18 8.23
N LYS E 339 28.53 -34.88 8.12
CA LYS E 339 29.27 -35.30 9.30
C LYS E 339 30.63 -34.64 9.47
N GLU E 340 31.32 -34.36 8.39
CA GLU E 340 32.66 -33.79 8.51
C GLU E 340 32.58 -32.32 8.90
N PRO E 341 33.37 -31.87 9.88
CA PRO E 341 33.32 -30.45 10.26
C PRO E 341 33.69 -29.53 9.10
N GLU E 342 33.04 -28.36 9.06
CA GLU E 342 33.27 -27.41 7.97
C GLU E 342 34.65 -26.76 8.05
N SER E 343 35.25 -26.70 9.23
CA SER E 343 36.57 -26.07 9.37
C SER E 343 37.65 -26.83 8.61
N ASN E 344 37.46 -28.12 8.35
CA ASN E 344 38.45 -28.88 7.58
C ASN E 344 38.41 -28.54 6.10
N LEU E 345 37.25 -28.15 5.58
CA LEU E 345 37.09 -27.88 4.16
C LEU E 345 37.58 -26.47 3.82
N VAL E 346 37.59 -26.18 2.52
CA VAL E 346 38.05 -24.89 2.03
C VAL E 346 36.85 -23.94 1.93
N ARG E 347 36.92 -22.83 2.64
CA ARG E 347 35.86 -21.83 2.58
C ARG E 347 36.19 -20.74 1.56
N SER E 348 35.16 -20.24 0.89
CA SER E 348 35.36 -19.19 -0.08
C SER E 348 35.61 -17.85 0.62
N MET E 349 36.21 -16.92 -0.11
CA MET E 349 36.59 -15.64 0.46
C MET E 349 35.37 -14.71 0.54
N VAL E 350 35.44 -13.76 1.47
CA VAL E 350 34.30 -12.90 1.77
C VAL E 350 34.19 -11.82 0.69
N THR E 351 32.97 -11.60 0.21
CA THR E 351 32.68 -10.57 -0.77
C THR E 351 31.47 -9.76 -0.32
N ALA E 352 31.55 -8.45 -0.47
CA ALA E 352 30.44 -7.57 -0.09
C ALA E 352 30.54 -6.24 -0.83
N ASP F 1 21.69 -24.17 -32.30
CA ASP F 1 21.10 -23.58 -33.55
C ASP F 1 22.16 -22.81 -34.32
N VAL F 2 22.94 -23.53 -35.12
CA VAL F 2 23.98 -22.93 -35.93
C VAL F 2 23.34 -22.12 -37.04
N GLY F 3 23.81 -20.91 -37.24
CA GLY F 3 23.19 -20.02 -38.22
C GLY F 3 24.07 -18.84 -38.57
N CYS F 4 23.47 -17.93 -39.34
CA CYS F 4 24.18 -16.76 -39.87
C CYS F 4 23.18 -15.66 -40.14
N SER F 5 23.69 -14.53 -40.62
CA SER F 5 22.84 -13.40 -40.95
C SER F 5 23.67 -12.39 -41.72
N VAL F 6 22.97 -11.41 -42.31
CA VAL F 6 23.60 -10.31 -43.03
C VAL F 6 22.88 -9.03 -42.64
N ASP F 7 23.64 -8.02 -42.20
CA ASP F 7 23.04 -6.74 -41.86
C ASP F 7 22.65 -5.99 -43.13
N PHE F 8 21.70 -5.08 -42.99
CA PHE F 8 21.25 -4.22 -44.08
C PHE F 8 21.70 -2.77 -43.94
N SER F 9 21.70 -2.23 -42.71
CA SER F 9 22.30 -0.92 -42.50
C SER F 9 23.80 -0.97 -42.80
N LYS F 10 24.44 -2.06 -42.40
CA LYS F 10 25.85 -2.32 -42.70
C LYS F 10 25.98 -3.60 -43.50
N LYS F 11 27.23 -4.01 -43.74
CA LYS F 11 27.55 -5.24 -44.46
C LYS F 11 28.16 -6.30 -43.54
N GLU F 12 28.09 -6.10 -42.24
CA GLU F 12 28.63 -7.09 -41.31
C GLU F 12 27.96 -8.45 -41.55
N THR F 13 28.77 -9.50 -41.67
CA THR F 13 28.30 -10.84 -41.97
C THR F 13 29.02 -11.86 -41.10
N ARG F 14 28.32 -12.92 -40.71
CA ARG F 14 28.89 -13.93 -39.82
C ARG F 14 27.91 -15.08 -39.67
N CYS F 15 28.47 -16.28 -39.49
CA CYS F 15 27.70 -17.41 -38.97
C CYS F 15 28.04 -17.56 -37.48
N GLY F 16 27.58 -18.65 -36.88
CA GLY F 16 27.88 -18.92 -35.48
C GLY F 16 26.73 -19.66 -34.83
N THR F 17 26.58 -19.44 -33.53
CA THR F 17 25.53 -20.05 -32.73
C THR F 17 24.75 -18.96 -32.01
N GLY F 18 23.46 -19.20 -31.81
CA GLY F 18 22.63 -18.22 -31.14
C GLY F 18 21.17 -18.63 -31.12
N VAL F 19 20.30 -17.63 -30.98
CA VAL F 19 18.87 -17.80 -31.01
C VAL F 19 18.29 -16.87 -32.07
N PHE F 20 17.40 -17.40 -32.90
CA PHE F 20 16.95 -16.70 -34.11
C PHE F 20 15.43 -16.58 -34.10
N ILE F 21 14.93 -15.36 -34.27
CA ILE F 21 13.49 -15.07 -34.33
C ILE F 21 13.16 -14.71 -35.77
N TYR F 22 12.09 -15.30 -36.30
CA TYR F 22 11.71 -15.15 -37.70
C TYR F 22 10.36 -14.44 -37.80
N ASN F 23 10.22 -13.61 -38.84
CA ASN F 23 8.98 -12.89 -39.09
C ASN F 23 8.13 -13.68 -40.07
N ASP F 24 6.98 -14.19 -39.61
CA ASP F 24 6.09 -15.01 -40.41
C ASP F 24 4.75 -14.34 -40.72
N VAL F 25 4.60 -13.05 -40.41
CA VAL F 25 3.31 -12.38 -40.60
C VAL F 25 3.17 -11.88 -42.03
N GLU F 26 4.05 -10.95 -42.44
CA GLU F 26 3.94 -10.41 -43.79
C GLU F 26 4.26 -11.47 -44.84
N ALA F 27 5.14 -12.42 -44.52
CA ALA F 27 5.46 -13.48 -45.46
C ALA F 27 4.24 -14.33 -45.79
N TRP F 28 3.18 -14.26 -44.98
CA TRP F 28 1.94 -14.99 -45.19
C TRP F 28 2.11 -16.49 -45.03
N ARG F 29 3.18 -16.92 -44.36
CA ARG F 29 3.37 -18.34 -44.08
C ARG F 29 3.32 -19.15 -45.37
N ASP F 30 2.69 -20.32 -45.34
CA ASP F 30 2.54 -21.17 -46.51
C ASP F 30 1.51 -22.24 -46.15
N ARG F 31 1.31 -23.18 -47.07
CA ARG F 31 0.32 -24.24 -46.83
C ARG F 31 0.70 -25.05 -45.60
N TYR F 32 -0.23 -25.12 -44.65
CA TYR F 32 -0.06 -25.86 -43.41
C TYR F 32 -1.03 -27.02 -43.38
N LYS F 33 -0.58 -28.17 -42.87
CA LYS F 33 -1.45 -29.34 -42.80
C LYS F 33 -2.49 -29.19 -41.68
N TYR F 34 -2.06 -28.72 -40.51
CA TYR F 34 -2.96 -28.46 -39.39
C TYR F 34 -3.70 -29.74 -38.96
N HIS F 35 -2.93 -30.76 -38.60
CA HIS F 35 -3.52 -32.01 -38.12
C HIS F 35 -4.28 -31.75 -36.82
N PRO F 36 -5.62 -31.79 -36.82
CA PRO F 36 -6.35 -31.49 -35.57
C PRO F 36 -6.56 -32.73 -34.73
N ASP F 37 -5.51 -33.15 -34.03
CA ASP F 37 -5.55 -34.34 -33.18
C ASP F 37 -5.96 -35.50 -34.10
N SER F 38 -6.68 -36.51 -33.58
CA SER F 38 -7.19 -37.58 -34.42
C SER F 38 -8.63 -37.26 -34.79
N PRO F 39 -8.96 -37.11 -36.08
CA PRO F 39 -10.35 -36.77 -36.43
C PRO F 39 -11.38 -37.70 -35.79
N ARG F 40 -10.99 -38.91 -35.42
CA ARG F 40 -11.89 -39.78 -34.65
C ARG F 40 -12.25 -39.16 -33.31
N ARG F 41 -11.24 -38.68 -32.57
CA ARG F 41 -11.49 -38.06 -31.29
C ARG F 41 -12.18 -36.71 -31.44
N LEU F 42 -11.87 -35.98 -32.51
CA LEU F 42 -12.59 -34.74 -32.77
C LEU F 42 -14.06 -35.02 -33.02
N ALA F 43 -14.37 -36.10 -33.74
CA ALA F 43 -15.76 -36.49 -33.95
C ALA F 43 -16.44 -36.84 -32.63
N ALA F 44 -15.75 -37.61 -31.79
CA ALA F 44 -16.32 -37.96 -30.49
C ALA F 44 -16.61 -36.71 -29.67
N ALA F 45 -15.68 -35.76 -29.66
CA ALA F 45 -15.88 -34.52 -28.93
C ALA F 45 -17.04 -33.72 -29.50
N VAL F 46 -17.15 -33.68 -30.83
CA VAL F 46 -18.25 -32.96 -31.46
C VAL F 46 -19.59 -33.56 -31.03
N LYS F 47 -19.68 -34.89 -31.03
CA LYS F 47 -20.92 -35.53 -30.59
C LYS F 47 -21.22 -35.21 -29.13
N GLN F 48 -20.21 -35.33 -28.27
CA GLN F 48 -20.43 -35.09 -26.84
C GLN F 48 -20.85 -33.66 -26.57
N ALA F 49 -20.34 -32.71 -27.36
CA ALA F 49 -20.71 -31.31 -27.18
C ALA F 49 -22.19 -31.09 -27.50
N TRP F 50 -22.71 -31.79 -28.50
CA TRP F 50 -24.11 -31.60 -28.88
C TRP F 50 -25.04 -32.10 -27.78
N GLU F 51 -24.68 -33.20 -27.13
CA GLU F 51 -25.52 -33.75 -26.07
C GLU F 51 -25.67 -32.79 -24.89
N GLU F 52 -24.78 -31.81 -24.76
CA GLU F 52 -24.79 -30.87 -23.64
C GLU F 52 -25.13 -29.45 -24.08
N GLY F 53 -25.87 -29.31 -25.18
CA GLY F 53 -26.35 -28.00 -25.58
C GLY F 53 -25.29 -27.02 -26.02
N ILE F 54 -24.29 -27.48 -26.76
CA ILE F 54 -23.27 -26.61 -27.34
C ILE F 54 -23.55 -26.52 -28.84
N CYS F 55 -23.69 -25.29 -29.33
CA CYS F 55 -24.13 -25.06 -30.71
C CYS F 55 -22.96 -25.01 -31.70
N GLY F 56 -22.08 -24.04 -31.54
CA GLY F 56 -21.02 -23.80 -32.49
C GLY F 56 -19.71 -23.44 -31.81
N ILE F 57 -18.74 -22.98 -32.59
CA ILE F 57 -17.47 -22.51 -32.04
C ILE F 57 -17.15 -21.16 -32.66
N SER F 58 -16.35 -20.39 -31.93
CA SER F 58 -15.84 -19.10 -32.41
C SER F 58 -14.33 -19.22 -32.51
N SER F 59 -13.80 -18.98 -33.70
CA SER F 59 -12.37 -19.16 -33.93
C SER F 59 -11.57 -18.10 -33.20
N VAL F 60 -10.55 -18.53 -32.45
CA VAL F 60 -9.65 -17.59 -31.80
C VAL F 60 -8.79 -16.87 -32.84
N SER F 61 -8.23 -17.63 -33.78
CA SER F 61 -7.31 -17.12 -34.78
C SER F 61 -7.67 -17.69 -36.14
N ARG F 62 -7.05 -17.14 -37.19
CA ARG F 62 -7.34 -17.58 -38.55
C ARG F 62 -6.82 -18.97 -38.84
N MET F 63 -5.83 -19.45 -38.09
CA MET F 63 -5.35 -20.82 -38.25
C MET F 63 -6.42 -21.84 -37.88
N GLU F 64 -7.14 -21.58 -36.78
CA GLU F 64 -8.18 -22.51 -36.34
C GLU F 64 -9.28 -22.64 -37.37
N ASN F 65 -9.73 -21.52 -37.93
CA ASN F 65 -10.79 -21.55 -38.93
C ASN F 65 -10.36 -22.35 -40.15
N ILE F 66 -9.13 -22.15 -40.61
CA ILE F 66 -8.64 -22.86 -41.80
C ILE F 66 -8.51 -24.34 -41.49
N MET F 67 -8.08 -24.70 -40.28
CA MET F 67 -8.01 -26.10 -39.90
C MET F 67 -9.40 -26.73 -39.93
N TRP F 68 -10.40 -26.02 -39.38
CA TRP F 68 -11.77 -26.52 -39.41
C TRP F 68 -12.23 -26.73 -40.85
N LYS F 69 -11.98 -25.73 -41.71
CA LYS F 69 -12.42 -25.85 -43.10
C LYS F 69 -11.77 -27.03 -43.78
N SER F 70 -10.49 -27.27 -43.51
CA SER F 70 -9.77 -28.35 -44.17
C SER F 70 -10.18 -29.73 -43.67
N VAL F 71 -10.65 -29.84 -42.42
CA VAL F 71 -11.08 -31.14 -41.90
C VAL F 71 -12.60 -31.32 -41.90
N GLU F 72 -13.35 -30.35 -42.45
CA GLU F 72 -14.80 -30.43 -42.42
C GLU F 72 -15.32 -31.77 -42.96
N GLY F 73 -14.98 -32.09 -44.21
CA GLY F 73 -15.66 -33.18 -44.90
C GLY F 73 -15.42 -34.55 -44.27
N GLU F 74 -14.17 -34.86 -43.92
CA GLU F 74 -13.88 -36.17 -43.36
C GLU F 74 -14.58 -36.38 -42.03
N LEU F 75 -14.72 -35.31 -41.24
CA LEU F 75 -15.45 -35.42 -39.99
C LEU F 75 -16.90 -35.81 -40.24
N ASN F 76 -17.53 -35.18 -41.24
CA ASN F 76 -18.89 -35.55 -41.60
C ASN F 76 -18.97 -36.99 -42.07
N ALA F 77 -17.98 -37.43 -42.84
CA ALA F 77 -17.95 -38.81 -43.29
C ALA F 77 -17.88 -39.78 -42.11
N ILE F 78 -17.03 -39.48 -41.14
CA ILE F 78 -16.92 -40.32 -39.94
C ILE F 78 -18.25 -40.34 -39.21
N LEU F 79 -18.88 -39.18 -39.04
CA LEU F 79 -20.16 -39.13 -38.34
C LEU F 79 -21.19 -40.01 -39.05
N GLU F 80 -21.26 -39.91 -40.38
CA GLU F 80 -22.23 -40.69 -41.13
C GLU F 80 -21.94 -42.18 -41.00
N GLU F 81 -20.67 -42.58 -41.06
CA GLU F 81 -20.34 -43.99 -40.98
C GLU F 81 -20.79 -44.59 -39.65
N ASN F 82 -20.53 -43.89 -38.54
CA ASN F 82 -20.97 -44.34 -37.24
C ASN F 82 -22.42 -43.93 -37.02
N GLY F 83 -22.97 -44.30 -35.87
CA GLY F 83 -24.35 -43.97 -35.55
C GLY F 83 -24.52 -42.54 -35.07
N VAL F 84 -24.41 -41.57 -35.98
CA VAL F 84 -24.56 -40.16 -35.66
C VAL F 84 -25.27 -39.46 -36.80
N GLN F 85 -26.06 -38.45 -36.45
CA GLN F 85 -26.86 -37.67 -37.41
C GLN F 85 -26.60 -36.19 -37.14
N LEU F 86 -25.51 -35.66 -37.71
CA LEU F 86 -25.13 -34.28 -37.47
C LEU F 86 -24.25 -33.80 -38.62
N THR F 87 -24.22 -32.49 -38.81
CA THR F 87 -23.52 -31.86 -39.91
C THR F 87 -22.75 -30.64 -39.43
N VAL F 88 -21.57 -30.43 -40.02
CA VAL F 88 -20.69 -29.32 -39.67
C VAL F 88 -20.64 -28.35 -40.84
N VAL F 89 -20.88 -27.07 -40.56
CA VAL F 89 -20.89 -26.03 -41.57
C VAL F 89 -19.89 -24.96 -41.18
N VAL F 90 -19.00 -24.60 -42.11
CA VAL F 90 -17.96 -23.61 -41.87
C VAL F 90 -18.21 -22.41 -42.75
N GLY F 91 -17.92 -21.22 -42.22
CA GLY F 91 -18.16 -19.98 -42.94
C GLY F 91 -17.06 -18.97 -42.69
N SER F 92 -17.17 -17.84 -43.38
CA SER F 92 -16.16 -16.79 -43.30
C SER F 92 -16.15 -16.17 -41.90
N VAL F 93 -14.96 -15.83 -41.44
CA VAL F 93 -14.76 -15.28 -40.10
C VAL F 93 -14.64 -13.77 -40.19
N LYS F 94 -15.14 -13.08 -39.17
CA LYS F 94 -15.11 -11.63 -39.09
C LYS F 94 -14.40 -11.18 -37.81
N ASN F 95 -13.91 -9.94 -37.82
CA ASN F 95 -13.13 -9.39 -36.73
C ASN F 95 -13.94 -8.32 -35.99
N PRO F 96 -13.71 -8.16 -34.67
CA PRO F 96 -12.81 -8.94 -33.81
C PRO F 96 -13.42 -10.29 -33.45
N MET F 97 -12.60 -11.26 -33.08
CA MET F 97 -13.08 -12.61 -32.78
C MET F 97 -13.43 -12.67 -31.31
N TRP F 98 -14.73 -12.77 -31.02
CA TRP F 98 -15.24 -12.61 -29.67
C TRP F 98 -15.06 -13.88 -28.85
N ARG F 99 -15.14 -13.72 -27.53
CA ARG F 99 -14.90 -14.81 -26.59
C ARG F 99 -16.18 -15.60 -26.36
N GLY F 100 -16.07 -16.92 -26.41
CA GLY F 100 -17.17 -17.80 -26.09
C GLY F 100 -17.02 -18.38 -24.69
N PRO F 101 -18.13 -18.51 -23.96
CA PRO F 101 -18.04 -18.99 -22.57
C PRO F 101 -17.89 -20.49 -22.44
N GLN F 102 -18.23 -21.27 -23.46
CA GLN F 102 -18.18 -22.72 -23.37
C GLN F 102 -16.81 -23.25 -23.83
N ARG F 103 -16.51 -24.49 -23.46
CA ARG F 103 -15.28 -25.16 -23.82
C ARG F 103 -15.60 -26.57 -24.29
N LEU F 104 -15.03 -26.96 -25.43
CA LEU F 104 -15.26 -28.31 -25.93
C LEU F 104 -14.68 -29.34 -24.98
N PRO F 105 -15.36 -30.46 -24.76
CA PRO F 105 -14.90 -31.44 -23.77
C PRO F 105 -13.81 -32.34 -24.32
N VAL F 106 -13.33 -33.23 -23.44
CA VAL F 106 -12.35 -34.25 -23.77
C VAL F 106 -13.02 -35.61 -23.60
N PRO F 107 -13.40 -36.30 -24.67
CA PRO F 107 -14.09 -37.59 -24.52
C PRO F 107 -13.23 -38.59 -23.77
N VAL F 108 -13.87 -39.37 -22.90
CA VAL F 108 -13.16 -40.40 -22.15
C VAL F 108 -12.71 -41.52 -23.08
N ASN F 109 -13.56 -41.90 -24.04
CA ASN F 109 -13.22 -42.95 -24.99
C ASN F 109 -13.50 -42.49 -26.42
N GLU F 110 -13.33 -43.39 -27.39
CA GLU F 110 -13.38 -43.05 -28.80
C GLU F 110 -14.58 -43.73 -29.46
N LEU F 111 -15.11 -43.08 -30.50
CA LEU F 111 -16.26 -43.63 -31.19
C LEU F 111 -15.94 -45.01 -31.75
N PRO F 112 -16.85 -45.99 -31.62
CA PRO F 112 -16.58 -47.33 -32.21
C PRO F 112 -16.77 -47.33 -33.73
N HIS F 113 -15.71 -46.97 -34.44
CA HIS F 113 -15.75 -46.93 -35.90
C HIS F 113 -14.37 -47.25 -36.45
N GLY F 114 -14.32 -47.51 -37.75
CA GLY F 114 -13.05 -47.72 -38.42
C GLY F 114 -12.27 -46.43 -38.50
N TRP F 115 -11.19 -46.32 -37.73
CA TRP F 115 -10.40 -45.09 -37.66
C TRP F 115 -9.50 -45.05 -38.88
N LYS F 116 -9.97 -44.36 -39.92
CA LYS F 116 -9.23 -44.21 -41.17
C LYS F 116 -9.00 -42.74 -41.53
N ALA F 117 -9.48 -41.81 -40.71
CA ALA F 117 -9.45 -40.40 -41.04
C ALA F 117 -8.15 -39.71 -40.64
N TRP F 118 -7.29 -40.38 -39.89
CA TRP F 118 -6.02 -39.76 -39.49
C TRP F 118 -5.21 -39.46 -40.73
N GLY F 119 -5.17 -38.18 -41.11
CA GLY F 119 -4.49 -37.75 -42.32
C GLY F 119 -5.37 -37.64 -43.55
N LYS F 120 -6.69 -37.62 -43.39
CA LYS F 120 -7.58 -37.54 -44.55
C LYS F 120 -7.75 -36.10 -45.00
N SER F 121 -7.54 -35.86 -46.30
CA SER F 121 -7.57 -34.51 -46.86
C SER F 121 -8.90 -34.25 -47.58
N TYR F 122 -9.93 -34.00 -46.80
CA TYR F 122 -11.22 -33.56 -47.33
C TYR F 122 -11.73 -34.53 -48.39
N PHE F 123 -12.33 -34.01 -49.46
CA PHE F 123 -12.77 -34.81 -50.60
C PHE F 123 -13.67 -35.97 -50.17
N VAL F 124 -14.76 -35.63 -49.50
CA VAL F 124 -15.77 -36.62 -49.12
C VAL F 124 -17.03 -35.89 -48.70
N ARG F 125 -18.18 -36.49 -49.01
CA ARG F 125 -19.48 -35.94 -48.69
C ARG F 125 -20.19 -36.78 -47.63
N ALA F 126 -21.25 -36.22 -47.07
CA ALA F 126 -22.04 -36.88 -46.05
C ALA F 126 -23.51 -36.51 -46.24
N ALA F 127 -24.37 -37.25 -45.54
CA ALA F 127 -25.80 -36.98 -45.61
C ALA F 127 -26.15 -35.74 -44.79
N LYS F 128 -26.85 -34.80 -45.42
CA LYS F 128 -27.28 -33.60 -44.72
C LYS F 128 -28.34 -33.93 -43.68
N THR F 129 -28.32 -33.17 -42.59
CA THR F 129 -29.24 -33.39 -41.48
C THR F 129 -29.75 -32.04 -40.98
N ASN F 130 -30.90 -32.07 -40.31
CA ASN F 130 -31.47 -30.84 -39.77
C ASN F 130 -30.54 -30.24 -38.72
N ASN F 131 -30.10 -31.04 -37.76
CA ASN F 131 -29.20 -30.57 -36.71
C ASN F 131 -27.80 -30.41 -37.28
N SER F 132 -27.21 -29.22 -37.07
CA SER F 132 -25.92 -28.88 -37.62
C SER F 132 -25.02 -28.25 -36.56
N PHE F 133 -23.75 -28.62 -36.59
CA PHE F 133 -22.72 -28.05 -35.71
C PHE F 133 -22.07 -26.91 -36.48
N VAL F 134 -22.67 -25.73 -36.42
CA VAL F 134 -22.17 -24.59 -37.17
C VAL F 134 -20.84 -24.12 -36.58
N VAL F 135 -19.90 -23.80 -37.45
CA VAL F 135 -18.60 -23.26 -37.05
C VAL F 135 -18.50 -21.85 -37.62
N ASP F 136 -18.55 -20.86 -36.73
CA ASP F 136 -18.48 -19.46 -37.14
C ASP F 136 -19.57 -19.14 -38.16
N GLY F 137 -19.18 -18.77 -39.37
CA GLY F 137 -20.17 -18.40 -40.37
C GLY F 137 -21.02 -17.24 -39.91
N ASP F 138 -22.24 -17.18 -40.45
CA ASP F 138 -23.24 -16.20 -40.05
C ASP F 138 -24.35 -16.87 -39.25
N THR F 139 -24.01 -17.96 -38.58
CA THR F 139 -24.97 -18.75 -37.81
C THR F 139 -25.10 -18.19 -36.40
N LEU F 140 -25.54 -16.93 -36.33
CA LEU F 140 -25.69 -16.24 -35.05
C LEU F 140 -27.12 -16.35 -34.53
N LYS F 141 -28.09 -15.88 -35.33
CA LYS F 141 -29.49 -16.02 -34.95
C LYS F 141 -29.87 -17.47 -34.72
N GLU F 142 -29.21 -18.41 -35.41
CA GLU F 142 -29.48 -19.82 -35.17
C GLU F 142 -29.17 -20.19 -33.73
N CYS F 143 -28.07 -19.68 -33.20
CA CYS F 143 -27.73 -19.88 -31.79
C CYS F 143 -26.82 -18.75 -31.32
N PRO F 144 -27.23 -17.97 -30.32
CA PRO F 144 -26.42 -16.82 -29.91
C PRO F 144 -25.08 -17.24 -29.32
N LEU F 145 -24.27 -16.21 -29.05
CA LEU F 145 -22.88 -16.43 -28.64
C LEU F 145 -22.75 -17.16 -27.32
N GLU F 146 -23.79 -17.14 -26.48
CA GLU F 146 -23.66 -17.72 -25.14
C GLU F 146 -23.58 -19.25 -25.16
N HIS F 147 -23.78 -19.89 -26.31
CA HIS F 147 -23.69 -21.35 -26.44
C HIS F 147 -22.63 -21.74 -27.46
N ARG F 148 -21.53 -20.97 -27.51
CA ARG F 148 -20.42 -21.25 -28.40
C ARG F 148 -19.18 -21.62 -27.59
N ALA F 149 -18.24 -22.29 -28.25
CA ALA F 149 -16.95 -22.63 -27.66
C ALA F 149 -15.87 -21.68 -28.17
N TRP F 150 -14.72 -21.71 -27.49
CA TRP F 150 -13.66 -20.75 -27.79
C TRP F 150 -12.39 -21.15 -27.07
N ASN F 151 -11.28 -21.14 -27.81
CA ASN F 151 -9.95 -21.34 -27.25
C ASN F 151 -9.84 -22.68 -26.52
N SER F 152 -10.10 -23.77 -27.25
CA SER F 152 -10.02 -25.11 -26.70
C SER F 152 -8.88 -25.94 -27.27
N PHE F 153 -8.03 -25.35 -28.10
CA PHE F 153 -6.97 -26.07 -28.79
C PHE F 153 -5.60 -25.63 -28.28
N LEU F 154 -4.65 -26.57 -28.31
CA LEU F 154 -3.31 -26.35 -27.80
C LEU F 154 -2.31 -27.01 -28.74
N VAL F 155 -1.38 -26.22 -29.29
CA VAL F 155 -0.43 -26.74 -30.26
C VAL F 155 0.46 -27.78 -29.58
N GLU F 156 0.65 -28.92 -30.24
CA GLU F 156 1.30 -30.08 -29.64
C GLU F 156 2.75 -30.22 -30.08
N ASP F 157 3.04 -29.99 -31.36
CA ASP F 157 4.39 -30.17 -31.89
C ASP F 157 4.45 -29.53 -33.27
N HIS F 158 5.61 -29.66 -33.91
CA HIS F 158 5.85 -29.16 -35.27
C HIS F 158 6.56 -30.23 -36.10
N GLY F 159 6.08 -31.46 -36.02
CA GLY F 159 6.70 -32.58 -36.71
C GLY F 159 6.85 -32.35 -38.20
N PHE F 160 8.09 -32.26 -38.68
CA PHE F 160 8.37 -32.03 -40.10
C PHE F 160 7.73 -30.72 -40.57
N GLY F 161 8.04 -29.63 -39.87
CA GLY F 161 7.48 -28.35 -40.22
C GLY F 161 8.19 -27.61 -41.34
N VAL F 162 9.40 -28.03 -41.70
CA VAL F 162 10.18 -27.30 -42.70
C VAL F 162 9.55 -27.45 -44.08
N PHE F 163 9.20 -28.68 -44.47
CA PHE F 163 8.63 -28.94 -45.79
C PHE F 163 7.23 -29.50 -45.72
N HIS F 164 6.99 -30.52 -44.89
CA HIS F 164 5.63 -31.04 -44.74
C HIS F 164 4.74 -30.03 -44.04
N THR F 165 5.32 -29.17 -43.20
CA THR F 165 4.59 -28.07 -42.57
C THR F 165 3.38 -28.59 -41.80
N SER F 166 3.60 -29.62 -41.00
CA SER F 166 2.54 -30.22 -40.20
C SER F 166 2.51 -29.57 -38.82
N VAL F 167 1.39 -28.94 -38.48
CA VAL F 167 1.16 -28.40 -37.15
C VAL F 167 0.19 -29.34 -36.44
N TRP F 168 0.69 -29.99 -35.40
CA TRP F 168 -0.13 -30.94 -34.64
C TRP F 168 -0.83 -30.22 -33.50
N LEU F 169 -2.11 -30.53 -33.31
CA LEU F 169 -2.95 -29.85 -32.34
C LEU F 169 -3.55 -30.86 -31.38
N LYS F 170 -4.20 -30.33 -30.34
CA LYS F 170 -4.85 -31.16 -29.33
C LYS F 170 -5.93 -30.34 -28.66
N VAL F 171 -6.81 -31.03 -27.93
CA VAL F 171 -7.83 -30.38 -27.13
C VAL F 171 -7.31 -30.28 -25.70
N ARG F 172 -7.26 -29.06 -25.16
CA ARG F 172 -6.67 -28.83 -23.85
C ARG F 172 -7.67 -29.20 -22.75
N GLU F 173 -7.12 -29.38 -21.54
CA GLU F 173 -7.92 -29.72 -20.38
C GLU F 173 -8.01 -28.60 -19.36
N ASP F 174 -7.50 -27.40 -19.69
CA ASP F 174 -7.44 -26.29 -18.74
C ASP F 174 -8.22 -25.11 -19.26
N TYR F 175 -9.05 -24.51 -18.40
CA TYR F 175 -9.64 -23.22 -18.71
C TYR F 175 -8.57 -22.14 -18.62
N SER F 176 -8.51 -21.29 -19.65
CA SER F 176 -7.44 -20.30 -19.72
C SER F 176 -7.88 -19.12 -20.57
N LEU F 177 -7.20 -17.99 -20.36
CA LEU F 177 -7.48 -16.76 -21.09
C LEU F 177 -6.30 -16.25 -21.90
N GLU F 178 -5.12 -16.85 -21.78
CA GLU F 178 -3.92 -16.35 -22.43
C GLU F 178 -3.71 -17.03 -23.78
N CYS F 179 -3.05 -16.31 -24.69
CA CYS F 179 -2.79 -16.83 -26.02
C CYS F 179 -1.78 -17.97 -25.96
N ASP F 180 -1.73 -18.75 -27.04
CA ASP F 180 -0.89 -19.93 -27.08
C ASP F 180 0.58 -19.53 -27.08
N PRO F 181 1.40 -19.98 -26.12
CA PRO F 181 2.80 -19.53 -26.08
C PRO F 181 3.70 -20.25 -27.07
N ALA F 182 3.33 -21.45 -27.52
CA ALA F 182 4.23 -22.26 -28.33
C ALA F 182 4.58 -21.62 -29.66
N VAL F 183 3.94 -20.52 -30.04
CA VAL F 183 4.22 -19.83 -31.30
C VAL F 183 4.60 -18.37 -31.08
N ILE F 184 5.08 -18.02 -29.89
CA ILE F 184 5.44 -16.65 -29.55
C ILE F 184 6.96 -16.53 -29.51
N GLY F 185 7.46 -15.38 -29.97
CA GLY F 185 8.88 -15.09 -29.92
C GLY F 185 9.17 -13.61 -29.86
N THR F 186 10.04 -13.20 -28.94
CA THR F 186 10.40 -11.79 -28.79
C THR F 186 11.88 -11.69 -28.46
N ALA F 187 12.48 -10.57 -28.86
CA ALA F 187 13.92 -10.40 -28.68
C ALA F 187 14.27 -8.92 -28.69
N VAL F 188 15.41 -8.61 -28.07
CA VAL F 188 15.95 -7.24 -28.04
C VAL F 188 17.45 -7.33 -28.29
N LYS F 189 17.97 -6.36 -29.06
CA LYS F 189 19.39 -6.37 -29.43
C LYS F 189 19.79 -4.92 -29.69
N GLY F 190 20.47 -4.31 -28.71
CA GLY F 190 20.92 -2.94 -28.85
C GLY F 190 19.81 -1.93 -28.69
N ARG F 191 19.50 -1.20 -29.77
CA ARG F 191 18.45 -0.19 -29.76
C ARG F 191 17.18 -0.64 -30.47
N GLU F 192 16.95 -1.95 -30.59
CA GLU F 192 15.79 -2.46 -31.29
C GLU F 192 15.26 -3.71 -30.60
N ALA F 193 13.94 -3.87 -30.60
CA ALA F 193 13.28 -5.02 -30.02
C ALA F 193 11.99 -5.28 -30.79
N ALA F 194 11.47 -6.50 -30.69
CA ALA F 194 10.26 -6.86 -31.39
C ALA F 194 9.49 -7.94 -30.62
N HIS F 195 8.16 -7.83 -30.66
CA HIS F 195 7.25 -8.85 -30.13
C HIS F 195 6.43 -9.39 -31.29
N SER F 196 6.28 -10.71 -31.36
CA SER F 196 5.66 -11.32 -32.53
C SER F 196 5.02 -12.66 -32.20
N ASP F 197 4.01 -13.00 -32.98
CA ASP F 197 3.43 -14.34 -33.02
C ASP F 197 2.99 -14.58 -34.46
N LEU F 198 2.17 -15.60 -34.67
CA LEU F 198 1.73 -15.93 -36.03
C LEU F 198 0.84 -14.86 -36.65
N GLY F 199 0.34 -13.90 -35.88
CA GLY F 199 -0.53 -12.88 -36.43
C GLY F 199 -0.11 -11.46 -36.11
N TYR F 200 0.80 -11.28 -35.15
CA TYR F 200 1.23 -9.96 -34.69
C TYR F 200 2.73 -9.80 -34.94
N TRP F 201 3.12 -8.61 -35.37
CA TRP F 201 4.52 -8.21 -35.45
C TRP F 201 4.63 -6.77 -34.96
N ILE F 202 5.21 -6.59 -33.78
CA ILE F 202 5.29 -5.29 -33.11
C ILE F 202 6.76 -4.96 -32.87
N GLU F 203 7.15 -3.74 -33.21
CA GLU F 203 8.54 -3.31 -33.12
C GLU F 203 8.65 -2.09 -32.21
N SER F 204 9.72 -2.05 -31.42
CA SER F 204 9.95 -0.99 -30.46
C SER F 204 11.39 -0.50 -30.56
N GLU F 205 11.61 0.75 -30.13
CA GLU F 205 12.91 1.38 -30.22
C GLU F 205 13.13 2.24 -28.99
N LYS F 206 14.39 2.60 -28.76
CA LYS F 206 14.76 3.54 -27.70
C LYS F 206 15.06 4.90 -28.33
N ASN F 207 14.29 5.91 -27.93
CA ASN F 207 14.60 7.29 -28.30
C ASN F 207 14.26 8.16 -27.07
N ASP F 208 15.25 8.32 -26.20
CA ASP F 208 15.11 8.98 -24.90
C ASP F 208 14.37 8.08 -23.92
N THR F 209 13.81 6.98 -24.41
CA THR F 209 13.19 5.94 -23.59
C THR F 209 12.60 4.93 -24.57
N TRP F 210 12.33 3.73 -24.08
CA TRP F 210 11.77 2.70 -24.94
C TRP F 210 10.31 3.04 -25.28
N ARG F 211 9.95 2.85 -26.54
CA ARG F 211 8.64 3.25 -27.03
C ARG F 211 8.24 2.36 -28.20
N LEU F 212 6.96 2.42 -28.55
CA LEU F 212 6.44 1.67 -29.70
C LEU F 212 6.88 2.34 -31.00
N LYS F 213 7.20 1.52 -32.00
CA LYS F 213 7.66 1.99 -33.31
C LYS F 213 6.68 1.68 -34.42
N ARG F 214 6.29 0.41 -34.57
CA ARG F 214 5.43 0.01 -35.68
C ARG F 214 4.81 -1.34 -35.35
N ALA F 215 3.62 -1.58 -35.88
CA ALA F 215 2.88 -2.82 -35.66
C ALA F 215 2.12 -3.18 -36.93
N HIS F 216 2.05 -4.48 -37.21
CA HIS F 216 1.33 -5.00 -38.37
C HIS F 216 0.52 -6.21 -37.92
N LEU F 217 -0.81 -6.12 -38.08
CA LEU F 217 -1.72 -7.13 -37.58
C LEU F 217 -2.60 -7.64 -38.72
N ILE F 218 -2.73 -8.96 -38.83
CA ILE F 218 -3.64 -9.59 -39.78
C ILE F 218 -4.84 -10.23 -39.11
N GLU F 219 -4.88 -10.24 -37.78
CA GLU F 219 -6.02 -10.74 -37.03
C GLU F 219 -6.13 -9.95 -35.74
N MET F 220 -7.32 -9.99 -35.14
CA MET F 220 -7.60 -9.30 -33.88
C MET F 220 -8.18 -10.32 -32.90
N LYS F 221 -7.30 -10.98 -32.15
CA LYS F 221 -7.72 -11.97 -31.19
C LYS F 221 -8.29 -11.29 -29.94
N THR F 222 -8.73 -12.12 -28.99
CA THR F 222 -9.24 -11.60 -27.71
C THR F 222 -8.67 -12.37 -26.53
N CYS F 223 -7.59 -13.11 -26.71
CA CYS F 223 -6.82 -13.62 -25.58
C CYS F 223 -5.90 -12.50 -25.06
N GLU F 224 -5.16 -12.79 -24.01
CA GLU F 224 -4.26 -11.83 -23.40
C GLU F 224 -2.83 -12.35 -23.41
N TRP F 225 -1.90 -11.44 -23.69
CA TRP F 225 -0.51 -11.81 -23.90
C TRP F 225 0.14 -12.22 -22.58
N PRO F 226 0.78 -13.39 -22.51
CA PRO F 226 1.39 -13.81 -21.24
C PRO F 226 2.55 -12.90 -20.84
N LYS F 227 2.75 -12.77 -19.53
CA LYS F 227 3.82 -11.90 -19.03
C LYS F 227 5.19 -12.48 -19.30
N SER F 228 5.34 -13.80 -19.17
CA SER F 228 6.66 -14.42 -19.28
C SER F 228 7.32 -14.12 -20.62
N HIS F 229 6.53 -13.85 -21.66
CA HIS F 229 7.05 -13.50 -22.97
C HIS F 229 7.01 -12.00 -23.22
N THR F 230 7.23 -11.19 -22.19
CA THR F 230 7.14 -9.75 -22.28
C THR F 230 8.37 -9.11 -21.63
N LEU F 231 8.75 -7.94 -22.14
CA LEU F 231 9.91 -7.21 -21.66
C LEU F 231 9.49 -6.04 -20.78
N TRP F 232 10.12 -5.92 -19.61
CA TRP F 232 9.99 -4.75 -18.74
C TRP F 232 8.51 -4.47 -18.44
N THR F 233 7.91 -5.41 -17.72
CA THR F 233 6.48 -5.37 -17.44
C THR F 233 6.11 -4.36 -16.36
N ASP F 234 6.91 -4.23 -15.31
CA ASP F 234 6.52 -3.44 -14.15
C ASP F 234 6.57 -1.94 -14.43
N GLY F 235 5.81 -1.19 -13.63
CA GLY F 235 5.85 0.25 -13.68
C GLY F 235 4.93 0.92 -14.69
N VAL F 236 4.06 0.17 -15.35
CA VAL F 236 3.19 0.69 -16.40
C VAL F 236 1.74 0.47 -15.98
N GLU F 237 0.88 1.40 -16.38
CA GLU F 237 -0.54 1.34 -16.07
C GLU F 237 -1.33 0.97 -17.33
N GLU F 238 -2.32 0.08 -17.16
CA GLU F 238 -3.06 -0.45 -18.31
C GLU F 238 -3.78 0.64 -19.08
N SER F 239 -4.03 1.80 -18.47
CA SER F 239 -4.71 2.88 -19.18
C SER F 239 -3.87 3.45 -20.31
N ASP F 240 -2.59 3.12 -20.37
CA ASP F 240 -1.67 3.73 -21.32
C ASP F 240 -1.26 2.82 -22.47
N LEU F 241 -1.56 1.52 -22.38
CA LEU F 241 -1.17 0.59 -23.43
C LEU F 241 -1.85 0.94 -24.74
N ILE F 242 -1.06 1.11 -25.80
CA ILE F 242 -1.61 1.49 -27.10
C ILE F 242 -2.54 0.40 -27.62
N ILE F 243 -2.07 -0.85 -27.60
CA ILE F 243 -2.89 -1.99 -28.00
C ILE F 243 -3.62 -2.48 -26.74
N PRO F 244 -4.95 -2.46 -26.70
CA PRO F 244 -5.65 -2.79 -25.45
C PRO F 244 -5.30 -4.18 -24.93
N LYS F 245 -5.28 -4.31 -23.61
CA LYS F 245 -5.06 -5.60 -22.99
C LYS F 245 -6.13 -6.60 -23.38
N SER F 246 -7.33 -6.13 -23.72
CA SER F 246 -8.41 -7.01 -24.14
C SER F 246 -8.25 -7.49 -25.57
N LEU F 247 -7.46 -6.81 -26.39
CA LEU F 247 -7.15 -7.24 -27.74
C LEU F 247 -5.79 -7.92 -27.84
N ALA F 248 -5.35 -8.57 -26.76
CA ALA F 248 -4.10 -9.33 -26.74
C ALA F 248 -2.88 -8.43 -26.88
N GLY F 249 -2.84 -7.33 -26.13
CA GLY F 249 -1.68 -6.46 -26.11
C GLY F 249 -0.74 -6.83 -24.97
N PRO F 250 0.58 -6.77 -25.22
CA PRO F 250 1.52 -7.09 -24.14
C PRO F 250 1.54 -6.02 -23.06
N LEU F 251 1.83 -6.44 -21.83
CA LEU F 251 1.98 -5.54 -20.69
C LEU F 251 3.46 -5.14 -20.60
N SER F 252 3.81 -4.06 -21.28
CA SER F 252 5.20 -3.66 -21.40
C SER F 252 5.31 -2.15 -21.57
N HIS F 253 6.48 -1.62 -21.18
CA HIS F 253 6.81 -0.24 -21.51
C HIS F 253 7.04 -0.05 -22.99
N HIS F 254 7.42 -1.13 -23.69
CA HIS F 254 7.62 -1.05 -25.14
C HIS F 254 6.31 -0.85 -25.88
N ASN F 255 5.17 -1.10 -25.23
CA ASN F 255 3.84 -0.96 -25.84
C ASN F 255 3.19 0.37 -25.48
N THR F 256 3.98 1.43 -25.33
CA THR F 256 3.47 2.72 -24.90
C THR F 256 4.03 3.82 -25.77
N ARG F 257 3.28 4.91 -25.83
CA ARG F 257 3.72 6.15 -26.45
C ARG F 257 3.16 7.29 -25.62
N GLU F 258 3.95 8.35 -25.46
CA GLU F 258 3.60 9.43 -24.56
C GLU F 258 2.78 10.48 -25.30
N GLY F 259 1.69 10.91 -24.66
CA GLY F 259 0.70 11.76 -25.29
C GLY F 259 -0.48 11.02 -25.85
N TYR F 260 -0.58 9.71 -25.65
CA TYR F 260 -1.66 8.90 -26.19
C TYR F 260 -2.14 7.92 -25.13
N ARG F 261 -3.46 7.79 -25.03
CA ARG F 261 -4.09 6.83 -24.13
C ARG F 261 -4.42 5.54 -24.86
N THR F 262 -4.85 4.54 -24.10
CA THR F 262 -5.15 3.23 -24.68
C THR F 262 -6.24 3.35 -25.74
N GLN F 263 -6.05 2.61 -26.85
CA GLN F 263 -6.93 2.69 -28.01
C GLN F 263 -7.90 1.52 -27.98
N VAL F 264 -9.03 1.73 -27.28
CA VAL F 264 -10.05 0.69 -27.13
C VAL F 264 -11.24 0.91 -28.06
N LYS F 265 -11.15 1.87 -28.97
CA LYS F 265 -12.24 2.24 -29.87
C LYS F 265 -11.71 2.45 -31.28
N GLY F 266 -10.68 1.67 -31.65
CA GLY F 266 -10.11 1.74 -32.96
C GLY F 266 -10.90 0.92 -33.96
N PRO F 267 -10.58 1.07 -35.25
CA PRO F 267 -11.30 0.33 -36.30
C PRO F 267 -10.86 -1.12 -36.38
N TRP F 268 -11.25 -1.91 -35.37
CA TRP F 268 -10.87 -3.31 -35.28
C TRP F 268 -11.81 -4.22 -36.07
N HIS F 269 -12.59 -3.67 -36.99
CA HIS F 269 -13.49 -4.46 -37.83
C HIS F 269 -12.88 -4.78 -39.18
N SER F 270 -11.65 -4.36 -39.44
CA SER F 270 -11.01 -4.59 -40.73
C SER F 270 -10.39 -5.99 -40.77
N GLU F 271 -9.85 -6.33 -41.95
CA GLU F 271 -9.19 -7.61 -42.14
C GLU F 271 -7.67 -7.49 -41.98
N GLU F 272 -7.09 -6.45 -42.56
CA GLU F 272 -5.65 -6.20 -42.47
C GLU F 272 -5.44 -4.76 -41.98
N LEU F 273 -4.59 -4.61 -40.98
CA LEU F 273 -4.38 -3.30 -40.34
C LEU F 273 -2.90 -3.11 -40.04
N GLU F 274 -2.42 -1.89 -40.29
CA GLU F 274 -1.04 -1.51 -39.97
C GLU F 274 -1.05 -0.22 -39.17
N ILE F 275 -0.30 -0.21 -38.07
CA ILE F 275 -0.20 0.97 -37.20
C ILE F 275 1.11 1.68 -37.53
N ARG F 276 1.01 2.95 -37.92
CA ARG F 276 2.18 3.72 -38.34
C ARG F 276 2.05 5.14 -37.79
N PHE F 277 3.15 5.67 -37.25
CA PHE F 277 3.17 7.03 -36.73
C PHE F 277 3.60 7.97 -37.85
N GLU F 278 2.62 8.35 -38.67
CA GLU F 278 2.88 9.20 -39.82
C GLU F 278 1.56 9.82 -40.27
N GLU F 279 1.67 10.89 -41.05
CA GLU F 279 0.51 11.53 -41.64
C GLU F 279 0.19 10.89 -42.99
N CYS F 280 -1.10 10.64 -43.23
CA CYS F 280 -1.55 10.08 -44.49
C CYS F 280 -1.55 11.15 -45.57
N PRO F 281 -1.64 10.76 -46.83
CA PRO F 281 -1.60 11.75 -47.92
C PRO F 281 -2.71 12.78 -47.77
N GLY F 282 -2.36 14.04 -48.04
CA GLY F 282 -3.34 15.11 -48.10
C GLY F 282 -3.88 15.60 -46.77
N THR F 283 -3.28 15.21 -45.64
CA THR F 283 -3.75 15.62 -44.33
C THR F 283 -2.62 16.22 -43.53
N LYS F 284 -2.98 17.14 -42.64
CA LYS F 284 -2.05 17.79 -41.72
C LYS F 284 -2.64 17.78 -40.32
N VAL F 285 -1.76 17.86 -39.32
CA VAL F 285 -2.16 17.84 -37.92
C VAL F 285 -1.52 19.01 -37.21
N TYR F 286 -2.32 19.76 -36.46
CA TYR F 286 -1.86 20.84 -35.61
C TYR F 286 -2.13 20.48 -34.15
N VAL F 287 -1.44 21.14 -33.24
CA VAL F 287 -1.59 20.94 -31.81
C VAL F 287 -2.19 22.20 -31.22
N GLU F 288 -3.39 22.08 -30.67
CA GLU F 288 -4.09 23.19 -30.05
C GLU F 288 -4.83 22.69 -28.82
N GLU F 289 -4.97 23.57 -27.82
CA GLU F 289 -5.64 23.21 -26.58
C GLU F 289 -7.15 23.37 -26.66
N THR F 290 -7.67 23.98 -27.72
CA THR F 290 -9.11 24.16 -27.88
C THR F 290 -9.77 23.02 -28.66
N CYS F 291 -8.99 22.05 -29.11
CA CYS F 291 -9.56 20.94 -29.87
C CYS F 291 -10.43 20.07 -28.95
N GLY F 292 -11.21 19.19 -29.58
CA GLY F 292 -12.18 18.41 -28.85
C GLY F 292 -11.55 17.28 -28.04
N THR F 293 -12.37 16.66 -27.22
CA THR F 293 -11.94 15.56 -26.36
C THR F 293 -11.83 14.29 -27.18
N ARG F 294 -11.56 13.16 -26.52
CA ARG F 294 -11.42 11.89 -27.21
C ARG F 294 -12.74 11.41 -27.77
N GLY F 295 -12.68 10.75 -28.92
CA GLY F 295 -13.86 10.22 -29.57
C GLY F 295 -13.54 9.02 -30.43
N PRO F 296 -14.56 8.44 -31.07
CA PRO F 296 -14.33 7.26 -31.90
C PRO F 296 -13.43 7.58 -33.10
N SER F 297 -12.68 6.56 -33.54
CA SER F 297 -11.80 6.74 -34.68
C SER F 297 -12.60 7.08 -35.92
N LEU F 298 -12.07 8.03 -36.71
CA LEU F 298 -12.74 8.51 -37.91
C LEU F 298 -11.84 8.30 -39.12
N ARG F 299 -12.45 7.86 -40.22
CA ARG F 299 -11.71 7.67 -41.46
C ARG F 299 -11.31 9.02 -42.06
N SER F 300 -10.17 9.02 -42.74
CA SER F 300 -9.67 10.26 -43.33
C SER F 300 -10.44 10.68 -44.57
N THR F 301 -11.17 9.76 -45.20
CA THR F 301 -11.91 10.04 -46.41
C THR F 301 -13.40 9.89 -46.17
N THR F 302 -14.18 10.78 -46.80
CA THR F 302 -15.63 10.74 -46.67
C THR F 302 -16.20 9.51 -47.38
N ALA F 303 -17.44 9.19 -47.06
CA ALA F 303 -18.09 8.03 -47.68
C ALA F 303 -18.06 8.12 -49.20
N SER F 304 -18.08 9.33 -49.74
CA SER F 304 -17.98 9.54 -51.18
C SER F 304 -16.53 9.63 -51.65
N GLY F 305 -15.57 9.63 -50.75
CA GLY F 305 -14.17 9.65 -51.11
C GLY F 305 -13.45 10.98 -50.97
N ARG F 306 -14.11 12.00 -50.45
CA ARG F 306 -13.45 13.28 -50.22
C ARG F 306 -12.58 13.20 -48.97
N VAL F 307 -11.52 14.00 -48.95
CA VAL F 307 -10.51 13.97 -47.89
C VAL F 307 -10.63 15.25 -47.07
N ILE F 308 -10.51 15.11 -45.75
CA ILE F 308 -10.50 16.26 -44.84
C ILE F 308 -9.04 16.64 -44.59
N GLU F 309 -8.71 17.91 -44.84
CA GLU F 309 -7.32 18.35 -44.80
C GLU F 309 -6.82 18.70 -43.40
N GLU F 310 -7.65 19.36 -42.59
CA GLU F 310 -7.20 19.94 -41.32
C GLU F 310 -7.76 19.14 -40.15
N TRP F 311 -6.85 18.71 -39.27
CA TRP F 311 -7.21 17.99 -38.05
C TRP F 311 -6.44 18.59 -36.88
N CYS F 312 -7.02 18.51 -35.68
CA CYS F 312 -6.39 19.05 -34.48
C CYS F 312 -6.38 17.99 -33.37
N CYS F 313 -5.43 18.16 -32.44
CA CYS F 313 -5.37 17.38 -31.22
C CYS F 313 -5.04 18.28 -30.05
N ARG F 314 -5.10 17.70 -28.85
CA ARG F 314 -4.90 18.46 -27.62
C ARG F 314 -3.47 18.36 -27.10
N GLU F 315 -3.03 17.15 -26.76
CA GLU F 315 -1.76 16.94 -26.07
C GLU F 315 -1.03 15.73 -26.63
N CYS F 316 -1.00 15.61 -27.95
CA CYS F 316 -0.35 14.50 -28.63
C CYS F 316 1.05 14.90 -29.10
N THR F 317 1.91 13.89 -29.28
CA THR F 317 3.28 14.07 -29.73
C THR F 317 3.41 13.66 -31.18
N MET F 318 3.97 14.55 -32.00
CA MET F 318 4.19 14.23 -33.40
C MET F 318 5.28 13.16 -33.53
N PRO F 319 5.22 12.32 -34.57
CA PRO F 319 4.21 12.28 -35.65
C PRO F 319 2.89 11.69 -35.16
N PRO F 320 1.77 12.03 -35.80
CA PRO F 320 0.47 11.53 -35.33
C PRO F 320 0.31 10.04 -35.57
N LEU F 321 -0.55 9.44 -34.76
CA LEU F 321 -0.86 8.02 -34.87
C LEU F 321 -1.99 7.80 -35.88
N SER F 322 -1.85 6.76 -36.70
CA SER F 322 -2.86 6.45 -37.71
C SER F 322 -2.84 4.95 -38.00
N PHE F 323 -3.95 4.48 -38.56
CA PHE F 323 -4.10 3.09 -38.97
C PHE F 323 -4.24 3.02 -40.49
N ARG F 324 -3.60 2.03 -41.09
CA ARG F 324 -3.59 1.85 -42.53
C ARG F 324 -4.38 0.60 -42.88
N ALA F 325 -5.35 0.73 -43.79
CA ALA F 325 -6.18 -0.38 -44.22
C ALA F 325 -6.54 -0.20 -45.68
N LYS F 326 -7.01 -1.29 -46.29
CA LYS F 326 -7.41 -1.24 -47.70
C LYS F 326 -8.56 -0.27 -47.93
N ASP F 327 -9.32 0.07 -46.89
CA ASP F 327 -10.36 1.09 -47.02
C ASP F 327 -9.75 2.48 -47.09
N GLY F 328 -8.73 2.75 -46.28
CA GLY F 328 -8.12 4.07 -46.21
C GLY F 328 -7.39 4.24 -44.89
N CYS F 329 -7.35 5.50 -44.44
CA CYS F 329 -6.64 5.88 -43.22
C CYS F 329 -7.63 6.18 -42.09
N TRP F 330 -7.34 5.63 -40.92
CA TRP F 330 -8.11 5.91 -39.70
C TRP F 330 -7.19 6.52 -38.67
N TYR F 331 -7.61 7.63 -38.07
CA TYR F 331 -6.85 8.30 -37.04
C TYR F 331 -7.26 7.82 -35.65
N GLY F 332 -6.45 8.16 -34.66
CA GLY F 332 -6.76 7.80 -33.28
C GLY F 332 -7.78 8.73 -32.65
N MET F 333 -8.16 8.40 -31.41
CA MET F 333 -9.15 9.19 -30.70
C MET F 333 -8.64 10.61 -30.44
N GLU F 334 -7.36 10.74 -30.08
CA GLU F 334 -6.85 12.04 -29.68
C GLU F 334 -6.99 13.09 -30.77
N ILE F 335 -7.01 12.67 -32.03
CA ILE F 335 -7.08 13.59 -33.17
C ILE F 335 -8.52 13.70 -33.62
N ARG F 336 -9.00 14.94 -33.76
CA ARG F 336 -10.36 15.22 -34.16
C ARG F 336 -10.36 16.22 -35.31
N PRO F 337 -11.39 16.20 -36.16
CA PRO F 337 -11.44 17.16 -37.26
C PRO F 337 -11.49 18.59 -36.75
N ARG F 338 -10.81 19.49 -37.45
CA ARG F 338 -10.82 20.89 -37.08
C ARG F 338 -12.16 21.54 -37.41
N LYS F 339 -12.67 21.28 -38.62
CA LYS F 339 -13.95 21.84 -39.05
C LYS F 339 -14.58 20.84 -40.02
N GLU F 340 -15.55 20.07 -39.53
CA GLU F 340 -16.26 19.12 -40.38
C GLU F 340 -17.52 18.62 -39.69
N PRO F 341 -18.67 18.61 -40.38
CA PRO F 341 -19.86 17.99 -39.78
C PRO F 341 -19.62 16.51 -39.49
N GLU F 342 -20.19 16.04 -38.39
CA GLU F 342 -20.06 14.64 -38.01
C GLU F 342 -20.85 13.69 -38.91
N SER F 343 -21.72 14.23 -39.78
CA SER F 343 -22.51 13.38 -40.65
C SER F 343 -21.65 12.70 -41.71
N ASN F 344 -20.64 13.40 -42.22
CA ASN F 344 -19.78 12.87 -43.29
C ASN F 344 -18.71 11.93 -42.77
N LEU F 345 -18.57 11.78 -41.46
CA LEU F 345 -17.49 10.99 -40.87
C LEU F 345 -17.95 9.57 -40.64
N VAL F 346 -17.12 8.61 -41.03
CA VAL F 346 -17.41 7.19 -40.85
C VAL F 346 -16.84 6.79 -39.50
N ARG F 347 -17.70 6.63 -38.51
CA ARG F 347 -17.26 6.34 -37.16
C ARG F 347 -16.83 4.89 -37.05
N SER F 348 -15.79 4.64 -36.26
CA SER F 348 -15.37 3.27 -36.01
C SER F 348 -16.48 2.50 -35.33
N MET F 349 -16.68 1.26 -35.77
CA MET F 349 -17.72 0.42 -35.18
C MET F 349 -17.26 -0.03 -33.81
N VAL F 350 -17.83 0.57 -32.76
CA VAL F 350 -17.39 0.26 -31.40
C VAL F 350 -17.56 -1.23 -31.17
N THR F 351 -16.50 -1.87 -30.66
CA THR F 351 -16.48 -3.31 -30.44
C THR F 351 -16.75 -3.59 -28.97
N ALA F 352 -17.73 -4.44 -28.71
CA ALA F 352 -18.13 -4.77 -27.35
C ALA F 352 -18.24 -6.28 -27.15
N VAL G 17 -51.42 20.60 -6.44
CA VAL G 17 -51.60 19.44 -5.53
C VAL G 17 -52.99 19.48 -4.90
N GLN G 18 -53.92 18.70 -5.45
CA GLN G 18 -55.27 18.63 -4.95
C GLN G 18 -55.76 17.19 -5.00
N LEU G 19 -56.40 16.74 -3.93
CA LEU G 19 -56.93 15.39 -3.83
C LEU G 19 -58.45 15.46 -3.78
N GLN G 20 -59.10 14.66 -4.63
CA GLN G 20 -60.55 14.68 -4.75
C GLN G 20 -61.05 13.24 -4.84
N GLU G 21 -61.68 12.74 -3.79
CA GLU G 21 -62.27 11.42 -3.80
C GLU G 21 -63.63 11.44 -4.48
N SER G 22 -64.09 10.26 -4.88
CA SER G 22 -65.38 10.13 -5.54
C SER G 22 -65.78 8.65 -5.53
N GLY G 23 -67.04 8.40 -5.90
CA GLY G 23 -67.53 7.04 -5.99
C GLY G 23 -68.00 6.43 -4.68
N GLY G 24 -68.39 7.26 -3.72
CA GLY G 24 -68.86 6.78 -2.42
C GLY G 24 -70.36 6.95 -2.30
N GLY G 25 -71.02 5.94 -1.75
CA GLY G 25 -72.47 6.01 -1.57
C GLY G 25 -72.96 4.81 -0.79
N LEU G 26 -74.24 4.86 -0.44
CA LEU G 26 -74.87 3.78 0.31
C LEU G 26 -74.85 2.49 -0.50
N VAL G 27 -74.52 1.39 0.17
CA VAL G 27 -74.49 0.07 -0.46
C VAL G 27 -75.05 -0.94 0.53
N GLN G 28 -75.82 -1.90 0.01
CA GLN G 28 -76.37 -2.94 0.86
C GLN G 28 -75.29 -3.96 1.23
N PRO G 29 -75.43 -4.64 2.37
CA PRO G 29 -74.41 -5.59 2.78
C PRO G 29 -74.20 -6.67 1.73
N GLY G 30 -72.94 -7.06 1.54
CA GLY G 30 -72.58 -8.02 0.53
C GLY G 30 -72.41 -7.44 -0.87
N GLY G 31 -72.59 -6.14 -1.03
CA GLY G 31 -72.49 -5.50 -2.33
C GLY G 31 -71.05 -5.20 -2.71
N SER G 32 -70.91 -4.46 -3.81
CA SER G 32 -69.61 -4.08 -4.35
C SER G 32 -69.63 -2.60 -4.67
N LEU G 33 -68.56 -1.90 -4.27
CA LEU G 33 -68.39 -0.49 -4.58
C LEU G 33 -66.94 -0.25 -4.98
N ARG G 34 -66.72 0.79 -5.78
CA ARG G 34 -65.38 1.10 -6.29
C ARG G 34 -65.19 2.61 -6.28
N LEU G 35 -64.21 3.08 -5.52
CA LEU G 35 -63.96 4.50 -5.36
C LEU G 35 -62.93 4.99 -6.39
N SER G 36 -62.59 6.26 -6.30
CA SER G 36 -61.61 6.88 -7.20
C SER G 36 -61.21 8.23 -6.62
N CYS G 37 -59.92 8.54 -6.70
CA CYS G 37 -59.37 9.77 -6.13
C CYS G 37 -58.55 10.48 -7.20
N ALA G 38 -59.16 11.47 -7.85
CA ALA G 38 -58.53 12.18 -8.95
C ALA G 38 -57.42 13.09 -8.39
N ALA G 39 -56.18 12.77 -8.73
CA ALA G 39 -55.04 13.57 -8.28
C ALA G 39 -54.61 14.53 -9.39
N SER G 40 -54.12 15.70 -8.97
CA SER G 40 -53.68 16.73 -9.90
C SER G 40 -52.45 17.41 -9.34
N GLY G 41 -51.61 17.95 -10.24
CA GLY G 41 -50.43 18.69 -9.85
C GLY G 41 -49.29 17.85 -9.32
N ARG G 42 -49.32 16.54 -9.53
CA ARG G 42 -48.28 15.67 -9.00
C ARG G 42 -48.24 14.38 -9.81
N THR G 43 -47.05 13.76 -9.84
CA THR G 43 -46.85 12.49 -10.51
C THR G 43 -46.87 11.39 -9.44
N ILE G 44 -47.98 10.64 -9.38
CA ILE G 44 -48.12 9.62 -8.34
C ILE G 44 -47.31 8.37 -8.63
N SER G 45 -46.71 8.27 -9.81
CA SER G 45 -45.90 7.08 -10.13
C SER G 45 -44.65 7.01 -9.26
N ARG G 46 -44.09 8.17 -8.89
CA ARG G 46 -42.90 8.23 -8.06
C ARG G 46 -43.20 8.20 -6.57
N TYR G 47 -44.48 8.16 -6.19
CA TYR G 47 -44.85 8.16 -4.79
C TYR G 47 -45.83 7.02 -4.50
N ALA G 48 -46.33 6.95 -3.26
CA ALA G 48 -47.26 5.91 -2.85
C ALA G 48 -48.53 6.55 -2.30
N MET G 49 -49.68 5.95 -2.62
CA MET G 49 -50.97 6.42 -2.16
C MET G 49 -51.52 5.46 -1.12
N SER G 50 -52.07 6.00 -0.04
CA SER G 50 -52.57 5.21 1.07
C SER G 50 -54.02 5.58 1.37
N TRP G 51 -54.76 4.61 1.88
CA TRP G 51 -56.19 4.76 2.16
C TRP G 51 -56.43 4.73 3.67
N PHE G 52 -57.21 5.69 4.16
CA PHE G 52 -57.57 5.78 5.56
C PHE G 52 -59.06 6.06 5.68
N ARG G 53 -59.66 5.53 6.74
CA ARG G 53 -61.09 5.70 7.00
C ARG G 53 -61.29 6.16 8.44
N GLN G 54 -62.32 6.97 8.64
CA GLN G 54 -62.66 7.50 9.96
C GLN G 54 -64.16 7.44 10.13
N ALA G 55 -64.64 6.54 10.98
CA ALA G 55 -66.05 6.47 11.28
C ALA G 55 -66.45 7.62 12.21
N PRO G 56 -67.72 8.01 12.22
CA PRO G 56 -68.13 9.14 13.06
C PRO G 56 -67.76 8.91 14.51
N GLY G 57 -67.15 9.93 15.13
CA GLY G 57 -66.73 9.83 16.50
C GLY G 57 -65.64 8.80 16.75
N LYS G 58 -64.86 8.46 15.72
CA LYS G 58 -63.81 7.46 15.83
C LYS G 58 -62.51 8.05 15.29
N GLU G 59 -61.44 7.26 15.37
CA GLU G 59 -60.13 7.71 14.92
C GLU G 59 -59.97 7.44 13.42
N ARG G 60 -58.77 7.73 12.92
CA ARG G 60 -58.42 7.51 11.52
C ARG G 60 -57.56 6.25 11.45
N GLU G 61 -58.14 5.17 10.94
CA GLU G 61 -57.50 3.86 10.91
C GLU G 61 -56.96 3.56 9.52
N PHE G 62 -55.78 2.93 9.48
CA PHE G 62 -55.18 2.52 8.22
C PHE G 62 -56.07 1.50 7.51
N VAL G 63 -56.13 1.61 6.19
CA VAL G 63 -56.95 0.72 5.37
C VAL G 63 -56.04 -0.11 4.49
N ALA G 64 -55.28 0.55 3.62
CA ALA G 64 -54.38 -0.15 2.71
C ALA G 64 -53.43 0.87 2.09
N VAL G 65 -52.29 0.38 1.63
CA VAL G 65 -51.27 1.19 0.97
C VAL G 65 -50.91 0.51 -0.34
N ALA G 66 -50.82 1.30 -1.41
CA ALA G 66 -50.45 0.81 -2.73
C ALA G 66 -49.11 1.44 -3.11
N ARG G 67 -48.04 0.65 -3.03
CA ARG G 67 -46.71 1.13 -3.37
C ARG G 67 -46.54 1.17 -4.89
N ARG G 68 -45.36 1.61 -5.32
CA ARG G 68 -45.09 1.70 -6.75
C ARG G 68 -45.18 0.31 -7.39
N SER G 69 -45.15 0.31 -8.72
CA SER G 69 -45.21 -0.95 -9.46
C SER G 69 -44.05 -1.86 -9.07
N GLY G 70 -44.34 -3.15 -8.93
CA GLY G 70 -43.34 -4.13 -8.56
C GLY G 70 -43.07 -4.26 -7.08
N ASP G 71 -43.73 -3.47 -6.23
CA ASP G 71 -43.56 -3.54 -4.80
C ASP G 71 -44.70 -4.22 -4.08
N GLY G 72 -45.88 -4.32 -4.69
CA GLY G 72 -47.02 -4.91 -4.05
C GLY G 72 -47.75 -3.93 -3.15
N ALA G 73 -48.82 -4.43 -2.54
CA ALA G 73 -49.65 -3.63 -1.64
C ALA G 73 -49.89 -4.40 -0.36
N PHE G 74 -50.01 -3.66 0.74
CA PHE G 74 -50.24 -4.23 2.06
C PHE G 74 -51.60 -3.79 2.58
N TYR G 75 -52.34 -4.74 3.16
CA TYR G 75 -53.71 -4.51 3.59
C TYR G 75 -53.82 -4.71 5.10
N ALA G 76 -54.72 -3.95 5.71
CA ALA G 76 -54.98 -4.09 7.13
C ALA G 76 -55.61 -5.44 7.42
N ASP G 77 -55.41 -5.91 8.66
CA ASP G 77 -55.92 -7.23 9.02
C ASP G 77 -57.44 -7.29 8.93
N SER G 78 -58.12 -6.23 9.36
CA SER G 78 -59.58 -6.23 9.33
C SER G 78 -60.11 -6.28 7.90
N VAL G 79 -59.51 -5.50 7.00
CA VAL G 79 -60.00 -5.40 5.63
C VAL G 79 -59.28 -6.41 4.73
N GLN G 80 -58.58 -7.35 5.36
CA GLN G 80 -57.85 -8.35 4.59
C GLN G 80 -58.79 -9.18 3.74
N GLY G 81 -58.39 -9.44 2.50
CA GLY G 81 -59.16 -10.29 1.59
C GLY G 81 -60.31 -9.62 0.88
N ARG G 82 -61.22 -8.97 1.62
CA ARG G 82 -62.40 -8.38 1.01
C ARG G 82 -62.02 -7.20 0.11
N PHE G 83 -61.06 -6.39 0.53
CA PHE G 83 -60.71 -5.18 -0.21
C PHE G 83 -59.59 -5.45 -1.22
N THR G 84 -59.42 -4.51 -2.13
CA THR G 84 -58.36 -4.57 -3.13
C THR G 84 -58.12 -3.15 -3.66
N VAL G 85 -56.85 -2.79 -3.82
CA VAL G 85 -56.46 -1.45 -4.25
C VAL G 85 -55.55 -1.59 -5.46
N SER G 86 -55.75 -0.69 -6.43
CA SER G 86 -54.95 -0.67 -7.65
C SER G 86 -54.67 0.78 -8.03
N ARG G 87 -53.66 0.95 -8.90
CA ARG G 87 -53.24 2.26 -9.34
C ARG G 87 -53.24 2.33 -10.87
N ASP G 88 -53.36 3.55 -11.38
CA ASP G 88 -53.30 3.82 -12.83
C ASP G 88 -52.40 5.03 -13.01
N ASP G 89 -51.10 4.79 -13.23
CA ASP G 89 -50.16 5.87 -13.40
C ASP G 89 -50.51 6.75 -14.59
N ALA G 90 -51.12 6.17 -15.63
CA ALA G 90 -51.50 6.95 -16.80
C ALA G 90 -52.53 8.01 -16.45
N LYS G 91 -53.55 7.63 -15.66
CA LYS G 91 -54.63 8.54 -15.30
C LYS G 91 -54.41 9.25 -13.96
N ASN G 92 -53.34 8.94 -13.25
CA ASN G 92 -53.01 9.61 -11.98
C ASN G 92 -54.20 9.52 -11.01
N THR G 93 -54.62 8.28 -10.76
CA THR G 93 -55.73 8.03 -9.85
C THR G 93 -55.51 6.67 -9.20
N VAL G 94 -56.09 6.50 -8.01
CA VAL G 94 -56.02 5.26 -7.26
C VAL G 94 -57.42 4.67 -7.15
N TYR G 95 -57.56 3.39 -7.50
CA TYR G 95 -58.84 2.70 -7.50
C TYR G 95 -58.85 1.66 -6.40
N LEU G 96 -59.90 1.65 -5.59
CA LEU G 96 -60.11 0.64 -4.55
C LEU G 96 -61.37 -0.15 -4.85
N GLN G 97 -61.26 -1.47 -4.86
CA GLN G 97 -62.38 -2.37 -5.09
C GLN G 97 -62.78 -3.01 -3.77
N MET G 98 -64.07 -2.95 -3.44
CA MET G 98 -64.61 -3.50 -2.20
C MET G 98 -65.50 -4.69 -2.52
N ASN G 99 -65.34 -5.77 -1.76
CA ASN G 99 -66.17 -6.96 -1.88
C ASN G 99 -66.72 -7.32 -0.51
N SER G 100 -68.00 -7.74 -0.48
CA SER G 100 -68.64 -8.21 0.74
C SER G 100 -68.66 -7.10 1.81
N LEU G 101 -69.34 -6.01 1.47
CA LEU G 101 -69.46 -4.89 2.40
C LEU G 101 -70.23 -5.32 3.65
N LYS G 102 -69.95 -4.65 4.76
CA LYS G 102 -70.58 -4.93 6.04
C LYS G 102 -70.97 -3.62 6.71
N PRO G 103 -71.95 -3.65 7.62
CA PRO G 103 -72.37 -2.41 8.28
C PRO G 103 -71.25 -1.68 9.00
N GLU G 104 -70.29 -2.41 9.58
CA GLU G 104 -69.20 -1.76 10.30
C GLU G 104 -68.36 -0.87 9.40
N ASP G 105 -68.39 -1.09 8.08
CA ASP G 105 -67.56 -0.33 7.17
C ASP G 105 -68.03 1.12 7.00
N THR G 106 -69.21 1.46 7.53
CA THR G 106 -69.73 2.82 7.40
C THR G 106 -68.75 3.84 7.99
N ALA G 107 -68.21 4.71 7.14
CA ALA G 107 -67.25 5.71 7.58
C ALA G 107 -66.86 6.64 6.43
N VAL G 108 -66.07 7.67 6.73
CA VAL G 108 -65.56 8.60 5.73
C VAL G 108 -64.15 8.15 5.37
N TYR G 109 -63.92 7.92 4.08
CA TYR G 109 -62.62 7.42 3.60
C TYR G 109 -61.77 8.62 3.17
N TYR G 110 -60.71 8.89 3.94
CA TYR G 110 -59.79 9.96 3.65
C TYR G 110 -58.54 9.38 2.98
N CYS G 111 -58.26 9.82 1.76
CA CYS G 111 -57.08 9.37 1.06
C CYS G 111 -55.84 10.11 1.56
N ALA G 112 -54.69 9.49 1.37
CA ALA G 112 -53.43 10.09 1.80
C ALA G 112 -52.34 9.71 0.81
N ILE G 113 -51.28 10.52 0.79
CA ILE G 113 -50.15 10.33 -0.11
C ILE G 113 -48.87 10.41 0.70
N ASP G 114 -47.97 9.47 0.46
CA ASP G 114 -46.71 9.39 1.20
C ASP G 114 -45.64 10.17 0.44
N SER G 115 -45.20 11.28 1.02
CA SER G 115 -44.20 12.13 0.35
C SER G 115 -42.85 11.44 0.27
N ASP G 116 -42.48 10.67 1.30
CA ASP G 116 -41.15 10.05 1.33
C ASP G 116 -41.05 8.97 0.26
N THR G 117 -39.97 9.03 -0.53
CA THR G 117 -39.75 8.01 -1.55
C THR G 117 -39.31 6.69 -0.93
N PHE G 118 -38.64 6.75 0.23
CA PHE G 118 -38.27 5.56 0.97
C PHE G 118 -39.46 4.92 1.70
N TYR G 119 -40.64 5.56 1.64
CA TYR G 119 -41.85 5.01 2.26
C TYR G 119 -41.73 5.00 3.78
N SER G 120 -41.40 6.15 4.35
CA SER G 120 -41.28 6.33 5.79
C SER G 120 -42.60 6.70 6.44
N GLY G 121 -43.69 6.81 5.68
CA GLY G 121 -44.96 7.21 6.25
C GLY G 121 -45.07 8.70 6.52
N SER G 122 -44.33 9.52 5.78
CA SER G 122 -44.35 10.97 5.98
C SER G 122 -45.51 11.56 5.16
N TYR G 123 -46.72 11.32 5.65
CA TYR G 123 -47.91 11.83 4.99
C TYR G 123 -48.00 13.34 5.15
N ASP G 124 -48.40 14.02 4.07
CA ASP G 124 -48.38 15.48 4.04
C ASP G 124 -49.72 16.08 3.64
N TYR G 125 -50.44 15.41 2.73
CA TYR G 125 -51.69 15.93 2.20
C TYR G 125 -52.79 14.88 2.34
N TRP G 126 -54.03 15.38 2.44
CA TRP G 126 -55.21 14.52 2.53
C TRP G 126 -56.32 15.13 1.69
N GLY G 127 -57.25 14.26 1.27
CA GLY G 127 -58.42 14.71 0.54
C GLY G 127 -59.56 15.08 1.46
N GLN G 128 -60.64 15.58 0.85
CA GLN G 128 -61.81 15.98 1.64
C GLN G 128 -62.59 14.78 2.17
N GLY G 129 -62.44 13.61 1.55
CA GLY G 129 -63.14 12.42 1.98
C GLY G 129 -64.51 12.29 1.36
N THR G 130 -65.08 11.08 1.47
CA THR G 130 -66.40 10.78 0.94
C THR G 130 -67.14 9.93 1.96
N GLN G 131 -68.44 10.20 2.11
CA GLN G 131 -69.28 9.49 3.06
C GLN G 131 -69.83 8.23 2.41
N VAL G 132 -69.56 7.08 3.03
CA VAL G 132 -70.02 5.79 2.55
C VAL G 132 -70.61 5.02 3.73
N THR G 133 -71.81 4.48 3.54
CA THR G 133 -72.53 3.78 4.59
C THR G 133 -73.03 2.44 4.07
N VAL G 134 -73.06 1.45 4.95
CA VAL G 134 -73.53 0.10 4.62
C VAL G 134 -74.71 -0.22 5.53
N SER G 135 -75.85 -0.52 4.92
CA SER G 135 -77.05 -0.87 5.68
C SER G 135 -78.07 -1.47 4.72
N SER G 136 -78.63 -2.61 5.09
CA SER G 136 -79.61 -3.29 4.26
C SER G 136 -80.89 -2.48 4.14
N VAL H 17 29.92 -1.30 50.33
CA VAL H 17 29.45 -0.13 49.54
C VAL H 17 29.85 1.17 50.25
N GLN H 18 31.12 1.55 50.12
CA GLN H 18 31.65 2.74 50.76
C GLN H 18 32.42 3.57 49.74
N LEU H 19 32.26 4.89 49.83
CA LEU H 19 32.98 5.84 49.00
C LEU H 19 33.75 6.81 49.89
N GLN H 20 35.04 7.01 49.57
CA GLN H 20 35.90 7.90 50.35
C GLN H 20 36.64 8.80 49.39
N GLU H 21 36.37 10.11 49.46
CA GLU H 21 37.06 11.07 48.62
C GLU H 21 38.41 11.45 49.23
N SER H 22 39.33 11.84 48.36
CA SER H 22 40.67 12.22 48.78
C SER H 22 41.28 13.13 47.72
N GLY H 23 42.39 13.76 48.08
CA GLY H 23 43.06 14.67 47.17
C GLY H 23 42.45 16.04 47.08
N GLY H 24 41.82 16.52 48.15
CA GLY H 24 41.25 17.85 48.20
C GLY H 24 42.08 18.76 49.11
N GLY H 25 42.27 20.00 48.68
CA GLY H 25 43.06 20.94 49.46
C GLY H 25 43.05 22.31 48.80
N LEU H 26 43.66 23.26 49.50
CA LEU H 26 43.72 24.62 48.99
C LEU H 26 44.59 24.71 47.75
N VAL H 27 44.15 25.50 46.78
CA VAL H 27 44.88 25.73 45.54
C VAL H 27 44.70 27.18 45.14
N GLN H 28 45.77 27.80 44.64
CA GLN H 28 45.68 29.18 44.20
C GLN H 28 44.86 29.27 42.91
N PRO H 29 44.30 30.43 42.61
CA PRO H 29 43.60 30.59 41.33
C PRO H 29 44.55 30.29 40.17
N GLY H 30 44.03 29.55 39.20
CA GLY H 30 44.83 29.10 38.07
C GLY H 30 45.65 27.85 38.34
N GLY H 31 45.51 27.24 39.52
CA GLY H 31 46.28 26.07 39.87
C GLY H 31 45.70 24.79 39.30
N SER H 32 46.28 23.67 39.73
CA SER H 32 45.88 22.34 39.27
C SER H 32 45.74 21.41 40.47
N LEU H 33 44.66 20.64 40.51
CA LEU H 33 44.44 19.65 41.54
C LEU H 33 43.79 18.43 40.91
N ARG H 34 43.99 17.26 41.54
CA ARG H 34 43.44 16.00 41.04
C ARG H 34 42.78 15.26 42.20
N LEU H 35 41.44 15.28 42.22
CA LEU H 35 40.67 14.54 43.20
C LEU H 35 40.66 13.05 42.85
N SER H 36 40.53 12.23 43.89
CA SER H 36 40.49 10.78 43.72
C SER H 36 39.55 10.19 44.76
N CYS H 37 38.72 9.25 44.33
CA CYS H 37 37.77 8.56 45.20
C CYS H 37 37.97 7.06 45.06
N ALA H 38 38.12 6.38 46.19
CA ALA H 38 38.35 4.94 46.21
C ALA H 38 37.04 4.23 46.52
N ALA H 39 36.45 3.58 45.52
CA ALA H 39 35.22 2.83 45.71
C ALA H 39 35.52 1.45 46.24
N SER H 40 34.63 0.93 47.09
CA SER H 40 34.78 -0.39 47.67
C SER H 40 33.43 -1.06 47.77
N GLY H 41 33.43 -2.39 47.65
CA GLY H 41 32.22 -3.18 47.77
C GLY H 41 31.31 -3.17 46.56
N ARG H 42 31.73 -2.54 45.46
CA ARG H 42 30.90 -2.49 44.26
C ARG H 42 31.82 -2.43 43.04
N THR H 43 31.25 -2.79 41.89
CA THR H 43 31.97 -2.77 40.61
C THR H 43 31.50 -1.54 39.85
N ILE H 44 32.32 -0.48 39.88
CA ILE H 44 31.96 0.76 39.20
C ILE H 44 32.01 0.60 37.69
N SER H 45 32.73 -0.41 37.19
CA SER H 45 32.82 -0.60 35.75
C SER H 45 31.46 -0.82 35.12
N ARG H 46 30.55 -1.50 35.84
CA ARG H 46 29.22 -1.79 35.33
C ARG H 46 28.21 -0.69 35.65
N TYR H 47 28.63 0.37 36.32
CA TYR H 47 27.76 1.48 36.70
C TYR H 47 28.37 2.80 36.24
N ALA H 48 27.65 3.89 36.48
CA ALA H 48 28.10 5.24 36.15
C ALA H 48 28.24 6.06 37.41
N MET H 49 29.27 6.92 37.44
CA MET H 49 29.61 7.72 38.60
C MET H 49 29.57 9.20 38.25
N SER H 50 29.15 10.01 39.21
CA SER H 50 29.03 11.45 39.02
C SER H 50 29.68 12.19 40.20
N TRP H 51 30.10 13.43 39.92
CA TRP H 51 30.69 14.30 40.93
C TRP H 51 29.75 15.46 41.25
N PHE H 52 29.77 15.90 42.51
CA PHE H 52 28.95 17.00 42.97
C PHE H 52 29.77 17.88 43.90
N ARG H 53 29.27 19.09 44.13
CA ARG H 53 29.93 20.05 45.01
C ARG H 53 28.87 20.83 45.77
N GLN H 54 29.25 21.33 46.95
CA GLN H 54 28.37 22.15 47.77
C GLN H 54 29.19 23.23 48.46
N ALA H 55 28.93 24.49 48.11
CA ALA H 55 29.57 25.57 48.84
C ALA H 55 28.89 25.77 50.18
N PRO H 56 29.62 26.28 51.19
CA PRO H 56 29.01 26.47 52.50
C PRO H 56 27.74 27.33 52.42
N GLY H 57 26.68 26.84 53.05
CA GLY H 57 25.41 27.55 52.99
C GLY H 57 24.81 27.63 51.61
N LYS H 58 25.19 26.72 50.71
CA LYS H 58 24.70 26.72 49.34
C LYS H 58 24.15 25.34 49.00
N GLU H 59 23.51 25.24 47.84
CA GLU H 59 22.97 23.97 47.38
C GLU H 59 24.07 23.11 46.76
N ARG H 60 23.66 21.95 46.26
CA ARG H 60 24.58 20.91 45.81
C ARG H 60 24.42 20.73 44.30
N GLU H 61 25.30 21.39 43.54
CA GLU H 61 25.17 21.48 42.09
C GLU H 61 26.14 20.54 41.39
N PHE H 62 26.21 20.65 40.07
CA PHE H 62 26.95 19.72 39.23
C PHE H 62 28.45 19.98 39.29
N VAL H 63 29.22 18.92 39.07
CA VAL H 63 30.67 19.00 38.86
C VAL H 63 31.07 18.29 37.57
N ALA H 64 30.63 17.05 37.40
CA ALA H 64 30.86 16.29 36.17
C ALA H 64 30.18 14.93 36.33
N VAL H 65 30.12 14.19 35.23
CA VAL H 65 29.57 12.84 35.22
C VAL H 65 30.48 11.98 34.34
N ALA H 66 30.82 10.78 34.84
CA ALA H 66 31.66 9.83 34.12
C ALA H 66 30.83 8.58 33.85
N ARG H 67 30.36 8.43 32.62
CA ARG H 67 29.60 7.25 32.22
C ARG H 67 30.55 6.13 31.83
N ARG H 68 29.97 4.96 31.56
CA ARG H 68 30.78 3.79 31.23
C ARG H 68 31.62 4.06 29.98
N SER H 69 32.57 3.15 29.74
CA SER H 69 33.48 3.32 28.62
C SER H 69 32.71 3.36 27.30
N GLY H 70 33.15 4.25 26.41
CA GLY H 70 32.55 4.38 25.10
C GLY H 70 31.32 5.26 25.05
N ASP H 71 30.89 5.83 26.18
CA ASP H 71 29.71 6.69 26.22
C ASP H 71 30.06 8.17 26.37
N GLY H 72 31.31 8.50 26.71
CA GLY H 72 31.70 9.89 26.87
C GLY H 72 31.36 10.43 28.25
N ALA H 73 31.62 11.72 28.42
CA ALA H 73 31.37 12.41 29.67
C ALA H 73 30.71 13.75 29.40
N PHE H 74 29.93 14.20 30.38
CA PHE H 74 29.24 15.48 30.31
C PHE H 74 29.68 16.34 31.47
N TYR H 75 29.74 17.65 31.26
CA TYR H 75 30.26 18.58 32.26
C TYR H 75 29.34 19.80 32.36
N ALA H 76 29.42 20.48 33.50
CA ALA H 76 28.62 21.67 33.73
C ALA H 76 29.28 22.90 33.11
N ASP H 77 28.48 23.95 32.94
CA ASP H 77 28.97 25.17 32.30
C ASP H 77 30.16 25.75 33.05
N SER H 78 30.03 25.90 34.37
CA SER H 78 31.11 26.49 35.16
C SER H 78 32.36 25.60 35.13
N VAL H 79 32.17 24.29 35.21
CA VAL H 79 33.30 23.35 35.30
C VAL H 79 33.79 22.88 33.94
N GLN H 80 32.95 22.93 32.90
CA GLN H 80 33.36 22.43 31.60
C GLN H 80 34.44 23.31 30.99
N GLY H 81 35.32 22.70 30.21
CA GLY H 81 36.45 23.38 29.60
C GLY H 81 37.65 23.44 30.53
N ARG H 82 37.38 23.54 31.83
CA ARG H 82 38.43 23.59 32.84
C ARG H 82 38.63 22.23 33.51
N PHE H 83 37.55 21.58 33.91
CA PHE H 83 37.63 20.29 34.58
C PHE H 83 37.76 19.17 33.55
N THR H 84 38.23 18.01 34.02
CA THR H 84 38.39 16.83 33.17
C THR H 84 38.22 15.59 34.03
N VAL H 85 37.57 14.57 33.47
CA VAL H 85 37.19 13.37 34.19
C VAL H 85 37.82 12.17 33.52
N SER H 86 38.10 11.14 34.33
CA SER H 86 38.65 9.88 33.83
C SER H 86 38.41 8.80 34.86
N ARG H 87 37.87 7.66 34.41
CA ARG H 87 37.60 6.53 35.27
C ARG H 87 38.74 5.51 35.19
N ASP H 88 38.83 4.67 36.22
CA ASP H 88 39.83 3.61 36.30
C ASP H 88 39.12 2.36 36.84
N ASP H 89 38.59 1.56 35.92
CA ASP H 89 37.83 0.37 36.33
C ASP H 89 38.73 -0.64 37.04
N ALA H 90 39.97 -0.81 36.55
CA ALA H 90 40.85 -1.80 37.16
C ALA H 90 41.07 -1.53 38.63
N LYS H 91 41.32 -0.27 38.99
CA LYS H 91 41.51 0.13 40.38
C LYS H 91 40.22 0.62 41.03
N ASN H 92 39.08 0.52 40.32
CA ASN H 92 37.78 0.97 40.83
C ASN H 92 37.89 2.31 41.55
N THR H 93 38.49 3.27 40.85
CA THR H 93 38.66 4.62 41.37
C THR H 93 38.50 5.62 40.24
N VAL H 94 37.88 6.76 40.55
CA VAL H 94 37.63 7.82 39.58
C VAL H 94 38.49 9.02 39.94
N TYR H 95 38.96 9.74 38.92
CA TYR H 95 39.82 10.90 39.09
C TYR H 95 39.22 12.09 38.37
N LEU H 96 39.31 13.26 39.00
CA LEU H 96 38.90 14.52 38.39
C LEU H 96 40.13 15.40 38.28
N GLN H 97 40.50 15.77 37.06
CA GLN H 97 41.64 16.64 36.82
C GLN H 97 41.13 18.08 36.65
N MET H 98 41.46 18.92 37.62
CA MET H 98 41.01 20.31 37.64
C MET H 98 42.08 21.21 37.04
N ASN H 99 41.67 22.04 36.08
CA ASN H 99 42.55 23.01 35.45
C ASN H 99 41.99 24.41 35.66
N SER H 100 42.88 25.36 35.97
CA SER H 100 42.50 26.77 36.10
C SER H 100 41.41 26.95 37.14
N LEU H 101 41.73 26.57 38.38
CA LEU H 101 40.78 26.73 39.47
C LEU H 101 40.50 28.20 39.74
N LYS H 102 39.32 28.48 40.26
CA LYS H 102 38.85 29.83 40.52
C LYS H 102 38.32 29.93 41.94
N PRO H 103 38.28 31.13 42.51
CA PRO H 103 37.72 31.27 43.87
C PRO H 103 36.28 30.80 43.99
N GLU H 104 35.50 30.91 42.92
CA GLU H 104 34.10 30.49 42.97
C GLU H 104 33.95 28.99 43.09
N ASP H 105 35.02 28.23 42.88
CA ASP H 105 34.97 26.77 43.00
C ASP H 105 35.10 26.29 44.44
N THR H 106 35.33 27.18 45.39
CA THR H 106 35.46 26.80 46.79
C THR H 106 34.19 26.11 47.28
N ALA H 107 34.30 24.84 47.64
CA ALA H 107 33.16 24.05 48.07
C ALA H 107 33.67 22.67 48.47
N VAL H 108 32.77 21.87 49.04
CA VAL H 108 33.07 20.47 49.37
C VAL H 108 32.60 19.61 48.21
N TYR H 109 33.55 19.14 47.40
CA TYR H 109 33.24 18.29 46.25
C TYR H 109 32.79 16.92 46.77
N TYR H 110 31.54 16.57 46.46
CA TYR H 110 30.85 15.41 47.04
C TYR H 110 30.62 14.40 45.93
N CYS H 111 31.23 13.22 46.07
CA CYS H 111 31.08 12.16 45.09
C CYS H 111 29.70 11.53 45.19
N ALA H 112 29.27 10.89 44.09
CA ALA H 112 28.00 10.18 44.06
C ALA H 112 28.10 9.05 43.05
N ILE H 113 27.21 8.08 43.19
CA ILE H 113 27.16 6.91 42.31
C ILE H 113 25.72 6.71 41.87
N ASP H 114 25.54 6.34 40.61
CA ASP H 114 24.23 6.12 40.02
C ASP H 114 23.92 4.62 40.02
N SER H 115 22.83 4.23 40.69
CA SER H 115 22.47 2.82 40.75
C SER H 115 21.88 2.33 39.44
N ASP H 116 21.00 3.12 38.83
CA ASP H 116 20.30 2.65 37.63
C ASP H 116 21.27 2.43 36.49
N THR H 117 21.14 1.28 35.83
CA THR H 117 22.00 0.95 34.70
C THR H 117 21.65 1.73 33.44
N PHE H 118 20.42 2.22 33.33
CA PHE H 118 19.99 2.97 32.16
C PHE H 118 20.33 4.45 32.24
N TYR H 119 21.15 4.85 33.21
CA TYR H 119 21.55 6.25 33.38
C TYR H 119 20.34 7.14 33.67
N SER H 120 19.50 6.71 34.61
CA SER H 120 18.32 7.46 35.00
C SER H 120 18.57 8.42 36.15
N GLY H 121 19.82 8.53 36.62
CA GLY H 121 20.14 9.47 37.68
C GLY H 121 19.71 9.05 39.06
N SER H 122 19.41 7.76 39.26
CA SER H 122 18.97 7.27 40.56
C SER H 122 20.19 7.07 41.44
N TYR H 123 20.45 8.05 42.31
CA TYR H 123 21.58 8.01 43.23
C TYR H 123 21.13 7.43 44.56
N ASP H 124 21.83 6.40 45.03
CA ASP H 124 21.49 5.74 46.29
C ASP H 124 22.64 5.66 47.29
N TYR H 125 23.90 5.73 46.85
CA TYR H 125 25.04 5.64 47.75
C TYR H 125 25.98 6.81 47.52
N TRP H 126 26.61 7.27 48.60
CA TRP H 126 27.41 8.47 48.57
C TRP H 126 28.58 8.37 49.54
N GLY H 127 29.47 9.36 49.45
CA GLY H 127 30.67 9.41 50.26
C GLY H 127 30.59 10.46 51.35
N GLN H 128 31.75 10.68 51.99
CA GLN H 128 31.87 11.63 53.09
C GLN H 128 32.05 13.07 52.61
N GLY H 129 32.80 13.28 51.53
CA GLY H 129 33.07 14.62 51.04
C GLY H 129 34.47 15.10 51.44
N THR H 130 34.94 16.10 50.70
CA THR H 130 36.25 16.68 50.94
C THR H 130 36.20 18.17 50.70
N GLN H 131 36.85 18.93 51.58
CA GLN H 131 36.84 20.38 51.52
C GLN H 131 37.83 20.87 50.47
N VAL H 132 37.36 21.72 49.56
CA VAL H 132 38.20 22.33 48.55
C VAL H 132 37.92 23.83 48.53
N THR H 133 38.99 24.63 48.65
CA THR H 133 38.89 26.08 48.65
C THR H 133 39.96 26.65 47.73
N VAL H 134 39.61 27.73 47.04
CA VAL H 134 40.51 28.40 46.11
C VAL H 134 40.67 29.85 46.56
N SER H 135 41.92 30.27 46.80
CA SER H 135 42.19 31.63 47.24
C SER H 135 43.69 31.87 47.10
N SER H 136 44.05 33.00 46.49
CA SER H 136 45.45 33.34 46.28
C SER H 136 46.11 33.81 47.57
C1 NAG I . 10.42 -30.97 -14.61
C2 NAG I . 9.70 -32.08 -15.40
C3 NAG I . 9.83 -33.43 -14.69
C4 NAG I . 11.29 -33.74 -14.43
C5 NAG I . 11.88 -32.61 -13.59
C6 NAG I . 13.35 -32.80 -13.28
C7 NAG I . 7.38 -31.71 -14.63
C8 NAG I . 5.98 -31.40 -15.10
N2 NAG I . 8.30 -31.79 -15.60
O3 NAG I . 9.21 -34.41 -15.49
O4 NAG I . 11.34 -34.98 -13.75
O5 NAG I . 11.73 -31.39 -14.27
O6 NAG I . 14.07 -32.93 -14.49
O7 NAG I . 7.62 -31.88 -13.44
C1 NAG J . 15.17 11.10 -30.57
C2 NAG J . 14.20 12.27 -30.77
C3 NAG J . 14.92 13.61 -30.71
C4 NAG J . 15.62 13.64 -29.36
C5 NAG J . 16.77 12.65 -29.41
C6 NAG J . 17.43 12.44 -28.07
C7 NAG J . 12.16 12.08 -32.14
C8 NAG J . 11.67 11.94 -33.56
N2 NAG J . 13.50 12.14 -32.01
O3 NAG J . 14.00 14.64 -30.87
O4 NAG J . 16.06 14.97 -29.14
O5 NAG J . 16.39 11.37 -29.88
O6 NAG J . 17.72 11.08 -27.89
O7 NAG J . 11.40 12.11 -31.19
#